data_8E24
#
_entry.id   8E24
#
_cell.length_a   263.739
_cell.length_b   66.287
_cell.length_c   156.662
_cell.angle_alpha   90.000
_cell.angle_beta   126.140
_cell.angle_gamma   90.000
#
_symmetry.space_group_name_H-M   'C 1 2 1'
#
loop_
_entity.id
_entity.type
_entity.pdbx_description
1 polymer 'DNA polymerase theta'
2 polymer DNA
3 polymer DNA
4 non-polymer 'MAGNESIUM ION'
5 non-polymer "2'-3'-DIDEOXYGUANOSINE-5'-TRIPHOSPHATE"
6 non-polymer 2-[2,4-bis(trifluoromethyl)phenyl]-N-phenyl-N-[3-(pyridazin-3-yl)prop-2-yn-1-yl]acetamide
7 water water
#
loop_
_entity_poly.entity_id
_entity_poly.type
_entity_poly.pdbx_seq_one_letter_code
_entity_poly.pdbx_strand_id
1 'polypeptide(L)'
;GASSSSESLSIIDVASDQNLFQTFIKEWRCKKRFSISLACEKIRSLTSSKTGFPIKGCDDTLVVGLAVCWGGRDAYYFSL
QKESLDPSLTLKDRMWYLQSCLRKESDKECSVVIYDFIQSYKILLLSCGISLEQSYEDPKVACWLLDPDSQEPTLHSIVT
SFLPHELPLLEGMETSQGIQSLGLNAGSEHSGRYRASVESILIFNSMNQLNSLLQKENLQDVFRKVEMPSQYCLALLELN
GIGFSTAECESQKHIMQAKLDAIETQAYQLAGHSFSFTSSDDIAEVLFLELKLPPNRELGRQFSTSKDVLNKLKALHPLP
GLILEWRRITNAITKVVFPLQREKCLNPFLGMERIYPVSQSHTATGRITFTEPNIQNVPRDFEIKMPTLADRGMPFSISM
RHAFVPFPGGSILAADYSQLELRILAHLSHDRRLIQVLNTGADVFRSIAAEWKMIEPESVGDDLRQQAKQICYGIIYGMG
AKSLGEQMGIKENDAACYIDSFKSRYTGINQFMTETVKNCKRDGFVQTILGRRRYLPGIKDNNPYRKAHAERQAINTIVQ
GSAADIVKIATVNIQKQLETFHSTFKSHGHREGMLQSDQTGGMFCPIRGGFFILQLHDELLYEVAEEDVVQVAQIVKNEM
ESAVKLSVKLKVKVKIGASWGELKDFDV
;
A,D
2 'polydeoxyribonucleotide' (DC)(DG)(DT)(DC)(DC)(DA)(DA)(DT)(DG)(DA)(DC)(DA)(DG)(DC)(DC)(DG)(DC) B,E
3 'polydeoxyribonucleotide' (DG)(DC)(DG)(DG)(DC)(DT)(DG)(DT)(DC)(DA)(DT)(DT)(DG) C,F
#
# COMPACT_ATOMS: atom_id res chain seq x y z
N GLU A 7 55.40 23.68 -36.06
CA GLU A 7 54.73 22.82 -35.09
C GLU A 7 54.75 23.47 -33.70
N SER A 8 54.54 24.78 -33.66
CA SER A 8 54.53 25.53 -32.42
C SER A 8 53.09 25.77 -31.96
N LEU A 9 52.95 26.33 -30.76
CA LEU A 9 51.64 26.62 -30.20
C LEU A 9 50.91 27.66 -31.04
N SER A 10 49.78 27.27 -31.62
CA SER A 10 48.98 28.15 -32.45
C SER A 10 47.56 28.22 -31.89
N ILE A 11 47.08 29.43 -31.62
CA ILE A 11 45.73 29.65 -31.15
C ILE A 11 44.93 30.24 -32.31
N ILE A 12 43.86 29.56 -32.69
CA ILE A 12 43.01 29.97 -33.81
C ILE A 12 41.69 30.45 -33.22
N ASP A 13 41.52 31.77 -33.15
CA ASP A 13 40.29 32.36 -32.63
C ASP A 13 39.19 32.14 -33.66
N VAL A 14 38.32 31.15 -33.39
CA VAL A 14 37.34 30.74 -34.38
C VAL A 14 36.13 31.66 -34.43
N ALA A 15 35.89 32.46 -33.39
CA ALA A 15 34.75 33.37 -33.37
C ALA A 15 35.07 34.73 -33.97
N SER A 16 36.17 34.84 -34.73
CA SER A 16 36.54 36.08 -35.37
C SER A 16 36.00 36.22 -36.78
N ASP A 17 35.73 35.11 -37.46
CA ASP A 17 35.22 35.13 -38.82
C ASP A 17 34.12 34.08 -38.97
N GLN A 18 33.02 34.47 -39.61
CA GLN A 18 31.94 33.52 -39.85
C GLN A 18 32.41 32.35 -40.70
N ASN A 19 33.25 32.63 -41.70
CA ASN A 19 33.79 31.56 -42.54
C ASN A 19 34.71 30.66 -41.73
N LEU A 20 35.59 31.25 -40.92
CA LEU A 20 36.48 30.46 -40.07
C LEU A 20 35.68 29.69 -39.02
N PHE A 21 34.60 30.28 -38.52
CA PHE A 21 33.78 29.61 -37.52
C PHE A 21 33.10 28.38 -38.09
N GLN A 22 32.47 28.53 -39.27
CA GLN A 22 31.79 27.39 -39.88
C GLN A 22 32.77 26.29 -40.26
N THR A 23 34.00 26.66 -40.62
CA THR A 23 35.03 25.64 -40.85
C THR A 23 35.33 24.91 -39.55
N PHE A 24 35.42 25.64 -38.44
CA PHE A 24 35.70 25.00 -37.15
C PHE A 24 34.56 24.08 -36.74
N ILE A 25 33.31 24.53 -36.90
CA ILE A 25 32.18 23.68 -36.55
C ILE A 25 32.13 22.45 -37.45
N LYS A 26 32.56 22.59 -38.71
CA LYS A 26 32.55 21.45 -39.62
C LYS A 26 33.54 20.39 -39.17
N GLU A 27 34.75 20.81 -38.80
CA GLU A 27 35.76 19.84 -38.34
C GLU A 27 35.42 19.28 -36.97
N TRP A 28 34.88 20.12 -36.08
CA TRP A 28 34.61 19.67 -34.72
C TRP A 28 33.54 18.59 -34.70
N ARG A 29 32.55 18.68 -35.60
CA ARG A 29 31.43 17.76 -35.58
C ARG A 29 31.78 16.36 -36.06
N CYS A 30 32.95 16.16 -36.66
CA CYS A 30 33.39 14.82 -37.06
C CYS A 30 34.54 14.31 -36.19
N LYS A 31 34.89 15.02 -35.12
CA LYS A 31 35.88 14.54 -34.17
C LYS A 31 35.20 13.68 -33.13
N LYS A 32 35.69 12.45 -32.96
CA LYS A 32 35.19 11.55 -31.92
C LYS A 32 35.98 11.67 -30.63
N ARG A 33 37.07 12.45 -30.62
CA ARG A 33 37.86 12.69 -29.43
C ARG A 33 38.37 14.11 -29.48
N PHE A 34 38.10 14.88 -28.42
CA PHE A 34 38.68 16.22 -28.31
C PHE A 34 38.80 16.57 -26.84
N SER A 35 39.56 17.63 -26.56
CA SER A 35 39.73 18.16 -25.23
C SER A 35 39.18 19.59 -25.20
N ILE A 36 38.65 19.98 -24.04
CA ILE A 36 38.18 21.35 -23.83
C ILE A 36 38.72 21.85 -22.49
N SER A 37 38.96 23.15 -22.42
CA SER A 37 39.40 23.81 -21.20
C SER A 37 38.68 25.14 -21.08
N LEU A 38 37.98 25.35 -19.97
CA LEU A 38 37.24 26.59 -19.77
C LEU A 38 38.21 27.74 -19.49
N ALA A 39 38.01 28.85 -20.20
CA ALA A 39 38.83 30.04 -20.01
C ALA A 39 38.13 30.94 -18.99
N CYS A 40 38.60 30.90 -17.75
CA CYS A 40 38.10 31.75 -16.69
C CYS A 40 39.12 32.83 -16.40
N GLU A 41 38.64 34.06 -16.18
CA GLU A 41 39.50 35.21 -16.00
C GLU A 41 38.89 36.15 -14.97
N LYS A 42 39.74 36.76 -14.16
CA LYS A 42 39.29 37.71 -13.15
C LYS A 42 39.37 39.14 -13.69
N ILE A 43 38.44 39.97 -13.24
CA ILE A 43 38.41 41.39 -13.62
C ILE A 43 39.52 42.09 -12.85
N ARG A 44 40.68 42.26 -13.48
CA ARG A 44 41.84 42.85 -12.84
C ARG A 44 42.05 44.32 -13.17
N SER A 45 41.50 44.79 -14.30
CA SER A 45 41.55 46.20 -14.65
C SER A 45 40.34 46.51 -15.51
N LEU A 46 39.68 47.63 -15.22
CA LEU A 46 38.45 47.96 -15.94
C LEU A 46 38.71 48.16 -17.43
N THR A 47 39.92 48.55 -17.80
CA THR A 47 40.24 48.75 -19.20
C THR A 47 40.36 47.42 -19.95
N SER A 48 40.86 46.38 -19.28
CA SER A 48 41.01 45.07 -19.89
C SER A 48 39.91 44.09 -19.50
N SER A 49 38.90 44.56 -18.76
CA SER A 49 37.83 43.67 -18.32
C SER A 49 37.05 43.15 -19.51
N LYS A 50 36.92 41.83 -19.59
CA LYS A 50 36.23 41.18 -20.70
C LYS A 50 34.84 40.77 -20.28
N THR A 51 33.89 40.90 -21.21
CA THR A 51 32.54 40.43 -20.95
C THR A 51 32.51 38.90 -20.95
N GLY A 52 31.49 38.35 -20.31
CA GLY A 52 31.35 36.91 -20.23
C GLY A 52 30.28 36.52 -19.24
N PHE A 53 30.18 35.21 -19.00
CA PHE A 53 29.19 34.67 -18.09
C PHE A 53 29.76 34.64 -16.67
N PRO A 54 29.09 35.25 -15.70
CA PRO A 54 29.62 35.23 -14.33
C PRO A 54 29.59 33.84 -13.73
N ILE A 55 30.46 33.64 -12.74
CA ILE A 55 30.63 32.35 -12.07
C ILE A 55 30.01 32.46 -10.68
N LYS A 56 29.20 31.46 -10.32
CA LYS A 56 28.61 31.43 -8.98
C LYS A 56 29.70 31.28 -7.93
N GLY A 57 29.50 31.95 -6.80
CA GLY A 57 30.46 31.90 -5.70
C GLY A 57 31.74 32.66 -5.93
N CYS A 58 31.91 33.32 -7.07
CA CYS A 58 33.10 34.10 -7.37
C CYS A 58 32.70 35.49 -7.82
N ASP A 59 33.26 36.50 -7.19
CA ASP A 59 33.06 37.88 -7.58
C ASP A 59 34.22 38.33 -8.47
N ASP A 60 33.89 39.10 -9.51
CA ASP A 60 34.83 39.62 -10.49
C ASP A 60 35.47 38.53 -11.35
N THR A 61 35.01 37.29 -11.23
CA THR A 61 35.51 36.19 -12.06
C THR A 61 34.43 35.80 -13.06
N LEU A 62 34.79 35.75 -14.34
CA LEU A 62 33.86 35.44 -15.42
C LEU A 62 34.46 34.36 -16.31
N VAL A 63 33.59 33.71 -17.07
CA VAL A 63 33.98 32.73 -18.08
C VAL A 63 34.05 33.48 -19.41
N VAL A 64 35.26 33.76 -19.87
CA VAL A 64 35.43 34.56 -21.09
C VAL A 64 35.38 33.71 -22.35
N GLY A 65 35.78 32.45 -22.28
CA GLY A 65 35.81 31.63 -23.47
C GLY A 65 36.04 30.17 -23.16
N LEU A 66 36.53 29.46 -24.18
CA LEU A 66 36.71 28.01 -24.11
C LEU A 66 37.65 27.60 -25.23
N ALA A 67 38.63 26.76 -24.91
CA ALA A 67 39.59 26.26 -25.89
C ALA A 67 39.28 24.79 -26.20
N VAL A 68 39.47 24.42 -27.47
CA VAL A 68 39.23 23.06 -27.95
C VAL A 68 40.46 22.58 -28.70
N CYS A 69 40.90 21.36 -28.40
CA CYS A 69 42.05 20.76 -29.08
C CYS A 69 41.73 19.31 -29.42
N TRP A 70 42.02 18.92 -30.66
CA TRP A 70 41.82 17.54 -31.09
C TRP A 70 43.06 16.96 -31.76
N GLY A 71 44.23 17.53 -31.49
CA GLY A 71 45.46 17.00 -32.06
C GLY A 71 46.55 18.04 -32.24
N GLY A 72 47.80 17.64 -31.99
CA GLY A 72 48.93 18.54 -32.19
C GLY A 72 48.97 19.66 -31.15
N ARG A 73 49.59 20.76 -31.55
CA ARG A 73 49.68 21.96 -30.72
C ARG A 73 48.80 23.09 -31.25
N ASP A 74 47.70 22.74 -31.91
CA ASP A 74 46.74 23.71 -32.42
C ASP A 74 45.55 23.75 -31.48
N ALA A 75 45.38 24.89 -30.81
CA ALA A 75 44.25 25.12 -29.92
C ALA A 75 43.28 26.08 -30.58
N TYR A 76 42.00 25.71 -30.60
CA TYR A 76 40.95 26.54 -31.16
C TYR A 76 40.20 27.22 -30.02
N TYR A 77 40.30 28.54 -29.96
CA TYR A 77 39.70 29.31 -28.87
C TYR A 77 38.31 29.80 -29.28
N PHE A 78 37.34 29.54 -28.41
CA PHE A 78 35.92 29.84 -28.65
C PHE A 78 35.52 30.94 -27.69
N SER A 79 35.41 32.17 -28.20
CA SER A 79 35.12 33.31 -27.36
C SER A 79 33.65 33.34 -26.96
N LEU A 80 33.39 33.46 -25.65
CA LEU A 80 32.04 33.56 -25.11
C LEU A 80 31.70 34.99 -24.69
N GLN A 81 32.37 35.97 -25.28
CA GLN A 81 32.09 37.36 -24.96
C GLN A 81 30.88 37.85 -25.73
N LYS A 82 30.27 38.93 -25.23
CA LYS A 82 28.99 39.39 -25.75
C LYS A 82 29.09 39.94 -27.18
N GLU A 83 30.28 40.30 -27.63
CA GLU A 83 30.45 40.81 -28.98
C GLU A 83 31.72 40.20 -29.59
N SER A 84 31.62 39.82 -30.86
CA SER A 84 32.72 39.20 -31.59
C SER A 84 33.24 40.14 -32.67
N LEU A 85 34.38 39.78 -33.24
CA LEU A 85 34.94 40.56 -34.34
C LEU A 85 34.01 40.59 -35.54
N ASP A 86 33.22 39.53 -35.73
CA ASP A 86 32.20 39.48 -36.77
C ASP A 86 30.83 39.58 -36.10
N PRO A 87 30.17 40.75 -36.14
CA PRO A 87 28.88 40.88 -35.46
C PRO A 87 27.78 40.01 -36.04
N SER A 88 27.95 39.47 -37.25
CA SER A 88 26.97 38.55 -37.79
C SER A 88 26.90 37.26 -36.99
N LEU A 89 27.96 36.93 -36.26
CA LEU A 89 28.01 35.73 -35.43
C LEU A 89 27.68 36.14 -33.99
N THR A 90 26.38 36.23 -33.71
CA THR A 90 25.92 36.68 -32.41
C THR A 90 26.30 35.66 -31.33
N LEU A 91 26.30 36.13 -30.08
CA LEU A 91 26.58 35.24 -28.96
C LEU A 91 25.57 34.11 -28.90
N LYS A 92 24.29 34.41 -29.19
CA LYS A 92 23.27 33.36 -29.18
C LYS A 92 23.55 32.31 -30.26
N ASP A 93 24.03 32.74 -31.42
CA ASP A 93 24.44 31.79 -32.44
C ASP A 93 25.58 30.91 -31.96
N ARG A 94 26.55 31.51 -31.27
CA ARG A 94 27.71 30.75 -30.80
C ARG A 94 27.31 29.74 -29.73
N MET A 95 26.46 30.15 -28.78
CA MET A 95 26.02 29.23 -27.74
C MET A 95 25.19 28.09 -28.33
N TRP A 96 24.51 28.33 -29.45
CA TRP A 96 23.79 27.24 -30.12
C TRP A 96 24.75 26.19 -30.65
N TYR A 97 25.76 26.62 -31.42
CA TYR A 97 26.72 25.67 -31.96
C TYR A 97 27.54 25.02 -30.86
N LEU A 98 27.84 25.77 -29.80
CA LEU A 98 28.56 25.20 -28.67
C LEU A 98 27.78 24.07 -28.04
N GLN A 99 26.48 24.26 -27.82
CA GLN A 99 25.65 23.21 -27.27
C GLN A 99 25.46 22.06 -28.26
N SER A 100 25.32 22.39 -29.54
CA SER A 100 25.13 21.35 -30.56
C SER A 100 26.32 20.40 -30.61
N CYS A 101 27.53 20.93 -30.43
CA CYS A 101 28.72 20.09 -30.53
C CYS A 101 29.04 19.36 -29.24
N LEU A 102 28.64 19.91 -28.09
CA LEU A 102 28.86 19.27 -26.80
C LEU A 102 27.74 18.32 -26.42
N ARG A 103 26.84 18.02 -27.35
CA ARG A 103 25.73 17.09 -27.13
C ARG A 103 25.73 16.08 -28.27
N LYS A 104 25.61 14.80 -27.93
CA LYS A 104 25.71 13.72 -28.90
C LYS A 104 24.37 13.04 -29.08
N GLU A 105 24.26 12.28 -30.18
CA GLU A 105 23.10 11.45 -30.45
C GLU A 105 23.33 10.05 -29.88
N SER A 106 22.35 9.16 -30.07
CA SER A 106 22.44 7.83 -29.48
C SER A 106 23.52 7.00 -30.17
N ASP A 107 23.43 6.86 -31.49
CA ASP A 107 24.39 6.01 -32.20
C ASP A 107 25.77 6.64 -32.26
N LYS A 108 25.85 7.96 -32.25
CA LYS A 108 27.14 8.65 -32.31
C LYS A 108 27.96 8.36 -31.06
N GLU A 109 29.27 8.21 -31.24
CA GLU A 109 30.20 7.93 -30.16
C GLU A 109 31.28 9.00 -30.16
N CYS A 110 31.48 9.64 -29.00
CA CYS A 110 32.39 10.77 -28.90
C CYS A 110 32.78 10.97 -27.44
N SER A 111 34.08 11.20 -27.22
CA SER A 111 34.63 11.37 -25.87
C SER A 111 35.32 12.73 -25.77
N VAL A 112 35.08 13.42 -24.65
CA VAL A 112 35.64 14.74 -24.41
C VAL A 112 36.55 14.66 -23.19
N VAL A 113 37.78 15.15 -23.35
CA VAL A 113 38.81 15.07 -22.31
C VAL A 113 38.87 16.41 -21.58
N ILE A 114 38.60 16.40 -20.28
CA ILE A 114 38.56 17.61 -19.48
C ILE A 114 39.32 17.38 -18.19
N TYR A 115 40.23 18.31 -17.85
CA TYR A 115 40.89 18.29 -16.55
C TYR A 115 39.94 18.87 -15.51
N ASP A 116 39.78 18.15 -14.39
CA ASP A 116 38.82 18.51 -13.35
C ASP A 116 37.41 18.61 -13.95
N PHE A 117 36.93 17.47 -14.42
CA PHE A 117 35.68 17.43 -15.19
C PHE A 117 34.49 17.91 -14.36
N ILE A 118 34.41 17.49 -13.09
CA ILE A 118 33.26 17.81 -12.27
C ILE A 118 33.08 19.32 -12.14
N GLN A 119 34.17 20.03 -11.85
CA GLN A 119 34.08 21.48 -11.72
C GLN A 119 33.75 22.13 -13.04
N SER A 120 34.34 21.64 -14.15
CA SER A 120 34.05 22.20 -15.46
C SER A 120 32.59 21.93 -15.85
N TYR A 121 32.10 20.72 -15.56
CA TYR A 121 30.71 20.40 -15.87
C TYR A 121 29.75 21.35 -15.16
N LYS A 122 30.06 21.72 -13.92
CA LYS A 122 29.18 22.59 -13.15
C LYS A 122 29.22 24.02 -13.67
N ILE A 123 30.41 24.50 -14.06
CA ILE A 123 30.53 25.87 -14.55
C ILE A 123 29.80 26.04 -15.86
N LEU A 124 30.00 25.10 -16.81
CA LEU A 124 29.32 25.16 -18.09
C LEU A 124 27.81 25.19 -17.91
N LEU A 125 27.30 24.47 -16.91
CA LEU A 125 25.85 24.40 -16.71
C LEU A 125 25.32 25.63 -15.99
N LEU A 126 25.93 25.99 -14.85
CA LEU A 126 25.39 27.06 -14.03
C LEU A 126 25.72 28.44 -14.58
N SER A 127 26.83 28.58 -15.30
CA SER A 127 27.25 29.88 -15.83
C SER A 127 26.87 30.03 -17.30
N CYS A 128 27.34 29.13 -18.16
CA CYS A 128 27.09 29.22 -19.59
C CYS A 128 25.78 28.56 -20.01
N GLY A 129 25.14 27.81 -19.13
CA GLY A 129 23.90 27.13 -19.49
C GLY A 129 24.07 26.00 -20.48
N ILE A 130 25.20 25.28 -20.41
CA ILE A 130 25.51 24.19 -21.33
C ILE A 130 25.60 22.91 -20.52
N SER A 131 24.81 21.91 -20.90
CA SER A 131 24.84 20.60 -20.26
C SER A 131 25.56 19.62 -21.17
N LEU A 132 26.71 19.14 -20.74
CA LEU A 132 27.49 18.20 -21.54
C LEU A 132 26.76 16.86 -21.65
N GLU A 133 26.73 16.32 -22.87
CA GLU A 133 26.10 15.03 -23.15
C GLU A 133 27.06 14.17 -23.97
N GLN A 134 28.23 13.88 -23.38
CA GLN A 134 29.27 13.12 -24.06
C GLN A 134 29.83 12.09 -23.09
N SER A 135 30.78 11.31 -23.59
CA SER A 135 31.60 10.45 -22.74
C SER A 135 32.77 11.25 -22.21
N TYR A 136 33.05 11.11 -20.92
CA TYR A 136 33.99 11.98 -20.22
C TYR A 136 35.27 11.23 -19.87
N GLU A 137 36.39 11.93 -19.97
CA GLU A 137 37.69 11.42 -19.57
C GLU A 137 38.41 12.54 -18.81
N ASP A 138 38.84 12.24 -17.59
CA ASP A 138 39.54 13.21 -16.74
C ASP A 138 40.91 12.66 -16.40
N PRO A 139 42.00 13.33 -16.80
CA PRO A 139 43.34 12.81 -16.48
C PRO A 139 43.60 12.65 -14.99
N LYS A 140 42.94 13.45 -14.14
CA LYS A 140 43.10 13.28 -12.70
C LYS A 140 42.64 11.89 -12.25
N VAL A 141 41.57 11.37 -12.86
CA VAL A 141 41.08 10.05 -12.51
C VAL A 141 42.00 8.96 -13.03
N ALA A 142 42.55 9.16 -14.24
CA ALA A 142 43.47 8.18 -14.80
C ALA A 142 44.76 8.09 -13.98
N CYS A 143 45.24 9.23 -13.47
CA CYS A 143 46.41 9.21 -12.60
C CYS A 143 46.13 8.46 -11.30
N TRP A 144 44.89 8.56 -10.80
CA TRP A 144 44.55 7.89 -9.56
C TRP A 144 44.44 6.38 -9.75
N LEU A 145 43.93 5.94 -10.90
CA LEU A 145 43.79 4.50 -11.15
C LEU A 145 45.15 3.81 -11.23
N LEU A 146 46.19 4.52 -11.65
CA LEU A 146 47.52 3.94 -11.77
C LEU A 146 48.26 3.89 -10.44
N ASP A 147 47.77 4.59 -9.42
CA ASP A 147 48.38 4.66 -8.10
C ASP A 147 47.44 5.39 -7.15
N PRO A 148 46.52 4.69 -6.49
CA PRO A 148 45.55 5.38 -5.61
C PRO A 148 46.21 6.11 -4.44
N ASP A 149 47.42 5.73 -4.05
CA ASP A 149 48.14 6.38 -2.97
C ASP A 149 49.01 7.53 -3.45
N SER A 150 48.94 7.87 -4.74
CA SER A 150 49.71 8.98 -5.27
C SER A 150 49.17 10.30 -4.74
N GLN A 151 50.01 11.32 -4.77
CA GLN A 151 49.56 12.66 -4.42
C GLN A 151 48.58 13.15 -5.47
N GLU A 152 47.66 14.00 -5.04
CA GLU A 152 46.64 14.52 -5.95
C GLU A 152 47.32 15.19 -7.14
N PRO A 153 46.98 14.82 -8.37
CA PRO A 153 47.75 15.27 -9.53
C PRO A 153 47.52 16.74 -9.82
N THR A 154 48.56 17.39 -10.32
CA THR A 154 48.49 18.75 -10.84
C THR A 154 48.80 18.71 -12.32
N LEU A 155 48.46 19.81 -13.01
CA LEU A 155 48.78 19.91 -14.43
C LEU A 155 50.29 19.79 -14.66
N HIS A 156 51.08 20.37 -13.77
CA HIS A 156 52.54 20.29 -13.91
C HIS A 156 53.03 18.86 -13.74
N SER A 157 52.51 18.14 -12.75
CA SER A 157 52.95 16.77 -12.52
C SER A 157 52.58 15.86 -13.68
N ILE A 158 51.39 16.06 -14.25
CA ILE A 158 50.96 15.24 -15.38
C ILE A 158 51.88 15.47 -16.57
N VAL A 159 52.17 16.73 -16.89
CA VAL A 159 53.09 17.03 -17.97
C VAL A 159 54.50 16.56 -17.62
N THR A 160 54.88 16.64 -16.35
CA THR A 160 56.19 16.16 -15.94
C THR A 160 56.32 14.65 -16.15
N SER A 161 55.24 13.90 -15.94
CA SER A 161 55.31 12.45 -15.96
C SER A 161 54.82 11.83 -17.26
N PHE A 162 54.02 12.54 -18.07
CA PHE A 162 53.43 11.94 -19.25
C PHE A 162 53.65 12.74 -20.54
N LEU A 163 54.17 13.95 -20.46
CA LEU A 163 54.45 14.75 -21.65
C LEU A 163 55.61 15.70 -21.35
N PRO A 164 56.78 15.20 -20.97
CA PRO A 164 57.81 16.07 -20.38
C PRO A 164 58.42 17.06 -21.36
N HIS A 165 58.29 16.82 -22.67
CA HIS A 165 58.89 17.73 -23.63
C HIS A 165 58.19 19.09 -23.65
N GLU A 166 56.91 19.12 -23.28
CA GLU A 166 56.13 20.35 -23.28
C GLU A 166 56.21 21.10 -21.95
N LEU A 167 57.13 20.72 -21.07
CA LEU A 167 57.31 21.45 -19.81
C LEU A 167 57.66 22.92 -19.99
N PRO A 168 58.47 23.34 -20.98
CA PRO A 168 58.71 24.78 -21.16
C PRO A 168 57.46 25.58 -21.46
N LEU A 169 56.37 24.96 -21.93
CA LEU A 169 55.12 25.68 -22.11
C LEU A 169 54.56 26.17 -20.78
N LEU A 170 54.82 25.43 -19.70
CA LEU A 170 54.38 25.79 -18.36
C LEU A 170 55.46 26.52 -17.57
N GLU A 171 56.43 27.14 -18.24
CA GLU A 171 57.57 27.71 -17.55
C GLU A 171 57.17 28.88 -16.66
N GLY A 172 56.42 29.83 -17.21
CA GLY A 172 56.07 31.03 -16.47
C GLY A 172 54.79 30.96 -15.67
N MET A 173 53.99 29.92 -15.85
CA MET A 173 52.67 29.83 -15.22
C MET A 173 52.78 28.92 -14.00
N GLU A 174 52.89 29.53 -12.82
CA GLU A 174 53.03 28.77 -11.58
C GLU A 174 51.73 28.08 -11.18
N THR A 175 50.59 28.53 -11.71
CA THR A 175 49.32 27.90 -11.38
C THR A 175 49.21 26.49 -11.95
N SER A 176 50.08 26.10 -12.87
CA SER A 176 50.10 24.72 -13.36
C SER A 176 50.49 23.75 -12.26
N GLN A 177 51.20 24.22 -11.23
CA GLN A 177 51.59 23.40 -10.09
C GLN A 177 50.53 23.40 -8.99
N GLY A 178 49.33 23.87 -9.29
CA GLY A 178 48.22 23.80 -8.36
C GLY A 178 47.20 22.78 -8.83
N ILE A 179 46.47 22.22 -7.86
CA ILE A 179 45.49 21.17 -8.18
C ILE A 179 44.37 21.70 -9.07
N GLN A 180 44.11 23.01 -9.04
CA GLN A 180 43.06 23.57 -9.87
C GLN A 180 43.51 23.65 -11.33
N SER A 181 42.54 23.59 -12.23
CA SER A 181 42.83 23.65 -13.66
C SER A 181 43.49 24.98 -14.02
N LEU A 182 44.32 24.94 -15.07
CA LEU A 182 45.01 26.15 -15.51
C LEU A 182 44.02 27.19 -16.03
N GLY A 183 43.00 26.75 -16.78
CA GLY A 183 42.03 27.68 -17.31
C GLY A 183 41.03 28.17 -16.28
N LEU A 184 40.78 27.38 -15.24
CA LEU A 184 39.85 27.77 -14.19
C LEU A 184 40.49 28.69 -13.15
N ASN A 185 41.81 28.65 -13.02
CA ASN A 185 42.51 29.43 -12.01
C ASN A 185 42.68 30.85 -12.54
N ALA A 186 41.66 31.68 -12.31
CA ALA A 186 41.66 33.06 -12.79
C ALA A 186 42.62 33.96 -12.02
N GLY A 187 43.34 33.44 -11.02
CA GLY A 187 44.30 34.25 -10.31
C GLY A 187 45.57 34.53 -11.08
N SER A 188 45.86 33.73 -12.10
CA SER A 188 47.07 33.92 -12.88
C SER A 188 46.99 35.23 -13.67
N GLU A 189 48.13 35.93 -13.75
CA GLU A 189 48.20 37.14 -14.55
C GLU A 189 48.13 36.85 -16.05
N HIS A 190 48.27 35.59 -16.45
CA HIS A 190 48.11 35.22 -17.84
C HIS A 190 46.63 35.27 -18.24
N SER A 191 46.39 35.53 -19.52
CA SER A 191 45.03 35.59 -20.02
C SER A 191 44.37 34.21 -19.97
N GLY A 192 43.06 34.22 -19.74
CA GLY A 192 42.32 32.97 -19.79
C GLY A 192 42.35 32.32 -21.17
N ARG A 193 42.52 33.14 -22.21
CA ARG A 193 42.64 32.60 -23.56
C ARG A 193 43.93 31.79 -23.71
N TYR A 194 45.03 32.31 -23.17
CA TYR A 194 46.30 31.58 -23.26
C TYR A 194 46.30 30.36 -22.34
N ARG A 195 45.77 30.52 -21.13
CA ARG A 195 45.76 29.40 -20.18
C ARG A 195 44.93 28.25 -20.68
N ALA A 196 43.71 28.54 -21.16
CA ALA A 196 42.84 27.48 -21.66
C ALA A 196 43.43 26.82 -22.90
N SER A 197 44.02 27.61 -23.79
CA SER A 197 44.63 27.05 -24.99
C SER A 197 45.80 26.14 -24.65
N VAL A 198 46.66 26.57 -23.72
CA VAL A 198 47.77 25.73 -23.28
C VAL A 198 47.24 24.43 -22.68
N GLU A 199 46.23 24.54 -21.82
CA GLU A 199 45.72 23.35 -21.14
C GLU A 199 45.10 22.37 -22.12
N SER A 200 44.33 22.88 -23.09
CA SER A 200 43.70 22.01 -24.08
C SER A 200 44.73 21.13 -24.79
N ILE A 201 45.89 21.70 -25.10
CA ILE A 201 46.92 20.96 -25.82
C ILE A 201 47.58 19.95 -24.90
N LEU A 202 47.94 20.38 -23.69
CA LEU A 202 48.61 19.48 -22.76
C LEU A 202 47.69 18.36 -22.29
N ILE A 203 46.41 18.67 -22.09
CA ILE A 203 45.48 17.67 -21.57
C ILE A 203 45.13 16.64 -22.64
N PHE A 204 44.99 17.08 -23.89
CA PHE A 204 44.62 16.15 -24.95
C PHE A 204 45.73 15.14 -25.21
N ASN A 205 46.97 15.62 -25.35
CA ASN A 205 48.08 14.71 -25.67
C ASN A 205 48.46 13.86 -24.46
N SER A 206 48.36 14.42 -23.25
CA SER A 206 48.65 13.62 -22.07
C SER A 206 47.66 12.49 -21.90
N MET A 207 46.40 12.72 -22.28
CA MET A 207 45.39 11.68 -22.12
C MET A 207 45.63 10.49 -23.04
N ASN A 208 46.18 10.74 -24.24
CA ASN A 208 46.52 9.64 -25.12
C ASN A 208 47.59 8.74 -24.51
N GLN A 209 48.53 9.33 -23.78
CA GLN A 209 49.55 8.54 -23.09
C GLN A 209 48.93 7.80 -21.90
N LEU A 210 48.05 8.46 -21.16
CA LEU A 210 47.38 7.81 -20.04
C LEU A 210 46.49 6.67 -20.51
N ASN A 211 45.79 6.86 -21.64
CA ASN A 211 44.97 5.79 -22.18
C ASN A 211 45.80 4.59 -22.59
N SER A 212 47.03 4.82 -23.06
CA SER A 212 47.90 3.70 -23.42
C SER A 212 48.35 2.93 -22.19
N LEU A 213 48.69 3.64 -21.12
CA LEU A 213 49.09 2.96 -19.88
C LEU A 213 47.92 2.19 -19.29
N LEU A 214 46.72 2.78 -19.32
CA LEU A 214 45.54 2.10 -18.78
C LEU A 214 45.25 0.81 -19.53
N GLN A 215 45.45 0.81 -20.85
CA GLN A 215 45.28 -0.42 -21.62
C GLN A 215 46.28 -1.49 -21.19
N LYS A 216 47.55 -1.09 -20.99
CA LYS A 216 48.57 -2.04 -20.56
C LYS A 216 48.33 -2.54 -19.15
N GLU A 217 47.60 -1.79 -18.33
CA GLU A 217 47.26 -2.20 -16.97
C GLU A 217 45.85 -2.80 -16.90
N ASN A 218 45.17 -2.94 -18.05
CA ASN A 218 43.83 -3.52 -18.11
C ASN A 218 42.88 -2.79 -17.16
N LEU A 219 43.00 -1.46 -17.11
CA LEU A 219 42.15 -0.63 -16.28
C LEU A 219 41.36 0.39 -17.09
N GLN A 220 41.44 0.33 -18.42
CA GLN A 220 40.71 1.29 -19.24
C GLN A 220 39.21 1.04 -19.18
N ASP A 221 38.78 -0.22 -19.04
CA ASP A 221 37.36 -0.52 -18.91
C ASP A 221 36.81 -0.01 -17.59
N VAL A 222 37.57 -0.18 -16.51
CA VAL A 222 37.15 0.38 -15.22
C VAL A 222 37.10 1.91 -15.31
N PHE A 223 38.03 2.49 -16.07
CA PHE A 223 38.07 3.95 -16.21
C PHE A 223 36.85 4.47 -16.95
N ARG A 224 36.44 3.78 -18.01
CA ARG A 224 35.36 4.27 -18.87
C ARG A 224 33.98 3.83 -18.39
N LYS A 225 33.86 2.66 -17.76
CA LYS A 225 32.56 2.13 -17.39
C LYS A 225 32.20 2.32 -15.92
N VAL A 226 33.15 2.72 -15.07
CA VAL A 226 32.88 2.85 -13.65
C VAL A 226 33.36 4.19 -13.11
N GLU A 227 34.65 4.47 -13.25
CA GLU A 227 35.23 5.61 -12.54
C GLU A 227 34.76 6.94 -13.13
N MET A 228 34.86 7.10 -14.44
CA MET A 228 34.40 8.35 -15.06
C MET A 228 32.90 8.53 -14.93
N PRO A 229 32.05 7.53 -15.22
CA PRO A 229 30.62 7.71 -14.96
C PRO A 229 30.31 8.00 -13.50
N SER A 230 31.11 7.49 -12.56
CA SER A 230 30.94 7.84 -11.16
C SER A 230 31.23 9.31 -10.91
N GLN A 231 32.15 9.90 -11.68
CA GLN A 231 32.39 11.33 -11.59
C GLN A 231 31.18 12.12 -12.05
N TYR A 232 30.53 11.67 -13.14
CA TYR A 232 29.33 12.34 -13.61
C TYR A 232 28.22 12.27 -12.58
N CYS A 233 28.12 11.17 -11.84
CA CYS A 233 27.11 11.06 -10.81
C CYS A 233 27.39 12.01 -9.65
N LEU A 234 28.66 12.11 -9.25
CA LEU A 234 29.02 13.05 -8.19
C LEU A 234 28.83 14.49 -8.63
N ALA A 235 29.01 14.77 -9.93
CA ALA A 235 28.74 16.10 -10.45
C ALA A 235 27.29 16.48 -10.22
N LEU A 236 26.36 15.58 -10.56
CA LEU A 236 24.95 15.82 -10.28
C LEU A 236 24.71 15.98 -8.78
N LEU A 237 25.45 15.23 -7.95
CA LEU A 237 25.31 15.36 -6.51
C LEU A 237 25.75 16.74 -6.03
N GLU A 238 26.88 17.22 -6.53
CA GLU A 238 27.37 18.53 -6.13
C GLU A 238 26.43 19.65 -6.61
N LEU A 239 25.80 19.47 -7.77
CA LEU A 239 24.82 20.44 -8.23
C LEU A 239 23.55 20.37 -7.41
N ASN A 240 23.21 19.19 -6.90
CA ASN A 240 21.99 19.05 -6.11
C ASN A 240 22.15 19.62 -4.70
N GLY A 241 23.26 19.31 -4.04
CA GLY A 241 23.40 19.66 -2.64
C GLY A 241 22.45 18.87 -1.77
N ILE A 242 22.47 19.09 -0.47
CA ILE A 242 21.58 18.41 0.45
C ILE A 242 20.79 19.45 1.24
N GLY A 243 19.48 19.24 1.36
CA GLY A 243 18.65 20.20 2.07
C GLY A 243 19.09 20.34 3.52
N PHE A 244 18.94 21.56 4.04
CA PHE A 244 19.35 21.88 5.39
C PHE A 244 18.32 22.78 6.05
N SER A 245 18.00 22.48 7.31
CA SER A 245 16.97 23.20 8.07
C SER A 245 17.65 23.95 9.20
N THR A 246 17.88 25.26 8.99
CA THR A 246 18.52 26.09 10.00
C THR A 246 17.76 26.02 11.32
N ALA A 247 16.42 26.04 11.26
CA ALA A 247 15.63 26.04 12.47
C ALA A 247 15.85 24.76 13.28
N GLU A 248 15.91 23.61 12.61
CA GLU A 248 16.14 22.36 13.33
C GLU A 248 17.54 22.33 13.93
N CYS A 249 18.54 22.77 13.18
CA CYS A 249 19.91 22.75 13.69
C CYS A 249 20.08 23.69 14.87
N GLU A 250 19.45 24.86 14.82
CA GLU A 250 19.52 25.79 15.94
C GLU A 250 18.77 25.26 17.15
N SER A 251 17.65 24.56 16.91
CA SER A 251 16.92 23.95 18.00
C SER A 251 17.79 22.97 18.77
N GLN A 252 18.54 22.13 18.06
CA GLN A 252 19.44 21.19 18.71
C GLN A 252 20.58 21.90 19.42
N LYS A 253 21.10 22.97 18.81
CA LYS A 253 22.16 23.74 19.45
C LYS A 253 21.71 24.30 20.79
N HIS A 254 20.42 24.64 20.92
CA HIS A 254 19.91 25.20 22.16
C HIS A 254 19.73 24.12 23.23
N ILE A 255 19.14 22.98 22.87
CA ILE A 255 18.95 21.92 23.85
C ILE A 255 20.30 21.30 24.23
N MET A 256 21.24 21.24 23.29
CA MET A 256 22.57 20.72 23.60
C MET A 256 23.32 21.65 24.55
N GLN A 257 23.22 22.97 24.32
CA GLN A 257 23.87 23.91 25.22
C GLN A 257 23.23 23.90 26.61
N ALA A 258 21.94 23.59 26.68
CA ALA A 258 21.28 23.47 27.98
C ALA A 258 21.85 22.30 28.77
N LYS A 259 22.08 21.16 28.10
CA LYS A 259 22.70 20.02 28.76
C LYS A 259 24.11 20.35 29.23
N LEU A 260 24.88 21.06 28.38
CA LEU A 260 26.22 21.47 28.78
C LEU A 260 26.19 22.34 30.03
N ASP A 261 25.21 23.25 30.10
CA ASP A 261 25.07 24.07 31.30
C ASP A 261 24.69 23.20 32.50
N ALA A 262 23.87 22.18 32.29
CA ALA A 262 23.50 21.28 33.37
C ALA A 262 24.66 20.39 33.79
N ILE A 263 25.46 19.92 32.83
CA ILE A 263 26.63 19.11 33.14
C ILE A 263 27.63 19.92 33.94
N GLU A 264 27.89 21.16 33.48
CA GLU A 264 28.86 22.01 34.17
C GLU A 264 28.45 22.26 35.61
N THR A 265 27.17 22.60 35.84
CA THR A 265 26.68 22.79 37.19
C THR A 265 26.82 21.51 38.01
N GLN A 266 26.43 20.38 37.42
CA GLN A 266 26.53 19.10 38.12
C GLN A 266 27.98 18.73 38.37
N ALA A 267 28.88 19.10 37.46
CA ALA A 267 30.30 18.77 37.63
C ALA A 267 30.94 19.66 38.69
N TYR A 268 30.54 20.93 38.76
CA TYR A 268 31.12 21.83 39.75
C TYR A 268 30.72 21.41 41.16
N GLN A 269 29.53 20.82 41.33
CA GLN A 269 29.14 20.30 42.63
C GLN A 269 30.01 19.11 43.03
N LEU A 270 30.33 18.24 42.06
CA LEU A 270 31.15 17.06 42.36
C LEU A 270 32.58 17.45 42.72
N ALA A 271 33.07 18.56 42.18
CA ALA A 271 34.43 19.01 42.47
C ALA A 271 34.49 20.02 43.60
N GLY A 272 33.34 20.53 44.06
CA GLY A 272 33.31 21.54 45.10
C GLY A 272 33.63 22.94 44.65
N HIS A 273 34.03 23.13 43.39
CA HIS A 273 34.38 24.44 42.87
C HIS A 273 34.15 24.42 41.36
N SER A 274 34.31 25.58 40.73
CA SER A 274 34.17 25.70 39.29
C SER A 274 35.51 25.46 38.60
N PHE A 275 35.48 24.69 37.51
CA PHE A 275 36.66 24.42 36.72
C PHE A 275 36.32 24.52 35.24
N SER A 276 37.34 24.79 34.44
CA SER A 276 37.17 24.95 33.00
C SER A 276 37.37 23.61 32.31
N PHE A 277 36.35 23.17 31.57
CA PHE A 277 36.44 21.90 30.84
C PHE A 277 37.44 21.97 29.69
N THR A 278 37.74 23.18 29.19
CA THR A 278 38.71 23.30 28.11
C THR A 278 40.13 23.07 28.61
N SER A 279 40.45 23.60 29.80
CA SER A 279 41.79 23.48 30.35
C SER A 279 41.94 22.11 31.01
N SER A 280 42.78 21.26 30.42
CA SER A 280 43.07 19.96 31.02
C SER A 280 43.86 20.09 32.32
N ASP A 281 44.56 21.22 32.52
CA ASP A 281 45.23 21.45 33.79
C ASP A 281 44.22 21.55 34.93
N ASP A 282 43.13 22.28 34.71
CA ASP A 282 42.07 22.36 35.72
C ASP A 282 41.39 21.01 35.92
N ILE A 283 41.29 20.21 34.85
CA ILE A 283 40.72 18.88 34.98
C ILE A 283 41.69 17.95 35.68
N ALA A 284 42.99 18.09 35.41
CA ALA A 284 43.98 17.23 36.04
C ALA A 284 44.10 17.53 37.53
N GLU A 285 44.02 18.82 37.90
CA GLU A 285 44.10 19.18 39.31
C GLU A 285 42.94 18.59 40.10
N VAL A 286 41.72 18.65 39.54
CA VAL A 286 40.56 18.12 40.23
C VAL A 286 40.63 16.60 40.29
N LEU A 287 40.70 15.95 39.13
CA LEU A 287 40.52 14.50 39.06
C LEU A 287 41.61 13.74 39.82
N PHE A 288 42.80 14.31 39.96
CA PHE A 288 43.91 13.60 40.58
C PHE A 288 44.44 14.29 41.83
N LEU A 289 44.80 15.58 41.73
CA LEU A 289 45.36 16.27 42.88
C LEU A 289 44.32 16.48 43.98
N GLU A 290 43.05 16.68 43.60
CA GLU A 290 41.99 16.93 44.56
C GLU A 290 41.19 15.69 44.91
N LEU A 291 41.47 14.54 44.30
CA LEU A 291 40.69 13.34 44.51
C LEU A 291 41.64 12.15 44.61
N LYS A 292 41.07 10.95 44.68
CA LYS A 292 41.83 9.71 44.82
C LYS A 292 41.59 8.85 43.58
N LEU A 293 42.20 9.25 42.46
CA LEU A 293 42.09 8.51 41.22
C LEU A 293 43.47 8.19 40.69
N PRO A 294 43.67 7.01 40.11
CA PRO A 294 45.00 6.61 39.63
C PRO A 294 45.48 7.52 38.51
N PRO A 295 46.58 8.23 38.72
CA PRO A 295 47.09 9.13 37.66
C PRO A 295 47.93 8.37 36.65
N ASN A 296 47.71 8.70 35.38
CA ASN A 296 48.44 8.10 34.26
C ASN A 296 48.37 6.58 34.27
N THR A 305 44.02 14.23 30.56
CA THR A 305 42.65 13.74 30.46
C THR A 305 42.35 13.23 29.05
N SER A 306 42.50 11.93 28.86
CA SER A 306 42.24 11.28 27.58
C SER A 306 40.92 10.53 27.63
N LYS A 307 40.30 10.39 26.45
CA LYS A 307 39.09 9.57 26.37
C LYS A 307 39.36 8.15 26.83
N ASP A 308 40.54 7.62 26.52
CA ASP A 308 40.94 6.32 27.05
C ASP A 308 41.18 6.40 28.55
N VAL A 309 41.84 7.47 29.01
CA VAL A 309 42.09 7.64 30.44
C VAL A 309 40.77 7.80 31.19
N LEU A 310 39.89 8.67 30.69
CA LEU A 310 38.66 8.95 31.42
C LEU A 310 37.67 7.80 31.36
N ASN A 311 37.72 6.98 30.30
CA ASN A 311 36.88 5.79 30.27
C ASN A 311 37.34 4.76 31.28
N LYS A 312 38.64 4.73 31.59
CA LYS A 312 39.14 3.84 32.63
C LYS A 312 38.74 4.33 34.01
N LEU A 313 38.75 5.64 34.23
CA LEU A 313 38.38 6.25 35.49
C LEU A 313 36.88 6.48 35.62
N LYS A 314 36.06 5.83 34.80
CA LYS A 314 34.62 6.04 34.79
C LYS A 314 33.89 5.33 35.91
N ALA A 315 34.60 4.86 36.94
CA ALA A 315 33.98 4.16 38.06
C ALA A 315 34.92 4.12 39.27
N HIS A 317 34.72 8.76 40.51
CA HIS A 317 33.34 9.18 40.75
C HIS A 317 32.74 9.67 39.41
N PRO A 318 31.44 10.02 39.37
CA PRO A 318 30.79 10.33 38.07
C PRO A 318 31.37 11.50 37.29
N LEU A 319 32.50 12.08 37.69
CA LEU A 319 33.00 13.26 36.98
C LEU A 319 33.54 12.93 35.60
N PRO A 320 34.41 11.91 35.42
CA PRO A 320 34.85 11.58 34.04
C PRO A 320 33.70 11.33 33.08
N GLY A 321 32.64 10.65 33.51
CA GLY A 321 31.49 10.48 32.64
C GLY A 321 30.86 11.79 32.24
N LEU A 322 30.77 12.74 33.19
CA LEU A 322 30.25 14.06 32.86
C LEU A 322 31.22 14.85 31.97
N ILE A 323 32.52 14.62 32.12
CA ILE A 323 33.49 15.29 31.27
C ILE A 323 33.44 14.73 29.86
N LEU A 324 33.30 13.41 29.73
CA LEU A 324 33.21 12.79 28.41
C LEU A 324 31.98 13.29 27.66
N GLU A 325 30.84 13.33 28.34
CA GLU A 325 29.62 13.82 27.70
C GLU A 325 29.75 15.28 27.29
N TRP A 326 30.34 16.11 28.17
CA TRP A 326 30.54 17.52 27.84
C TRP A 326 31.37 17.68 26.57
N ARG A 327 32.35 16.82 26.38
CA ARG A 327 33.24 16.94 25.23
C ARG A 327 32.64 16.35 23.96
N ARG A 328 31.70 15.40 24.08
CA ARG A 328 30.98 14.94 22.90
C ARG A 328 30.06 16.03 22.38
N ILE A 329 29.23 16.60 23.27
CA ILE A 329 28.26 17.61 22.86
C ILE A 329 28.98 18.85 22.33
N THR A 330 30.04 19.28 23.03
CA THR A 330 30.79 20.44 22.58
C THR A 330 31.38 20.20 21.19
N ASN A 331 31.81 18.98 20.91
CA ASN A 331 32.31 18.65 19.58
C ASN A 331 31.22 18.82 18.53
N ALA A 332 29.99 18.47 18.87
CA ALA A 332 28.89 18.63 17.92
C ALA A 332 28.61 20.10 17.64
N ILE A 333 28.59 20.92 18.69
CA ILE A 333 28.30 22.35 18.51
C ILE A 333 29.42 23.03 17.74
N THR A 334 30.66 22.81 18.16
CA THR A 334 31.78 23.58 17.61
C THR A 334 32.27 23.02 16.29
N LYS A 335 32.17 21.72 16.06
CA LYS A 335 32.72 21.11 14.86
C LYS A 335 31.67 20.50 13.93
N VAL A 336 30.38 20.63 14.25
CA VAL A 336 29.33 20.19 13.33
C VAL A 336 28.34 21.31 13.10
N VAL A 337 27.72 21.81 14.18
CA VAL A 337 26.73 22.87 14.05
C VAL A 337 27.34 24.10 13.40
N PHE A 338 28.53 24.50 13.86
CA PHE A 338 29.15 25.71 13.34
C PHE A 338 29.47 25.61 11.84
N PRO A 339 30.15 24.57 11.35
CA PRO A 339 30.39 24.52 9.89
C PRO A 339 29.13 24.38 9.07
N LEU A 340 28.15 23.60 9.56
CA LEU A 340 26.91 23.42 8.79
C LEU A 340 26.17 24.75 8.65
N GLN A 341 26.04 25.50 9.74
CA GLN A 341 25.38 26.80 9.68
C GLN A 341 26.16 27.78 8.80
N ARG A 342 27.48 27.61 8.70
CA ARG A 342 28.29 28.50 7.87
C ARG A 342 28.13 28.19 6.38
N GLU A 343 28.17 26.91 6.01
CA GLU A 343 28.17 26.52 4.60
C GLU A 343 26.77 26.48 3.99
N LYS A 344 25.72 26.71 4.77
CA LYS A 344 24.38 26.73 4.20
C LYS A 344 24.19 27.95 3.32
N CYS A 345 23.40 27.79 2.27
CA CYS A 345 23.06 28.89 1.39
C CYS A 345 21.66 28.66 0.83
N LEU A 346 21.09 29.72 0.27
CA LEU A 346 19.71 29.70 -0.18
C LEU A 346 19.62 29.22 -1.62
N ASN A 347 18.66 28.33 -1.89
CA ASN A 347 18.32 27.92 -3.25
C ASN A 347 16.94 28.48 -3.57
N PRO A 348 16.84 29.62 -4.26
CA PRO A 348 15.52 30.20 -4.50
C PRO A 348 14.66 29.40 -5.45
N PHE A 349 15.26 28.56 -6.30
CA PHE A 349 14.47 27.74 -7.21
C PHE A 349 13.73 26.63 -6.49
N LEU A 350 14.17 26.25 -5.29
CA LEU A 350 13.49 25.26 -4.48
C LEU A 350 12.87 25.83 -3.22
N GLY A 351 13.11 27.11 -2.92
CA GLY A 351 12.57 27.71 -1.72
C GLY A 351 13.06 27.06 -0.45
N MET A 352 14.35 26.79 -0.34
CA MET A 352 14.90 26.16 0.85
C MET A 352 16.39 26.46 0.92
N GLU A 353 16.99 26.07 2.05
CA GLU A 353 18.42 26.19 2.26
C GLU A 353 19.08 24.83 2.03
N ARG A 354 20.19 24.82 1.31
CA ARG A 354 20.89 23.59 1.00
C ARG A 354 22.38 23.76 1.31
N ILE A 355 23.03 22.63 1.59
CA ILE A 355 24.46 22.56 1.79
C ILE A 355 25.07 21.89 0.57
N TYR A 356 26.11 22.51 0.00
CA TYR A 356 26.73 22.03 -1.23
C TYR A 356 28.14 21.54 -0.95
N PRO A 357 28.33 20.26 -0.65
CA PRO A 357 29.67 19.74 -0.41
C PRO A 357 30.36 19.37 -1.72
N VAL A 358 31.67 19.09 -1.61
CA VAL A 358 32.50 18.76 -2.76
C VAL A 358 32.95 17.31 -2.63
N SER A 359 32.77 16.53 -3.70
CA SER A 359 33.15 15.14 -3.68
C SER A 359 34.66 14.98 -3.77
N GLN A 360 35.16 13.91 -3.15
CA GLN A 360 36.59 13.58 -3.18
C GLN A 360 36.72 12.10 -3.46
N SER A 361 37.21 11.75 -4.65
CA SER A 361 37.34 10.36 -5.07
C SER A 361 38.79 9.89 -5.17
N HIS A 362 39.76 10.75 -4.83
CA HIS A 362 41.17 10.35 -4.84
C HIS A 362 41.53 9.76 -3.48
N THR A 363 40.98 8.58 -3.23
CA THR A 363 41.18 7.86 -1.97
C THR A 363 42.02 6.61 -2.20
N ALA A 364 42.49 6.03 -1.10
CA ALA A 364 43.38 4.88 -1.19
C ALA A 364 42.65 3.64 -1.68
N THR A 365 41.44 3.41 -1.19
CA THR A 365 40.71 2.18 -1.49
C THR A 365 39.65 2.36 -2.57
N GLY A 366 39.32 3.59 -2.95
CA GLY A 366 38.27 3.85 -3.92
C GLY A 366 36.98 4.35 -3.32
N ARG A 367 36.93 4.54 -2.00
CA ARG A 367 35.76 5.13 -1.38
C ARG A 367 35.57 6.57 -1.85
N ILE A 368 34.38 7.09 -1.63
CA ILE A 368 34.05 8.48 -1.93
C ILE A 368 33.78 9.18 -0.60
N THR A 369 34.56 10.21 -0.31
CA THR A 369 34.29 11.11 0.80
C THR A 369 33.95 12.49 0.26
N PHE A 370 33.56 13.38 1.17
CA PHE A 370 33.14 14.73 0.79
C PHE A 370 33.84 15.75 1.66
N THR A 371 33.99 16.96 1.14
CA THR A 371 34.69 18.04 1.82
C THR A 371 33.89 19.33 1.73
N GLU A 372 34.10 20.19 2.72
CA GLU A 372 33.54 21.54 2.80
C GLU A 372 32.02 21.57 2.68
N PRO A 373 31.29 21.05 3.68
CA PRO A 373 31.75 20.29 4.84
C PRO A 373 31.65 18.79 4.56
N ASN A 374 32.24 17.93 5.40
CA ASN A 374 32.13 16.48 5.21
C ASN A 374 30.88 16.00 5.93
N ILE A 375 29.76 16.02 5.21
CA ILE A 375 28.48 15.63 5.80
C ILE A 375 28.45 14.17 6.21
N GLN A 376 29.43 13.36 5.77
CA GLN A 376 29.51 11.98 6.24
C GLN A 376 29.80 11.92 7.73
N ASN A 377 30.58 12.85 8.26
CA ASN A 377 30.97 12.86 9.66
C ASN A 377 29.91 13.46 10.56
N VAL A 378 28.69 13.67 10.07
CA VAL A 378 27.62 14.19 10.94
C VAL A 378 27.28 13.13 11.99
N PRO A 379 27.22 13.49 13.27
CA PRO A 379 27.17 12.47 14.32
C PRO A 379 25.93 11.60 14.27
N ARG A 380 26.10 10.36 14.72
CA ARG A 380 24.97 9.47 14.94
C ARG A 380 24.03 10.05 15.99
N ASP A 381 22.82 9.50 16.04
CA ASP A 381 21.88 9.89 17.09
C ASP A 381 22.42 9.49 18.46
N PHE A 382 22.38 10.43 19.40
CA PHE A 382 22.78 10.15 20.78
C PHE A 382 21.74 10.71 21.73
N GLU A 383 21.69 10.14 22.93
CA GLU A 383 20.71 10.52 23.93
C GLU A 383 21.32 11.46 24.95
N ILE A 384 20.56 12.47 25.35
CA ILE A 384 20.88 13.30 26.50
C ILE A 384 19.73 13.16 27.49
N LYS A 385 20.06 13.26 28.78
CA LYS A 385 19.07 13.19 29.84
C LYS A 385 18.84 14.60 30.37
N MET A 386 17.59 15.06 30.31
CA MET A 386 17.23 16.37 30.81
C MET A 386 16.14 16.23 31.88
N PRO A 387 16.11 17.12 32.86
CA PRO A 387 15.10 17.01 33.92
C PRO A 387 13.71 17.30 33.37
N THR A 388 12.78 16.40 33.67
CA THR A 388 11.37 16.57 33.34
C THR A 388 10.58 16.72 34.63
N LEU A 389 9.25 16.62 34.54
CA LEU A 389 8.42 16.69 35.72
C LEU A 389 8.49 15.42 36.56
N ALA A 390 8.97 14.32 35.98
CA ALA A 390 8.97 13.03 36.65
C ALA A 390 10.34 12.36 36.68
N ASP A 391 11.01 12.26 35.53
CA ASP A 391 12.22 11.46 35.42
C ASP A 391 13.42 12.16 36.03
N ARG A 392 13.57 13.46 35.82
CA ARG A 392 14.77 14.21 36.18
C ARG A 392 15.99 13.76 35.37
N GLY A 393 15.79 12.78 34.50
CA GLY A 393 16.80 12.26 33.59
C GLY A 393 16.14 11.66 32.37
N MET A 394 15.15 12.34 31.83
CA MET A 394 14.35 11.81 30.73
C MET A 394 15.19 11.76 29.45
N PRO A 395 15.25 10.61 28.77
CA PRO A 395 16.08 10.52 27.56
C PRO A 395 15.46 11.30 26.41
N PHE A 396 16.24 12.21 25.84
CA PHE A 396 15.88 12.92 24.62
C PHE A 396 16.94 12.63 23.56
N SER A 397 16.50 12.26 22.38
CA SER A 397 17.41 11.92 21.29
C SER A 397 17.84 13.18 20.54
N ILE A 398 19.14 13.31 20.29
CA ILE A 398 19.70 14.41 19.53
C ILE A 398 20.14 13.82 18.19
N SER A 399 19.33 14.02 17.15
CA SER A 399 19.63 13.54 15.81
C SER A 399 20.02 14.74 14.96
N MET A 400 21.32 14.87 14.69
CA MET A 400 21.78 15.96 13.85
C MET A 400 21.46 15.74 12.38
N ARG A 401 21.28 14.49 11.97
CA ARG A 401 20.84 14.20 10.61
C ARG A 401 19.39 14.63 10.37
N HIS A 402 18.63 14.87 11.44
CA HIS A 402 17.26 15.34 11.28
C HIS A 402 17.20 16.74 10.68
N ALA A 403 18.30 17.49 10.74
CA ALA A 403 18.36 18.81 10.13
C ALA A 403 18.47 18.76 8.61
N PHE A 404 18.81 17.61 8.05
CA PHE A 404 18.93 17.45 6.61
C PHE A 404 17.59 16.95 6.07
N VAL A 405 16.92 17.77 5.26
CA VAL A 405 15.53 17.55 4.90
C VAL A 405 15.40 17.62 3.38
N PRO A 406 14.35 17.01 2.83
CA PRO A 406 14.12 17.09 1.38
C PRO A 406 13.40 18.38 1.02
N PHE A 407 13.26 18.60 -0.30
CA PHE A 407 12.52 19.76 -0.78
C PHE A 407 11.06 19.66 -0.38
N PRO A 408 10.36 20.80 -0.24
CA PRO A 408 8.95 20.76 0.14
C PRO A 408 8.12 19.91 -0.80
N GLY A 409 7.64 18.77 -0.31
CA GLY A 409 6.91 17.81 -1.12
C GLY A 409 7.65 16.53 -1.44
N GLY A 410 8.82 16.32 -0.86
CA GLY A 410 9.61 15.14 -1.16
C GLY A 410 9.98 14.34 0.07
N SER A 411 10.82 13.32 -0.11
CA SER A 411 11.25 12.46 0.97
C SER A 411 12.71 12.06 0.75
N ILE A 412 13.40 11.74 1.83
CA ILE A 412 14.74 11.20 1.77
C ILE A 412 14.63 9.69 1.66
N LEU A 413 15.30 9.12 0.67
CA LEU A 413 15.33 7.67 0.46
C LEU A 413 16.77 7.19 0.69
N ALA A 414 16.93 6.27 1.64
CA ALA A 414 18.23 5.71 1.97
C ALA A 414 18.20 4.22 1.68
N ALA A 415 19.14 3.76 0.85
CA ALA A 415 19.29 2.35 0.53
C ALA A 415 20.72 1.94 0.84
N ASP A 416 20.88 0.93 1.70
CA ASP A 416 22.18 0.49 2.15
C ASP A 416 22.33 -1.01 1.97
N TYR A 417 23.57 -1.42 1.65
CA TYR A 417 23.87 -2.85 1.58
C TYR A 417 23.95 -3.42 3.00
N SER A 418 23.45 -4.65 3.14
CA SER A 418 23.47 -5.35 4.43
C SER A 418 24.78 -6.11 4.55
N GLN A 419 25.73 -5.55 5.30
CA GLN A 419 27.04 -6.14 5.53
C GLN A 419 27.74 -6.46 4.22
N LEU A 420 27.99 -5.40 3.45
CA LEU A 420 28.59 -5.57 2.13
C LEU A 420 29.98 -6.18 2.23
N GLU A 421 30.80 -5.67 3.15
CA GLU A 421 32.18 -6.15 3.25
C GLU A 421 32.24 -7.60 3.71
N LEU A 422 31.33 -8.01 4.59
CA LEU A 422 31.31 -9.40 5.03
C LEU A 422 30.93 -10.34 3.91
N ARG A 423 29.99 -9.92 3.05
CA ARG A 423 29.59 -10.77 1.93
C ARG A 423 30.70 -10.89 0.90
N ILE A 424 31.46 -9.81 0.68
CA ILE A 424 32.63 -9.89 -0.19
C ILE A 424 33.69 -10.81 0.42
N LEU A 425 33.92 -10.68 1.73
CA LEU A 425 34.86 -11.55 2.41
C LEU A 425 34.43 -13.02 2.31
N ALA A 426 33.14 -13.29 2.40
CA ALA A 426 32.64 -14.64 2.19
C ALA A 426 32.85 -15.08 0.74
N HIS A 427 32.70 -14.15 -0.21
CA HIS A 427 32.88 -14.49 -1.61
C HIS A 427 34.31 -14.90 -1.93
N LEU A 428 35.28 -14.32 -1.24
CA LEU A 428 36.69 -14.58 -1.53
C LEU A 428 37.26 -15.71 -0.66
N SER A 429 36.91 -15.73 0.63
CA SER A 429 37.41 -16.77 1.52
C SER A 429 36.63 -18.07 1.41
N HIS A 430 35.38 -18.01 0.94
CA HIS A 430 34.53 -19.21 0.87
C HIS A 430 34.34 -19.84 2.25
N ASP A 431 34.47 -19.01 3.30
CA ASP A 431 34.33 -19.50 4.67
C ASP A 431 32.89 -19.93 4.90
N ARG A 432 32.67 -21.24 5.04
CA ARG A 432 31.31 -21.76 5.14
C ARG A 432 30.62 -21.29 6.41
N ARG A 433 31.39 -21.02 7.48
CA ARG A 433 30.79 -20.52 8.70
C ARG A 433 30.32 -19.08 8.56
N LEU A 434 31.05 -18.27 7.78
CA LEU A 434 30.62 -16.91 7.51
C LEU A 434 29.39 -16.88 6.61
N ILE A 435 29.40 -17.70 5.56
CA ILE A 435 28.22 -17.86 4.72
C ILE A 435 27.03 -18.31 5.55
N GLN A 436 27.29 -19.19 6.53
CA GLN A 436 26.24 -19.65 7.43
C GLN A 436 25.71 -18.52 8.29
N VAL A 437 26.59 -17.67 8.81
CA VAL A 437 26.16 -16.57 9.67
C VAL A 437 25.31 -15.58 8.91
N LEU A 438 25.72 -15.24 7.68
CA LEU A 438 24.98 -14.25 6.90
C LEU A 438 23.60 -14.76 6.49
N ASN A 439 23.44 -16.06 6.30
CA ASN A 439 22.18 -16.62 5.83
C ASN A 439 21.13 -16.76 6.92
N THR A 440 21.50 -16.58 8.19
CA THR A 440 20.51 -16.68 9.26
C THR A 440 19.55 -15.50 9.26
N GLY A 441 20.03 -14.33 8.84
CA GLY A 441 19.23 -13.13 8.89
C GLY A 441 19.28 -12.38 10.20
N ALA A 442 19.98 -12.90 11.20
CA ALA A 442 20.14 -12.24 12.48
C ALA A 442 21.31 -11.26 12.44
N ASP A 443 21.24 -10.23 13.28
CA ASP A 443 22.28 -9.21 13.30
C ASP A 443 23.57 -9.80 13.87
N VAL A 444 24.64 -9.77 13.08
CA VAL A 444 25.91 -10.32 13.53
C VAL A 444 26.39 -9.60 14.79
N PHE A 445 26.19 -8.28 14.84
CA PHE A 445 26.74 -7.49 15.93
C PHE A 445 25.96 -7.65 17.23
N ARG A 446 24.63 -7.86 17.14
CA ARG A 446 23.89 -8.15 18.36
C ARG A 446 24.27 -9.51 18.92
N SER A 447 24.47 -10.50 18.06
CA SER A 447 24.88 -11.82 18.52
C SER A 447 26.25 -11.76 19.18
N ILE A 448 27.18 -10.99 18.60
CA ILE A 448 28.50 -10.82 19.20
C ILE A 448 28.38 -10.18 20.58
N ALA A 449 27.54 -9.15 20.69
CA ALA A 449 27.31 -8.53 21.99
C ALA A 449 26.51 -9.44 22.91
N ALA A 450 25.68 -10.31 22.33
CA ALA A 450 24.88 -11.22 23.15
C ALA A 450 25.74 -12.27 23.84
N GLU A 451 26.82 -12.70 23.22
CA GLU A 451 27.70 -13.67 23.84
C GLU A 451 28.69 -13.00 24.78
N TRP A 452 29.23 -11.85 24.37
CA TRP A 452 30.18 -11.12 25.20
C TRP A 452 29.58 -10.74 26.54
N LYS A 453 28.42 -10.08 26.54
CA LYS A 453 27.78 -9.62 27.76
C LYS A 453 26.80 -10.64 28.33
N MET A 454 26.57 -11.75 27.65
CA MET A 454 25.62 -12.77 28.07
C MET A 454 24.25 -12.16 28.37
N ILE A 455 23.70 -11.51 27.35
CA ILE A 455 22.40 -10.86 27.43
C ILE A 455 21.54 -11.30 26.26
N GLU A 456 20.25 -10.97 26.33
CA GLU A 456 19.35 -11.28 25.23
C GLU A 456 19.70 -10.40 24.03
N PRO A 457 19.65 -10.94 22.81
CA PRO A 457 20.01 -10.14 21.64
C PRO A 457 19.15 -8.90 21.47
N GLU A 458 17.86 -8.98 21.80
CA GLU A 458 16.96 -7.84 21.65
C GLU A 458 17.25 -6.72 22.65
N SER A 459 18.15 -6.95 23.61
CA SER A 459 18.49 -5.94 24.60
C SER A 459 19.72 -5.11 24.23
N VAL A 460 20.42 -5.47 23.16
CA VAL A 460 21.66 -4.79 22.80
C VAL A 460 21.33 -3.39 22.28
N GLY A 461 21.83 -2.37 22.99
CA GLY A 461 21.67 -1.01 22.54
C GLY A 461 22.66 -0.65 21.45
N ASP A 462 22.43 0.50 20.81
CA ASP A 462 23.26 0.90 19.68
C ASP A 462 24.69 1.14 20.12
N ASP A 463 24.89 1.72 21.31
CA ASP A 463 26.23 1.91 21.84
C ASP A 463 26.99 0.60 21.90
N LEU A 464 26.39 -0.41 22.53
CA LEU A 464 27.03 -1.72 22.63
C LEU A 464 27.15 -2.37 21.26
N ARG A 465 26.12 -2.22 20.41
CA ARG A 465 26.19 -2.78 19.07
C ARG A 465 27.33 -2.15 18.27
N GLN A 466 27.52 -0.83 18.40
CA GLN A 466 28.66 -0.18 17.76
C GLN A 466 29.97 -0.69 18.32
N GLN A 467 30.03 -0.94 19.63
CA GLN A 467 31.24 -1.48 20.23
C GLN A 467 31.55 -2.86 19.67
N ALA A 468 30.53 -3.71 19.52
CA ALA A 468 30.72 -5.03 18.92
C ALA A 468 31.04 -4.92 17.43
N LYS A 469 30.58 -3.85 16.76
CA LYS A 469 30.92 -3.66 15.36
C LYS A 469 32.41 -3.39 15.18
N GLN A 470 32.98 -2.54 16.04
CA GLN A 470 34.42 -2.30 15.97
C GLN A 470 35.22 -3.53 16.40
N ILE A 471 34.68 -4.31 17.35
CA ILE A 471 35.30 -5.57 17.71
C ILE A 471 35.27 -6.54 16.54
N CYS A 472 34.20 -6.50 15.74
CA CYS A 472 34.08 -7.43 14.62
C CYS A 472 35.07 -7.09 13.52
N TYR A 473 34.94 -5.90 12.93
CA TYR A 473 35.85 -5.53 11.84
C TYR A 473 37.28 -5.40 12.33
N GLY A 474 37.48 -5.02 13.59
CA GLY A 474 38.83 -4.94 14.12
C GLY A 474 39.53 -6.28 14.10
N ILE A 475 38.91 -7.31 14.69
CA ILE A 475 39.51 -8.64 14.72
C ILE A 475 39.71 -9.17 13.31
N ILE A 476 38.76 -8.90 12.42
CA ILE A 476 38.87 -9.37 11.03
C ILE A 476 40.05 -8.70 10.34
N TYR A 477 40.28 -7.42 10.61
CA TYR A 477 41.32 -6.66 9.93
C TYR A 477 42.60 -6.51 10.75
N GLY A 478 42.90 -7.50 11.60
CA GLY A 478 44.21 -7.62 12.19
C GLY A 478 44.43 -6.98 13.54
N MET A 479 43.37 -6.69 14.30
CA MET A 479 43.55 -6.08 15.60
C MET A 479 44.22 -7.06 16.57
N GLY A 480 45.14 -6.55 17.38
CA GLY A 480 45.84 -7.38 18.34
C GLY A 480 45.06 -7.54 19.64
N ALA A 481 45.56 -8.46 20.48
CA ALA A 481 44.89 -8.74 21.73
C ALA A 481 44.92 -7.56 22.69
N LYS A 482 46.02 -6.80 22.68
CA LYS A 482 46.13 -5.67 23.59
C LYS A 482 45.06 -4.62 23.30
N SER A 483 44.90 -4.25 22.03
CA SER A 483 43.86 -3.29 21.67
C SER A 483 42.47 -3.87 21.87
N LEU A 484 42.30 -5.17 21.59
CA LEU A 484 41.01 -5.82 21.81
C LEU A 484 40.66 -5.86 23.29
N GLY A 485 41.65 -6.16 24.14
CA GLY A 485 41.42 -6.10 25.58
C GLY A 485 41.08 -4.70 26.05
N GLU A 486 41.73 -3.69 25.47
CA GLU A 486 41.37 -2.31 25.76
C GLU A 486 39.94 -2.01 25.33
N GLN A 487 39.52 -2.59 24.20
CA GLN A 487 38.16 -2.36 23.71
C GLN A 487 37.13 -3.06 24.59
N MET A 488 37.45 -4.25 25.08
CA MET A 488 36.51 -5.06 25.84
C MET A 488 36.67 -4.90 27.35
N GLY A 489 37.64 -4.12 27.80
CA GLY A 489 37.87 -3.97 29.23
C GLY A 489 38.34 -5.24 29.91
N ILE A 490 39.09 -6.08 29.20
CA ILE A 490 39.58 -7.34 29.73
C ILE A 490 41.09 -7.39 29.55
N LYS A 491 41.71 -8.41 30.15
CA LYS A 491 43.15 -8.58 30.04
C LYS A 491 43.53 -8.98 28.62
N GLU A 492 44.78 -8.70 28.27
CA GLU A 492 45.29 -9.04 26.94
C GLU A 492 45.25 -10.54 26.71
N ASN A 493 45.63 -11.33 27.72
CA ASN A 493 45.62 -12.78 27.58
C ASN A 493 44.20 -13.30 27.41
N ASP A 494 43.23 -12.69 28.09
CA ASP A 494 41.84 -13.07 27.90
C ASP A 494 41.35 -12.68 26.52
N ALA A 495 41.75 -11.49 26.05
CA ALA A 495 41.36 -11.06 24.70
C ALA A 495 41.98 -11.94 23.63
N ALA A 496 43.17 -12.49 23.89
CA ALA A 496 43.82 -13.35 22.92
C ALA A 496 43.00 -14.62 22.67
N CYS A 497 42.28 -15.10 23.68
CA CYS A 497 41.42 -16.26 23.49
C CYS A 497 40.30 -15.94 22.51
N TYR A 498 39.72 -14.74 22.59
CA TYR A 498 38.67 -14.36 21.65
C TYR A 498 39.18 -14.33 20.22
N ILE A 499 40.41 -13.85 20.02
CA ILE A 499 40.99 -13.84 18.69
C ILE A 499 41.28 -15.26 18.22
N ASP A 500 41.85 -16.09 19.11
CA ASP A 500 42.16 -17.46 18.73
C ASP A 500 40.88 -18.27 18.52
N SER A 501 39.85 -18.00 19.31
CA SER A 501 38.56 -18.66 19.09
C SER A 501 37.96 -18.24 17.76
N PHE A 502 38.14 -16.98 17.36
CA PHE A 502 37.69 -16.53 16.06
C PHE A 502 38.44 -17.23 14.94
N LYS A 503 39.76 -17.40 15.11
CA LYS A 503 40.55 -18.05 14.07
C LYS A 503 40.23 -19.54 13.97
N SER A 504 39.82 -20.17 15.06
CA SER A 504 39.46 -21.59 15.00
C SER A 504 38.09 -21.80 14.38
N ARG A 505 37.16 -20.86 14.60
CA ARG A 505 35.83 -20.97 14.01
C ARG A 505 35.86 -20.66 12.52
N TYR A 506 36.47 -19.54 12.14
CA TYR A 506 36.45 -19.05 10.76
C TYR A 506 37.84 -19.25 10.16
N THR A 507 38.09 -20.49 9.71
CA THR A 507 39.40 -20.82 9.16
C THR A 507 39.57 -20.34 7.73
N GLY A 508 38.48 -20.32 6.94
CA GLY A 508 38.58 -19.84 5.57
C GLY A 508 38.98 -18.39 5.49
N ILE A 509 38.47 -17.56 6.40
CA ILE A 509 38.87 -16.15 6.45
C ILE A 509 40.37 -16.05 6.72
N ASN A 510 40.86 -16.82 7.70
CA ASN A 510 42.28 -16.79 8.02
C ASN A 510 43.13 -17.31 6.88
N GLN A 511 42.65 -18.36 6.20
CA GLN A 511 43.38 -18.85 5.02
C GLN A 511 43.41 -17.79 3.93
N PHE A 512 42.32 -17.04 3.77
CA PHE A 512 42.31 -15.94 2.82
C PHE A 512 43.32 -14.87 3.22
N MET A 513 43.35 -14.53 4.50
CA MET A 513 44.31 -13.54 4.99
C MET A 513 45.74 -13.99 4.73
N THR A 514 46.02 -15.28 4.96
CA THR A 514 47.36 -15.80 4.71
C THR A 514 47.70 -15.75 3.23
N GLU A 515 46.75 -16.18 2.38
CA GLU A 515 47.00 -16.18 0.94
C GLU A 515 47.14 -14.77 0.40
N THR A 516 46.38 -13.82 0.96
CA THR A 516 46.47 -12.44 0.50
C THR A 516 47.84 -11.84 0.77
N VAL A 517 48.37 -12.06 1.98
CA VAL A 517 49.66 -11.50 2.35
C VAL A 517 50.77 -12.12 1.50
N LYS A 518 50.70 -13.42 1.26
CA LYS A 518 51.73 -14.09 0.47
C LYS A 518 51.78 -13.53 -0.94
N ASN A 519 50.63 -13.41 -1.59
CA ASN A 519 50.58 -12.91 -2.96
C ASN A 519 51.01 -11.45 -3.03
N CYS A 520 50.59 -10.64 -2.05
CA CYS A 520 50.98 -9.24 -2.04
C CYS A 520 52.49 -9.08 -1.88
N LYS A 521 53.11 -9.94 -1.07
CA LYS A 521 54.56 -9.88 -0.92
C LYS A 521 55.27 -10.22 -2.22
N ARG A 522 54.67 -11.07 -3.05
CA ARG A 522 55.27 -11.42 -4.33
C ARG A 522 54.93 -10.40 -5.40
N ASP A 523 53.65 -10.03 -5.51
CA ASP A 523 53.23 -9.11 -6.57
C ASP A 523 53.60 -7.67 -6.27
N GLY A 524 53.72 -7.32 -4.98
CA GLY A 524 53.91 -5.94 -4.60
C GLY A 524 52.63 -5.12 -4.56
N PHE A 525 51.47 -5.74 -4.78
CA PHE A 525 50.21 -5.01 -4.82
C PHE A 525 49.09 -5.98 -4.49
N VAL A 526 47.89 -5.43 -4.34
CA VAL A 526 46.66 -6.20 -4.23
C VAL A 526 45.65 -5.61 -5.20
N GLN A 527 44.71 -6.44 -5.66
CA GLN A 527 43.71 -6.03 -6.62
C GLN A 527 42.31 -6.16 -6.03
N THR A 528 41.42 -5.28 -6.46
CA THR A 528 40.01 -5.38 -6.15
C THR A 528 39.33 -6.28 -7.19
N ILE A 529 38.02 -6.45 -7.05
CA ILE A 529 37.31 -7.34 -7.98
C ILE A 529 37.32 -6.77 -9.39
N LEU A 530 37.37 -5.45 -9.54
CA LEU A 530 37.39 -4.84 -10.86
C LEU A 530 38.80 -4.74 -11.45
N GLY A 531 39.84 -5.02 -10.67
CA GLY A 531 41.20 -5.01 -11.17
C GLY A 531 42.04 -3.84 -10.74
N ARG A 532 41.49 -2.90 -9.97
CA ARG A 532 42.27 -1.77 -9.49
C ARG A 532 43.37 -2.25 -8.56
N ARG A 533 44.59 -1.76 -8.79
CA ARG A 533 45.76 -2.16 -8.01
C ARG A 533 46.11 -1.06 -7.02
N ARG A 534 46.32 -1.44 -5.77
CA ARG A 534 46.96 -0.58 -4.77
C ARG A 534 48.33 -1.15 -4.46
N TYR A 535 49.36 -0.33 -4.56
CA TYR A 535 50.73 -0.77 -4.38
C TYR A 535 51.15 -0.54 -2.93
N LEU A 536 51.51 -1.63 -2.24
CA LEU A 536 51.91 -1.59 -0.84
C LEU A 536 53.34 -2.12 -0.76
N PRO A 537 54.34 -1.25 -0.99
CA PRO A 537 55.74 -1.72 -0.92
C PRO A 537 56.20 -2.05 0.49
N GLY A 538 55.48 -1.60 1.53
CA GLY A 538 55.84 -1.94 2.89
C GLY A 538 55.63 -3.39 3.26
N ILE A 539 55.06 -4.20 2.35
CA ILE A 539 54.82 -5.61 2.62
C ILE A 539 56.12 -6.36 2.86
N LYS A 540 57.24 -5.85 2.35
CA LYS A 540 58.56 -6.46 2.54
C LYS A 540 59.46 -5.61 3.42
N ASP A 541 58.89 -4.72 4.22
CA ASP A 541 59.69 -3.84 5.07
C ASP A 541 60.25 -4.62 6.26
N ASN A 542 61.42 -4.19 6.72
CA ASN A 542 62.06 -4.84 7.86
C ASN A 542 61.39 -4.47 9.18
N ASN A 543 61.00 -3.20 9.32
CA ASN A 543 60.33 -2.74 10.53
C ASN A 543 59.05 -3.55 10.75
N PRO A 544 58.92 -4.26 11.88
CA PRO A 544 57.72 -5.10 12.07
C PRO A 544 56.43 -4.31 12.09
N TYR A 545 56.45 -3.08 12.61
CA TYR A 545 55.23 -2.27 12.60
C TYR A 545 54.83 -1.89 11.19
N ARG A 546 55.76 -1.32 10.42
CA ARG A 546 55.44 -0.92 9.06
C ARG A 546 55.13 -2.12 8.18
N LYS A 547 55.68 -3.29 8.51
CA LYS A 547 55.39 -4.50 7.73
C LYS A 547 53.97 -4.99 8.00
N ALA A 548 53.60 -5.11 9.28
CA ALA A 548 52.27 -5.59 9.63
C ALA A 548 51.19 -4.62 9.17
N HIS A 549 51.44 -3.32 9.29
CA HIS A 549 50.49 -2.33 8.79
C HIS A 549 50.23 -2.52 7.30
N ALA A 550 51.28 -2.85 6.55
CA ALA A 550 51.09 -3.15 5.13
C ALA A 550 50.34 -4.45 4.94
N GLU A 551 50.60 -5.46 5.77
CA GLU A 551 49.90 -6.73 5.66
C GLU A 551 48.40 -6.56 5.92
N ARG A 552 48.04 -5.71 6.89
CA ARG A 552 46.63 -5.46 7.15
C ARG A 552 46.02 -4.58 6.06
N GLN A 553 46.80 -3.68 5.49
CA GLN A 553 46.31 -2.89 4.36
C GLN A 553 45.98 -3.78 3.17
N ALA A 554 46.78 -4.81 2.93
CA ALA A 554 46.56 -5.68 1.78
C ALA A 554 45.22 -6.41 1.89
N ILE A 555 44.88 -6.87 3.09
CA ILE A 555 43.63 -7.60 3.28
C ILE A 555 42.45 -6.64 3.25
N ASN A 556 42.59 -5.48 3.88
CA ASN A 556 41.47 -4.55 3.98
C ASN A 556 41.17 -3.87 2.65
N THR A 557 42.21 -3.57 1.87
CA THR A 557 42.00 -2.88 0.60
C THR A 557 41.17 -3.73 -0.35
N ILE A 558 41.43 -5.04 -0.38
CA ILE A 558 40.69 -5.92 -1.27
C ILE A 558 39.21 -5.91 -0.95
N VAL A 559 38.87 -5.97 0.34
CA VAL A 559 37.47 -6.06 0.74
C VAL A 559 36.81 -4.70 0.69
N GLN A 560 37.44 -3.68 1.28
CA GLN A 560 36.85 -2.35 1.31
C GLN A 560 36.84 -1.71 -0.08
N GLY A 561 37.91 -1.94 -0.85
CA GLY A 561 37.94 -1.41 -2.20
C GLY A 561 36.91 -2.05 -3.11
N SER A 562 36.73 -3.38 -2.99
CA SER A 562 35.70 -4.04 -3.77
C SER A 562 34.31 -3.61 -3.34
N ALA A 563 34.13 -3.24 -2.08
CA ALA A 563 32.86 -2.67 -1.64
C ALA A 563 32.63 -1.31 -2.28
N ALA A 564 33.69 -0.52 -2.45
CA ALA A 564 33.55 0.77 -3.11
C ALA A 564 33.28 0.62 -4.59
N ASP A 565 33.83 -0.42 -5.21
CA ASP A 565 33.54 -0.67 -6.63
C ASP A 565 32.07 -0.99 -6.84
N ILE A 566 31.49 -1.84 -5.99
CA ILE A 566 30.10 -2.23 -6.14
C ILE A 566 29.19 -1.02 -5.99
N VAL A 567 29.48 -0.15 -5.03
CA VAL A 567 28.62 1.01 -4.78
C VAL A 567 28.68 1.98 -5.96
N LYS A 568 29.87 2.18 -6.53
CA LYS A 568 29.98 3.04 -7.71
C LYS A 568 29.20 2.48 -8.89
N ILE A 569 29.33 1.18 -9.14
CA ILE A 569 28.59 0.57 -10.24
C ILE A 569 27.10 0.70 -10.04
N ALA A 570 26.64 0.54 -8.80
CA ALA A 570 25.22 0.69 -8.50
C ALA A 570 24.76 2.12 -8.72
N THR A 571 25.56 3.09 -8.26
CA THR A 571 25.23 4.50 -8.49
C THR A 571 25.10 4.79 -9.98
N VAL A 572 26.09 4.37 -10.77
CA VAL A 572 26.05 4.58 -12.20
C VAL A 572 24.84 3.90 -12.82
N ASN A 573 24.53 2.68 -12.36
CA ASN A 573 23.40 1.95 -12.91
C ASN A 573 22.08 2.59 -12.50
N ILE A 574 21.99 3.10 -11.28
CA ILE A 574 20.76 3.74 -10.81
C ILE A 574 20.48 5.01 -11.62
N GLN A 575 21.48 5.89 -11.71
CA GLN A 575 21.30 7.16 -12.40
C GLN A 575 20.93 6.96 -13.87
N LYS A 576 21.45 5.89 -14.48
CA LYS A 576 21.08 5.58 -15.86
C LYS A 576 19.60 5.26 -15.97
N GLN A 577 19.06 4.51 -15.00
CA GLN A 577 17.64 4.20 -15.01
C GLN A 577 16.78 5.42 -14.70
N LEU A 578 17.28 6.31 -13.84
CA LEU A 578 16.49 7.48 -13.46
C LEU A 578 16.29 8.42 -14.64
N GLU A 579 17.33 8.68 -15.41
CA GLU A 579 17.21 9.53 -16.59
C GLU A 579 16.33 8.91 -17.66
N THR A 580 16.18 7.58 -17.66
CA THR A 580 15.33 6.92 -18.64
C THR A 580 13.86 7.28 -18.42
N PHE A 581 13.38 7.10 -17.19
CA PHE A 581 11.95 7.28 -16.93
C PHE A 581 11.57 8.77 -16.93
N HIS A 582 12.38 9.60 -16.30
CA HIS A 582 12.04 11.00 -16.06
C HIS A 582 12.76 11.88 -17.07
N SER A 583 11.98 12.54 -17.94
CA SER A 583 12.51 13.52 -18.87
C SER A 583 12.71 14.89 -18.22
N THR A 584 12.47 15.01 -16.92
CA THR A 584 12.60 16.27 -16.22
C THR A 584 14.08 16.62 -16.04
N PHE A 585 14.36 17.63 -15.23
CA PHE A 585 15.73 18.09 -15.05
C PHE A 585 16.58 17.01 -14.38
N LYS A 586 17.79 16.82 -14.91
CA LYS A 586 18.70 15.83 -14.34
C LYS A 586 19.02 16.14 -12.89
N SER A 587 19.30 17.40 -12.59
CA SER A 587 19.72 17.82 -11.26
C SER A 587 19.05 19.14 -10.92
N HIS A 588 19.14 19.51 -9.64
CA HIS A 588 18.69 20.83 -9.23
C HIS A 588 19.53 21.94 -9.86
N GLY A 589 20.69 21.61 -10.42
CA GLY A 589 21.48 22.58 -11.14
C GLY A 589 21.00 22.82 -12.55
N HIS A 590 20.39 21.79 -13.17
CA HIS A 590 19.78 21.99 -14.48
C HIS A 590 18.55 22.88 -14.40
N ARG A 591 17.86 22.88 -13.26
CA ARG A 591 16.77 23.82 -13.06
C ARG A 591 17.29 25.25 -12.88
N GLU A 592 18.46 25.39 -12.25
CA GLU A 592 19.05 26.71 -12.05
C GLU A 592 19.78 27.18 -13.30
N GLY A 593 20.56 26.30 -13.94
CA GLY A 593 21.32 26.68 -15.12
C GLY A 593 20.46 26.93 -16.34
N MET A 594 19.23 26.43 -16.35
CA MET A 594 18.32 26.64 -17.47
C MET A 594 17.07 27.44 -17.09
N LEU A 595 16.94 27.86 -15.83
CA LEU A 595 15.81 28.64 -15.36
C LEU A 595 14.48 27.95 -15.60
N PHE A 604 7.39 27.31 -10.57
CA PHE A 604 7.63 27.03 -11.98
C PHE A 604 7.16 25.63 -12.35
N CYS A 605 8.10 24.77 -12.75
CA CYS A 605 7.85 23.39 -13.11
C CYS A 605 7.99 22.49 -11.88
N PRO A 606 7.09 21.53 -11.68
CA PRO A 606 7.17 20.69 -10.48
C PRO A 606 8.37 19.76 -10.50
N ILE A 607 8.84 19.41 -9.32
CA ILE A 607 10.00 18.52 -9.17
C ILE A 607 9.54 17.09 -9.36
N ARG A 608 10.34 16.31 -10.11
CA ARG A 608 10.02 14.91 -10.38
C ARG A 608 11.30 14.10 -10.33
N GLY A 609 11.18 12.84 -9.91
CA GLY A 609 12.30 11.94 -9.87
C GLY A 609 13.03 11.94 -8.54
N GLY A 610 14.20 11.31 -8.56
CA GLY A 610 15.05 11.23 -7.39
C GLY A 610 16.41 11.83 -7.67
N PHE A 611 17.02 12.42 -6.65
CA PHE A 611 18.24 13.21 -6.79
C PHE A 611 19.30 12.69 -5.83
N PHE A 612 20.44 12.27 -6.39
CA PHE A 612 21.56 11.78 -5.60
C PHE A 612 22.12 12.91 -4.73
N ILE A 613 22.08 12.74 -3.42
CA ILE A 613 22.48 13.81 -2.51
C ILE A 613 23.68 13.43 -1.65
N LEU A 614 23.86 12.14 -1.36
CA LEU A 614 24.92 11.73 -0.45
C LEU A 614 25.20 10.25 -0.62
N GLN A 615 26.49 9.89 -0.55
CA GLN A 615 26.94 8.50 -0.54
C GLN A 615 27.63 8.22 0.79
N LEU A 616 27.28 7.10 1.41
CA LEU A 616 27.84 6.75 2.71
C LEU A 616 28.55 5.41 2.69
N HIS A 617 29.43 5.20 1.72
CA HIS A 617 30.29 4.03 1.63
C HIS A 617 29.50 2.75 1.35
N ASP A 618 28.50 2.44 2.18
CA ASP A 618 27.63 1.30 1.95
C ASP A 618 26.18 1.72 1.75
N GLU A 619 25.92 3.01 1.62
CA GLU A 619 24.55 3.54 1.59
C GLU A 619 24.48 4.66 0.58
N LEU A 620 23.36 4.72 -0.14
CA LEU A 620 23.09 5.78 -1.11
C LEU A 620 21.90 6.58 -0.64
N LEU A 621 22.08 7.89 -0.51
CA LEU A 621 21.01 8.78 -0.05
C LEU A 621 20.40 9.50 -1.25
N TYR A 622 19.07 9.54 -1.30
CA TYR A 622 18.36 10.11 -2.43
C TYR A 622 17.23 11.01 -1.95
N GLU A 623 17.06 12.13 -2.65
CA GLU A 623 15.96 13.05 -2.43
C GLU A 623 14.94 12.82 -3.54
N VAL A 624 13.83 12.18 -3.20
CA VAL A 624 12.85 11.71 -4.19
C VAL A 624 11.52 12.42 -3.96
N ALA A 625 10.88 12.81 -5.05
CA ALA A 625 9.53 13.36 -4.97
C ALA A 625 8.52 12.27 -4.62
N GLU A 626 7.43 12.69 -3.97
CA GLU A 626 6.50 11.73 -3.38
C GLU A 626 5.92 10.79 -4.44
N GLU A 627 5.51 11.32 -5.59
CA GLU A 627 4.92 10.49 -6.63
C GLU A 627 5.92 9.52 -7.25
N ASP A 628 7.21 9.67 -6.97
CA ASP A 628 8.23 8.79 -7.52
C ASP A 628 8.97 8.00 -6.45
N VAL A 629 8.48 8.02 -5.21
CA VAL A 629 9.16 7.30 -4.12
C VAL A 629 9.16 5.80 -4.40
N VAL A 630 8.00 5.26 -4.77
CA VAL A 630 7.91 3.82 -5.02
C VAL A 630 8.75 3.44 -6.24
N GLN A 631 8.68 4.24 -7.31
CA GLN A 631 9.41 3.89 -8.53
C GLN A 631 10.92 3.96 -8.32
N VAL A 632 11.41 5.01 -7.66
CA VAL A 632 12.83 5.12 -7.41
C VAL A 632 13.29 4.02 -6.46
N ALA A 633 12.49 3.72 -5.44
CA ALA A 633 12.84 2.66 -4.50
C ALA A 633 13.02 1.33 -5.21
N GLN A 634 12.11 0.99 -6.13
CA GLN A 634 12.27 -0.23 -6.91
C GLN A 634 13.52 -0.17 -7.78
N ILE A 635 13.78 0.99 -8.39
CA ILE A 635 14.97 1.15 -9.22
C ILE A 635 16.23 0.95 -8.40
N VAL A 636 16.30 1.60 -7.24
CA VAL A 636 17.53 1.59 -6.45
C VAL A 636 17.80 0.18 -5.90
N LYS A 637 16.78 -0.48 -5.37
CA LYS A 637 16.97 -1.81 -4.79
C LYS A 637 17.42 -2.81 -5.85
N ASN A 638 16.76 -2.80 -7.01
CA ASN A 638 17.09 -3.77 -8.06
C ASN A 638 18.49 -3.53 -8.61
N GLU A 639 18.88 -2.27 -8.79
CA GLU A 639 20.20 -1.99 -9.37
C GLU A 639 21.31 -2.25 -8.38
N MET A 640 21.08 -1.96 -7.09
CA MET A 640 22.10 -2.24 -6.09
C MET A 640 22.31 -3.74 -5.91
N GLU A 641 21.23 -4.53 -5.97
CA GLU A 641 21.34 -5.97 -5.77
C GLU A 641 21.98 -6.68 -6.95
N SER A 642 21.95 -6.08 -8.14
CA SER A 642 22.49 -6.73 -9.34
C SER A 642 23.70 -5.98 -9.90
N ALA A 643 24.39 -5.20 -9.07
CA ALA A 643 25.57 -4.47 -9.54
C ALA A 643 26.64 -5.43 -10.02
N VAL A 644 27.10 -6.33 -9.16
CA VAL A 644 28.04 -7.38 -9.53
C VAL A 644 27.45 -8.72 -9.09
N LYS A 645 27.89 -9.79 -9.76
CA LYS A 645 27.46 -11.14 -9.44
C LYS A 645 28.46 -11.77 -8.48
N LEU A 646 27.99 -12.13 -7.29
CA LEU A 646 28.82 -12.79 -6.29
C LEU A 646 28.22 -14.14 -5.92
N SER A 647 29.04 -14.99 -5.30
CA SER A 647 28.56 -16.26 -4.79
C SER A 647 27.60 -16.08 -3.63
N VAL A 648 27.65 -14.93 -2.96
CA VAL A 648 26.72 -14.58 -1.88
C VAL A 648 25.80 -13.48 -2.37
N LYS A 649 24.52 -13.61 -2.05
CA LYS A 649 23.54 -12.62 -2.49
C LYS A 649 23.77 -11.28 -1.80
N LEU A 650 23.59 -10.20 -2.56
CA LEU A 650 23.66 -8.85 -2.01
C LEU A 650 22.26 -8.43 -1.58
N LYS A 651 22.08 -8.19 -0.28
CA LYS A 651 20.80 -7.78 0.27
C LYS A 651 20.80 -6.28 0.54
N VAL A 652 19.69 -5.63 0.21
CA VAL A 652 19.56 -4.19 0.34
C VAL A 652 18.31 -3.88 1.17
N LYS A 653 18.41 -2.85 2.01
CA LYS A 653 17.28 -2.36 2.79
C LYS A 653 17.02 -0.91 2.41
N VAL A 654 15.78 -0.62 2.00
CA VAL A 654 15.38 0.71 1.55
C VAL A 654 14.56 1.38 2.65
N LYS A 655 14.96 2.58 3.03
CA LYS A 655 14.25 3.38 4.02
C LYS A 655 13.86 4.72 3.42
N ILE A 656 12.73 5.25 3.87
CA ILE A 656 12.27 6.58 3.47
C ILE A 656 11.79 7.33 4.71
N GLY A 657 11.83 8.65 4.63
CA GLY A 657 11.41 9.47 5.76
C GLY A 657 11.51 10.93 5.40
N ALA A 658 10.97 11.76 6.29
CA ALA A 658 10.96 13.21 6.11
C ALA A 658 12.31 13.85 6.41
N SER A 659 13.32 13.07 6.79
CA SER A 659 14.65 13.60 7.05
C SER A 659 15.64 12.45 7.05
N TRP A 660 16.92 12.81 7.06
CA TRP A 660 17.98 11.82 7.19
C TRP A 660 17.92 11.11 8.55
N GLY A 661 17.33 11.74 9.56
CA GLY A 661 17.20 11.16 10.87
C GLY A 661 15.85 10.56 11.21
N GLU A 662 14.88 10.62 10.29
CA GLU A 662 13.55 10.04 10.49
C GLU A 662 13.25 8.99 9.43
N LEU A 663 14.23 8.13 9.12
CA LEU A 663 14.05 7.12 8.09
C LEU A 663 13.31 5.92 8.64
N LYS A 664 12.21 5.56 7.99
CA LYS A 664 11.44 4.37 8.34
C LYS A 664 11.64 3.32 7.26
N ASP A 665 11.50 2.05 7.66
CA ASP A 665 11.68 0.96 6.71
C ASP A 665 10.61 1.03 5.61
N PHE A 666 11.04 0.86 4.37
CA PHE A 666 10.14 0.86 3.22
C PHE A 666 10.23 -0.50 2.54
N ASP A 667 9.07 -1.08 2.25
CA ASP A 667 9.01 -2.41 1.64
C ASP A 667 9.28 -2.33 0.14
N SER D 5 -56.82 -41.59 -7.48
CA SER D 5 -57.12 -41.02 -6.17
C SER D 5 -57.84 -39.68 -6.33
N SER D 6 -57.93 -39.20 -7.57
CA SER D 6 -58.65 -37.96 -7.84
C SER D 6 -60.12 -38.08 -7.47
N GLU D 7 -60.67 -39.31 -7.49
CA GLU D 7 -62.05 -39.51 -7.08
C GLU D 7 -62.25 -39.33 -5.59
N SER D 8 -61.17 -39.37 -4.79
CA SER D 8 -61.25 -39.16 -3.36
C SER D 8 -61.37 -37.68 -2.99
N LEU D 9 -61.51 -36.80 -3.98
CA LEU D 9 -61.61 -35.37 -3.74
C LEU D 9 -62.91 -34.85 -4.33
N SER D 10 -63.55 -33.93 -3.61
CA SER D 10 -64.77 -33.27 -4.07
C SER D 10 -64.45 -31.81 -4.33
N ILE D 11 -64.72 -31.36 -5.55
CA ILE D 11 -64.51 -29.97 -5.96
C ILE D 11 -65.87 -29.35 -6.27
N ILE D 12 -66.21 -28.29 -5.55
CA ILE D 12 -67.50 -27.62 -5.67
C ILE D 12 -67.28 -26.25 -6.28
N ASP D 13 -67.82 -26.03 -7.47
CA ASP D 13 -67.76 -24.72 -8.12
C ASP D 13 -68.75 -23.79 -7.44
N VAL D 14 -68.25 -22.83 -6.66
CA VAL D 14 -69.12 -22.00 -5.84
C VAL D 14 -69.62 -20.75 -6.56
N ALA D 15 -69.00 -20.35 -7.66
CA ALA D 15 -69.37 -19.14 -8.37
C ALA D 15 -70.11 -19.43 -9.68
N SER D 16 -70.99 -20.43 -9.66
CA SER D 16 -71.82 -20.77 -10.80
C SER D 16 -73.31 -20.64 -10.53
N ASP D 17 -73.71 -20.42 -9.28
CA ASP D 17 -75.11 -20.24 -8.91
C ASP D 17 -75.19 -19.25 -7.76
N GLN D 18 -76.15 -18.33 -7.83
CA GLN D 18 -76.24 -17.28 -6.84
C GLN D 18 -76.50 -17.85 -5.44
N ASN D 19 -77.45 -18.79 -5.33
CA ASN D 19 -77.79 -19.33 -4.03
C ASN D 19 -76.64 -20.15 -3.44
N LEU D 20 -75.97 -20.94 -4.28
CA LEU D 20 -74.80 -21.69 -3.80
C LEU D 20 -73.66 -20.75 -3.41
N PHE D 21 -73.50 -19.66 -4.16
CA PHE D 21 -72.44 -18.71 -3.86
C PHE D 21 -72.70 -18.00 -2.53
N GLN D 22 -73.94 -17.58 -2.29
CA GLN D 22 -74.24 -16.86 -1.06
C GLN D 22 -74.10 -17.76 0.17
N THR D 23 -74.29 -19.07 0.01
CA THR D 23 -74.05 -19.98 1.12
C THR D 23 -72.56 -20.22 1.32
N PHE D 24 -71.79 -20.26 0.23
CA PHE D 24 -70.34 -20.40 0.35
C PHE D 24 -69.73 -19.17 1.00
N ILE D 25 -70.22 -17.98 0.64
CA ILE D 25 -69.71 -16.75 1.26
C ILE D 25 -70.07 -16.72 2.73
N LYS D 26 -71.29 -17.14 3.08
CA LYS D 26 -71.71 -17.15 4.48
C LYS D 26 -70.85 -18.10 5.30
N GLU D 27 -70.51 -19.27 4.74
CA GLU D 27 -69.70 -20.22 5.48
C GLU D 27 -68.22 -19.86 5.47
N TRP D 28 -67.74 -19.26 4.40
CA TRP D 28 -66.34 -18.84 4.35
C TRP D 28 -66.06 -17.75 5.37
N ARG D 29 -67.00 -16.82 5.55
CA ARG D 29 -66.82 -15.73 6.51
C ARG D 29 -66.81 -16.23 7.94
N CYS D 30 -67.28 -17.45 8.20
CA CYS D 30 -67.25 -18.04 9.53
C CYS D 30 -65.95 -18.77 9.83
N LYS D 31 -65.11 -19.00 8.82
CA LYS D 31 -63.90 -19.79 9.00
C LYS D 31 -62.75 -18.91 9.47
N LYS D 32 -62.07 -19.35 10.52
CA LYS D 32 -60.89 -18.66 11.03
C LYS D 32 -59.60 -19.19 10.44
N ARG D 33 -59.65 -20.31 9.71
CA ARG D 33 -58.49 -20.87 9.04
C ARG D 33 -58.93 -21.45 7.71
N PHE D 34 -58.21 -21.12 6.64
CA PHE D 34 -58.47 -21.68 5.33
C PHE D 34 -57.22 -21.56 4.48
N SER D 35 -57.23 -22.24 3.34
CA SER D 35 -56.14 -22.19 2.38
C SER D 35 -56.65 -21.75 1.03
N ILE D 36 -55.81 -21.02 0.29
CA ILE D 36 -56.15 -20.61 -1.06
C ILE D 36 -55.01 -21.00 -2.00
N SER D 37 -55.36 -21.26 -3.25
CA SER D 37 -54.39 -21.61 -4.27
C SER D 37 -54.86 -21.02 -5.59
N LEU D 38 -54.07 -20.12 -6.16
CA LEU D 38 -54.46 -19.43 -7.39
C LEU D 38 -54.28 -20.36 -8.58
N ALA D 39 -55.36 -20.54 -9.36
CA ALA D 39 -55.33 -21.38 -10.54
C ALA D 39 -54.87 -20.57 -11.74
N CYS D 40 -53.87 -21.08 -12.45
CA CYS D 40 -53.31 -20.41 -13.62
C CYS D 40 -53.25 -21.37 -14.79
N GLU D 41 -53.63 -20.88 -15.96
CA GLU D 41 -53.59 -21.66 -17.19
C GLU D 41 -52.94 -20.82 -18.30
N LYS D 42 -52.54 -21.49 -19.37
CA LYS D 42 -51.94 -20.84 -20.53
C LYS D 42 -52.95 -20.82 -21.67
N ILE D 43 -52.99 -19.70 -22.39
CA ILE D 43 -53.93 -19.55 -23.49
C ILE D 43 -53.60 -20.55 -24.61
N ARG D 44 -52.34 -20.57 -25.04
CA ARG D 44 -51.85 -21.50 -26.05
C ARG D 44 -52.53 -21.32 -27.40
N SER D 45 -53.83 -21.59 -27.46
CA SER D 45 -54.57 -21.49 -28.71
C SER D 45 -54.82 -20.05 -29.10
N LEU D 46 -54.71 -19.76 -30.40
CA LEU D 46 -54.98 -18.41 -30.89
C LEU D 46 -56.44 -18.03 -30.68
N THR D 47 -57.35 -18.99 -30.79
CA THR D 47 -58.75 -18.73 -30.50
C THR D 47 -59.00 -18.54 -29.01
N SER D 48 -58.03 -18.86 -28.16
CA SER D 48 -58.12 -18.69 -26.72
C SER D 48 -59.32 -19.44 -26.15
N SER D 49 -60.53 -18.89 -26.35
CA SER D 49 -61.76 -19.47 -25.80
C SER D 49 -61.66 -19.64 -24.28
N LYS D 50 -61.03 -18.67 -23.63
CA LYS D 50 -60.84 -18.72 -22.18
C LYS D 50 -60.65 -17.30 -21.67
N THR D 51 -61.22 -17.01 -20.50
CA THR D 51 -61.17 -15.68 -19.91
C THR D 51 -60.55 -15.73 -18.52
N GLY D 52 -60.10 -14.58 -18.07
CA GLY D 52 -59.47 -14.48 -16.76
C GLY D 52 -58.71 -13.18 -16.64
N PHE D 53 -57.91 -13.10 -15.57
CA PHE D 53 -57.10 -11.91 -15.36
C PHE D 53 -55.68 -12.15 -15.87
N PRO D 54 -55.10 -11.17 -16.57
CA PRO D 54 -53.73 -11.32 -17.08
C PRO D 54 -52.71 -11.21 -15.96
N ILE D 55 -51.61 -11.95 -16.13
CA ILE D 55 -50.49 -11.91 -15.19
C ILE D 55 -49.42 -11.00 -15.76
N LYS D 56 -48.88 -10.11 -14.93
CA LYS D 56 -47.84 -9.19 -15.36
C LYS D 56 -46.57 -9.94 -15.73
N GLY D 57 -46.06 -9.67 -16.92
CA GLY D 57 -44.86 -10.33 -17.41
C GLY D 57 -45.10 -11.59 -18.22
N CYS D 58 -46.32 -12.13 -18.20
CA CYS D 58 -46.67 -13.34 -18.94
C CYS D 58 -47.95 -13.07 -19.72
N ASP D 59 -47.80 -12.72 -21.00
CA ASP D 59 -48.96 -12.47 -21.86
C ASP D 59 -49.64 -13.74 -22.33
N ASP D 60 -49.14 -14.91 -21.91
CA ASP D 60 -49.76 -16.18 -22.26
C ASP D 60 -50.49 -16.84 -21.09
N THR D 61 -50.26 -16.38 -19.86
CA THR D 61 -50.82 -16.99 -18.66
C THR D 61 -51.91 -16.09 -18.09
N LEU D 62 -53.02 -16.71 -17.69
CA LEU D 62 -54.13 -16.02 -17.06
C LEU D 62 -54.41 -16.64 -15.70
N VAL D 63 -55.14 -15.89 -14.87
CA VAL D 63 -55.65 -16.39 -13.60
C VAL D 63 -57.12 -16.74 -13.82
N VAL D 64 -57.40 -18.04 -13.97
CA VAL D 64 -58.77 -18.48 -14.22
C VAL D 64 -59.61 -18.47 -12.96
N GLY D 65 -58.98 -18.58 -11.79
CA GLY D 65 -59.72 -18.59 -10.55
C GLY D 65 -58.84 -19.03 -9.41
N LEU D 66 -59.47 -19.28 -8.26
CA LEU D 66 -58.77 -19.73 -7.07
C LEU D 66 -59.58 -20.80 -6.37
N ALA D 67 -58.89 -21.65 -5.61
CA ALA D 67 -59.52 -22.71 -4.84
C ALA D 67 -59.40 -22.41 -3.36
N VAL D 68 -60.48 -22.67 -2.61
CA VAL D 68 -60.51 -22.45 -1.17
C VAL D 68 -60.77 -23.78 -0.48
N CYS D 69 -60.05 -24.02 0.62
CA CYS D 69 -60.20 -25.22 1.42
C CYS D 69 -60.10 -24.85 2.88
N TRP D 70 -61.10 -25.26 3.68
CA TRP D 70 -61.07 -25.08 5.12
C TRP D 70 -61.25 -26.42 5.84
N GLY D 71 -60.67 -27.48 5.29
CA GLY D 71 -60.71 -28.78 5.93
C GLY D 71 -61.13 -29.93 5.02
N GLY D 72 -60.72 -31.14 5.37
CA GLY D 72 -61.16 -32.33 4.68
C GLY D 72 -60.55 -32.49 3.29
N ARG D 73 -61.29 -33.21 2.45
CA ARG D 73 -60.90 -33.47 1.07
C ARG D 73 -61.79 -32.71 0.09
N ASP D 74 -62.33 -31.57 0.52
CA ASP D 74 -63.26 -30.78 -0.28
C ASP D 74 -62.62 -29.43 -0.57
N ALA D 75 -62.51 -29.10 -1.85
CA ALA D 75 -62.00 -27.81 -2.30
C ALA D 75 -63.11 -27.04 -3.01
N TYR D 76 -63.23 -25.76 -2.69
CA TYR D 76 -64.25 -24.89 -3.27
C TYR D 76 -63.59 -24.00 -4.31
N TYR D 77 -63.91 -24.23 -5.57
CA TYR D 77 -63.28 -23.50 -6.67
C TYR D 77 -64.05 -22.19 -6.92
N PHE D 78 -63.34 -21.07 -6.82
CA PHE D 78 -63.89 -19.75 -7.07
C PHE D 78 -63.45 -19.35 -8.47
N SER D 79 -64.34 -19.52 -9.45
CA SER D 79 -64.02 -19.16 -10.82
C SER D 79 -63.94 -17.64 -10.96
N LEU D 80 -62.89 -17.17 -11.63
CA LEU D 80 -62.72 -15.75 -11.95
C LEU D 80 -62.86 -15.50 -13.44
N GLN D 81 -63.65 -16.33 -14.13
CA GLN D 81 -63.93 -16.11 -15.53
C GLN D 81 -64.77 -14.84 -15.71
N LYS D 82 -64.79 -14.34 -16.94
CA LYS D 82 -65.56 -13.13 -17.22
C LYS D 82 -67.06 -13.42 -17.25
N GLU D 83 -67.46 -14.55 -17.82
CA GLU D 83 -68.86 -14.90 -18.00
C GLU D 83 -69.20 -16.05 -17.07
N SER D 84 -69.95 -15.76 -16.01
CA SER D 84 -70.41 -16.80 -15.10
C SER D 84 -71.65 -17.48 -15.65
N LEU D 85 -71.96 -18.66 -15.10
CA LEU D 85 -73.14 -19.40 -15.52
C LEU D 85 -74.41 -18.63 -15.17
N ASP D 86 -74.41 -17.95 -14.03
CA ASP D 86 -75.52 -17.10 -13.63
C ASP D 86 -75.14 -15.64 -13.90
N PRO D 87 -75.74 -14.99 -14.89
CA PRO D 87 -75.37 -13.60 -15.19
C PRO D 87 -75.67 -12.62 -14.07
N SER D 88 -76.60 -12.96 -13.16
CA SER D 88 -76.92 -12.07 -12.05
C SER D 88 -75.79 -11.97 -11.02
N LEU D 89 -74.75 -12.78 -11.17
CA LEU D 89 -73.56 -12.72 -10.31
C LEU D 89 -72.39 -12.28 -11.19
N THR D 90 -72.31 -10.96 -11.41
CA THR D 90 -71.31 -10.40 -12.31
C THR D 90 -69.91 -10.59 -11.75
N LEU D 91 -68.91 -10.33 -12.60
CA LEU D 91 -67.52 -10.42 -12.15
C LEU D 91 -67.24 -9.41 -11.05
N LYS D 92 -67.73 -8.17 -11.22
CA LYS D 92 -67.54 -7.17 -10.18
C LYS D 92 -68.21 -7.58 -8.87
N ASP D 93 -69.34 -8.28 -8.95
CA ASP D 93 -69.98 -8.80 -7.74
C ASP D 93 -69.11 -9.86 -7.08
N ARG D 94 -68.49 -10.74 -7.88
CA ARG D 94 -67.64 -11.78 -7.32
C ARG D 94 -66.36 -11.19 -6.73
N MET D 95 -65.74 -10.24 -7.44
CA MET D 95 -64.52 -9.62 -6.93
C MET D 95 -64.78 -8.85 -5.65
N TRP D 96 -65.98 -8.32 -5.47
CA TRP D 96 -66.32 -7.68 -4.20
C TRP D 96 -66.29 -8.70 -3.06
N TYR D 97 -67.00 -9.81 -3.23
CA TYR D 97 -67.06 -10.82 -2.18
C TYR D 97 -65.69 -11.48 -1.98
N LEU D 98 -64.94 -11.69 -3.06
CA LEU D 98 -63.63 -12.31 -2.94
C LEU D 98 -62.67 -11.45 -2.13
N GLN D 99 -62.63 -10.15 -2.43
CA GLN D 99 -61.82 -9.24 -1.63
C GLN D 99 -62.36 -9.07 -0.22
N SER D 100 -63.67 -9.26 -0.03
CA SER D 100 -64.25 -9.13 1.30
C SER D 100 -63.81 -10.26 2.23
N CYS D 101 -63.64 -11.46 1.69
CA CYS D 101 -63.25 -12.62 2.48
C CYS D 101 -61.75 -12.73 2.68
N LEU D 102 -60.96 -11.92 1.97
CA LEU D 102 -59.51 -11.92 2.11
C LEU D 102 -58.99 -10.72 2.87
N ARG D 103 -59.88 -9.85 3.36
CA ARG D 103 -59.51 -8.72 4.21
C ARG D 103 -60.18 -8.92 5.56
N LYS D 104 -59.37 -9.03 6.61
CA LYS D 104 -59.87 -9.28 7.94
C LYS D 104 -60.27 -7.98 8.63
N GLU D 105 -61.14 -8.10 9.62
CA GLU D 105 -61.52 -6.98 10.47
C GLU D 105 -60.54 -6.84 11.63
N SER D 106 -60.49 -5.64 12.20
CA SER D 106 -59.57 -5.37 13.30
C SER D 106 -59.88 -6.21 14.54
N ASP D 107 -61.11 -6.71 14.66
CA ASP D 107 -61.47 -7.51 15.82
C ASP D 107 -61.36 -9.01 15.55
N LYS D 108 -61.74 -9.45 14.36
CA LYS D 108 -61.70 -10.87 14.03
C LYS D 108 -60.28 -11.36 13.83
N GLU D 109 -60.06 -12.63 14.13
CA GLU D 109 -58.76 -13.28 13.97
C GLU D 109 -58.91 -14.41 12.96
N CYS D 110 -58.11 -14.35 11.89
CA CYS D 110 -58.22 -15.31 10.79
C CYS D 110 -56.87 -15.46 10.11
N SER D 111 -56.56 -16.69 9.71
CA SER D 111 -55.28 -17.01 9.08
C SER D 111 -55.52 -17.72 7.76
N VAL D 112 -54.74 -17.34 6.74
CA VAL D 112 -54.84 -17.91 5.41
C VAL D 112 -53.54 -18.65 5.11
N VAL D 113 -53.66 -19.89 4.63
CA VAL D 113 -52.51 -20.74 4.34
C VAL D 113 -52.26 -20.71 2.84
N ILE D 114 -51.08 -20.26 2.44
CA ILE D 114 -50.73 -20.11 1.03
C ILE D 114 -49.32 -20.66 0.81
N TYR D 115 -49.19 -21.60 -0.12
CA TYR D 115 -47.87 -22.04 -0.55
C TYR D 115 -47.21 -20.94 -1.37
N ASP D 116 -46.01 -20.54 -0.98
CA ASP D 116 -45.30 -19.41 -1.58
C ASP D 116 -46.16 -18.15 -1.51
N PHE D 117 -46.35 -17.70 -0.26
CA PHE D 117 -47.25 -16.59 0.01
C PHE D 117 -46.83 -15.33 -0.73
N ILE D 118 -45.53 -15.08 -0.84
CA ILE D 118 -45.05 -13.84 -1.44
C ILE D 118 -45.46 -13.78 -2.92
N GLN D 119 -45.20 -14.85 -3.67
CA GLN D 119 -45.52 -14.85 -5.08
C GLN D 119 -47.03 -14.77 -5.32
N SER D 120 -47.82 -15.36 -4.42
CA SER D 120 -49.28 -15.29 -4.58
C SER D 120 -49.83 -13.94 -4.15
N TYR D 121 -49.24 -13.33 -3.11
CA TYR D 121 -49.68 -12.02 -2.67
C TYR D 121 -49.54 -10.99 -3.78
N LYS D 122 -48.44 -11.06 -4.54
CA LYS D 122 -48.21 -10.07 -5.59
C LYS D 122 -49.15 -10.29 -6.77
N ILE D 123 -49.45 -11.54 -7.09
CA ILE D 123 -50.35 -11.83 -8.21
C ILE D 123 -51.76 -11.35 -7.89
N LEU D 124 -52.24 -11.61 -6.68
CA LEU D 124 -53.57 -11.15 -6.29
C LEU D 124 -53.68 -9.63 -6.38
N LEU D 125 -52.60 -8.92 -6.02
CA LEU D 125 -52.64 -7.46 -6.06
C LEU D 125 -52.47 -6.93 -7.48
N LEU D 126 -51.43 -7.39 -8.18
CA LEU D 126 -51.10 -6.82 -9.49
C LEU D 126 -52.05 -7.29 -10.59
N SER D 127 -52.58 -8.50 -10.49
CA SER D 127 -53.43 -9.05 -11.54
C SER D 127 -54.92 -8.97 -11.22
N CYS D 128 -55.30 -9.11 -9.96
CA CYS D 128 -56.70 -9.10 -9.56
C CYS D 128 -57.09 -7.92 -8.71
N GLY D 129 -56.14 -7.04 -8.36
CA GLY D 129 -56.46 -5.87 -7.57
C GLY D 129 -57.03 -6.18 -6.20
N ILE D 130 -56.46 -7.18 -5.51
CA ILE D 130 -56.92 -7.59 -4.19
C ILE D 130 -55.73 -7.63 -3.26
N SER D 131 -55.84 -6.96 -2.11
CA SER D 131 -54.77 -6.90 -1.12
C SER D 131 -55.14 -7.81 0.04
N LEU D 132 -54.39 -8.90 0.20
CA LEU D 132 -54.59 -9.80 1.33
C LEU D 132 -54.33 -9.07 2.63
N GLU D 133 -55.32 -9.05 3.51
CA GLU D 133 -55.23 -8.39 4.81
C GLU D 133 -55.63 -9.42 5.89
N GLN D 134 -54.77 -10.42 6.07
CA GLN D 134 -55.05 -11.52 6.99
C GLN D 134 -53.76 -11.90 7.70
N SER D 135 -53.85 -12.90 8.57
CA SER D 135 -52.67 -13.59 9.05
C SER D 135 -52.24 -14.63 8.02
N TYR D 136 -50.94 -14.73 7.79
CA TYR D 136 -50.42 -15.56 6.72
C TYR D 136 -49.62 -16.73 7.28
N GLU D 137 -49.82 -17.90 6.69
CA GLU D 137 -49.06 -19.09 7.02
C GLU D 137 -48.63 -19.76 5.72
N ASP D 138 -47.32 -19.99 5.59
CA ASP D 138 -46.75 -20.62 4.40
C ASP D 138 -46.04 -21.90 4.81
N PRO D 139 -46.46 -23.07 4.32
CA PRO D 139 -45.78 -24.32 4.71
C PRO D 139 -44.31 -24.34 4.40
N LYS D 140 -43.87 -23.59 3.38
CA LYS D 140 -42.44 -23.57 3.05
C LYS D 140 -41.62 -22.93 4.17
N VAL D 141 -42.17 -21.88 4.80
CA VAL D 141 -41.46 -21.24 5.90
C VAL D 141 -41.46 -22.13 7.13
N ALA D 142 -42.56 -22.86 7.34
CA ALA D 142 -42.61 -23.80 8.46
C ALA D 142 -41.56 -24.90 8.30
N CYS D 143 -41.38 -25.40 7.07
CA CYS D 143 -40.33 -26.39 6.83
C CYS D 143 -38.96 -25.83 7.15
N TRP D 144 -38.73 -24.55 6.84
CA TRP D 144 -37.42 -23.95 7.08
C TRP D 144 -37.16 -23.77 8.57
N LEU D 145 -38.18 -23.43 9.36
CA LEU D 145 -38.00 -23.28 10.80
C LEU D 145 -37.60 -24.59 11.45
N LEU D 146 -38.10 -25.72 10.94
CA LEU D 146 -37.80 -27.01 11.55
C LEU D 146 -36.37 -27.44 11.25
N ASP D 147 -35.90 -27.20 10.02
CA ASP D 147 -34.52 -27.52 9.64
C ASP D 147 -34.03 -26.44 8.67
N PRO D 148 -33.27 -25.47 9.16
CA PRO D 148 -32.82 -24.37 8.30
C PRO D 148 -31.76 -24.78 7.28
N ASP D 149 -31.14 -25.94 7.43
CA ASP D 149 -30.13 -26.42 6.50
C ASP D 149 -30.70 -27.40 5.49
N SER D 150 -32.02 -27.47 5.36
CA SER D 150 -32.67 -28.41 4.47
C SER D 150 -32.71 -27.86 3.05
N GLN D 151 -33.02 -28.75 2.11
CA GLN D 151 -33.28 -28.32 0.74
C GLN D 151 -34.55 -27.48 0.69
N GLU D 152 -34.61 -26.57 -0.27
CA GLU D 152 -35.78 -25.73 -0.41
C GLU D 152 -37.00 -26.60 -0.68
N PRO D 153 -38.07 -26.47 0.10
CA PRO D 153 -39.18 -27.43 0.01
C PRO D 153 -39.95 -27.29 -1.29
N THR D 154 -40.61 -28.39 -1.65
CA THR D 154 -41.55 -28.43 -2.75
C THR D 154 -42.83 -29.09 -2.28
N LEU D 155 -43.91 -28.90 -3.05
CA LEU D 155 -45.17 -29.54 -2.72
C LEU D 155 -45.01 -31.04 -2.61
N HIS D 156 -44.19 -31.63 -3.49
CA HIS D 156 -43.92 -33.06 -3.41
C HIS D 156 -43.19 -33.42 -2.12
N SER D 157 -42.21 -32.60 -1.73
CA SER D 157 -41.45 -32.87 -0.52
C SER D 157 -42.33 -32.75 0.72
N ILE D 158 -43.18 -31.71 0.77
CA ILE D 158 -44.04 -31.50 1.93
C ILE D 158 -45.03 -32.66 2.07
N VAL D 159 -45.65 -33.07 0.96
CA VAL D 159 -46.59 -34.17 1.01
C VAL D 159 -45.89 -35.47 1.38
N THR D 160 -44.70 -35.70 0.82
CA THR D 160 -43.95 -36.91 1.13
C THR D 160 -43.58 -36.98 2.61
N SER D 161 -43.35 -35.83 3.23
CA SER D 161 -42.86 -35.80 4.61
C SER D 161 -43.96 -35.62 5.65
N PHE D 162 -45.09 -35.02 5.30
CA PHE D 162 -46.13 -34.74 6.29
C PHE D 162 -47.53 -35.20 5.88
N LEU D 163 -47.71 -35.71 4.67
CA LEU D 163 -49.02 -36.19 4.20
C LEU D 163 -48.81 -37.34 3.22
N PRO D 164 -48.13 -38.40 3.65
CA PRO D 164 -47.70 -39.42 2.67
C PRO D 164 -48.85 -40.20 2.04
N HIS D 165 -49.96 -40.37 2.76
CA HIS D 165 -51.08 -41.12 2.20
C HIS D 165 -51.70 -40.42 1.00
N GLU D 166 -51.40 -39.15 0.78
CA GLU D 166 -51.95 -38.38 -0.32
C GLU D 166 -50.97 -38.22 -1.48
N LEU D 167 -49.87 -38.99 -1.47
CA LEU D 167 -48.94 -38.94 -2.60
C LEU D 167 -49.55 -39.35 -3.93
N PRO D 168 -50.48 -40.31 -4.02
CA PRO D 168 -51.08 -40.62 -5.33
C PRO D 168 -51.74 -39.43 -6.01
N LEU D 169 -52.21 -38.44 -5.25
CA LEU D 169 -52.83 -37.27 -5.85
C LEU D 169 -51.83 -36.49 -6.70
N LEU D 170 -50.56 -36.53 -6.36
CA LEU D 170 -49.52 -35.80 -7.07
C LEU D 170 -48.88 -36.58 -8.21
N GLU D 171 -49.31 -37.83 -8.44
CA GLU D 171 -48.68 -38.64 -9.48
C GLU D 171 -48.94 -38.06 -10.86
N GLY D 172 -50.13 -37.52 -11.10
CA GLY D 172 -50.44 -36.96 -12.41
C GLY D 172 -49.61 -35.72 -12.72
N MET D 173 -49.35 -34.89 -11.72
CA MET D 173 -48.63 -33.64 -11.90
C MET D 173 -47.16 -33.87 -11.59
N GLU D 174 -46.32 -33.90 -12.63
CA GLU D 174 -44.88 -33.95 -12.46
C GLU D 174 -44.29 -32.60 -12.08
N THR D 175 -45.09 -31.53 -12.12
CA THR D 175 -44.63 -30.20 -11.73
C THR D 175 -44.67 -29.95 -10.23
N SER D 176 -45.12 -30.94 -9.45
CA SER D 176 -45.16 -30.78 -8.00
C SER D 176 -43.77 -30.79 -7.38
N GLN D 177 -42.78 -31.35 -8.07
CA GLN D 177 -41.41 -31.37 -7.58
C GLN D 177 -40.64 -30.10 -7.92
N GLY D 178 -41.31 -29.10 -8.50
CA GLY D 178 -40.66 -27.85 -8.85
C GLY D 178 -40.99 -26.71 -7.91
N GLN D 180 -42.72 -23.94 -7.97
CA GLN D 180 -43.90 -23.10 -8.04
C GLN D 180 -45.13 -23.79 -7.46
N SER D 181 -46.12 -23.00 -7.08
CA SER D 181 -47.39 -23.55 -6.64
C SER D 181 -48.00 -24.41 -7.74
N LEU D 182 -48.65 -25.50 -7.34
CA LEU D 182 -49.23 -26.42 -8.32
C LEU D 182 -50.25 -25.72 -9.20
N GLY D 183 -51.00 -24.78 -8.63
CA GLY D 183 -51.93 -24.01 -9.44
C GLY D 183 -51.25 -23.00 -10.35
N LEU D 184 -50.09 -22.49 -9.94
CA LEU D 184 -49.37 -21.51 -10.74
C LEU D 184 -48.55 -22.15 -11.86
N ASN D 185 -48.33 -23.47 -11.83
CA ASN D 185 -47.60 -24.16 -12.88
C ASN D 185 -48.56 -24.41 -14.05
N ALA D 186 -48.69 -23.40 -14.90
CA ALA D 186 -49.63 -23.48 -16.01
C ALA D 186 -49.17 -24.43 -17.10
N GLY D 187 -47.90 -24.83 -17.10
CA GLY D 187 -47.40 -25.76 -18.11
C GLY D 187 -47.95 -27.17 -17.98
N SER D 188 -48.48 -27.52 -16.81
CA SER D 188 -49.02 -28.86 -16.60
C SER D 188 -50.24 -29.09 -17.48
N GLU D 189 -50.38 -30.33 -17.97
CA GLU D 189 -51.50 -30.67 -18.83
C GLU D 189 -52.83 -30.65 -18.09
N HIS D 190 -52.81 -30.71 -16.76
CA HIS D 190 -54.04 -30.65 -16.00
C HIS D 190 -54.57 -29.23 -15.92
N SER D 191 -55.87 -29.11 -15.71
CA SER D 191 -56.52 -27.81 -15.62
C SER D 191 -56.06 -27.07 -14.37
N GLY D 192 -56.15 -25.74 -14.43
CA GLY D 192 -55.87 -24.95 -13.26
C GLY D 192 -56.85 -25.22 -12.13
N ARG D 193 -58.09 -25.57 -12.48
CA ARG D 193 -59.09 -25.89 -11.46
C ARG D 193 -58.68 -27.11 -10.64
N TYR D 194 -58.19 -28.15 -11.31
CA TYR D 194 -57.77 -29.35 -10.59
C TYR D 194 -56.46 -29.12 -9.84
N ARG D 195 -55.53 -28.36 -10.42
CA ARG D 195 -54.25 -28.14 -9.78
C ARG D 195 -54.39 -27.29 -8.53
N ALA D 196 -55.18 -26.22 -8.60
CA ALA D 196 -55.38 -25.37 -7.42
C ALA D 196 -56.18 -26.09 -6.35
N SER D 197 -57.15 -26.93 -6.76
CA SER D 197 -57.95 -27.64 -5.78
C SER D 197 -57.13 -28.69 -5.04
N VAL D 198 -56.34 -29.46 -5.78
CA VAL D 198 -55.45 -30.44 -5.14
C VAL D 198 -54.50 -29.74 -4.19
N GLU D 199 -53.94 -28.61 -4.61
CA GLU D 199 -53.00 -27.89 -3.75
C GLU D 199 -53.70 -27.35 -2.50
N SER D 200 -54.89 -26.77 -2.66
CA SER D 200 -55.61 -26.22 -1.52
C SER D 200 -55.86 -27.28 -0.46
N ILE D 201 -56.09 -28.53 -0.87
CA ILE D 201 -56.31 -29.60 0.08
C ILE D 201 -54.99 -30.06 0.69
N LEU D 202 -54.00 -30.34 -0.15
CA LEU D 202 -52.73 -30.86 0.34
C LEU D 202 -52.01 -29.84 1.22
N ILE D 203 -52.10 -28.55 0.85
CA ILE D 203 -51.41 -27.52 1.62
C ILE D 203 -52.11 -27.30 2.97
N PHE D 204 -53.44 -27.35 2.98
CA PHE D 204 -54.16 -27.10 4.22
C PHE D 204 -53.91 -28.21 5.24
N ASN D 205 -53.97 -29.47 4.80
CA ASN D 205 -53.74 -30.56 5.73
C ASN D 205 -52.28 -30.67 6.13
N SER D 206 -51.35 -30.32 5.21
CA SER D 206 -49.94 -30.33 5.56
C SER D 206 -49.62 -29.24 6.59
N MET D 207 -50.34 -28.12 6.54
CA MET D 207 -50.06 -27.03 7.47
C MET D 207 -50.46 -27.39 8.90
N ASN D 208 -51.50 -28.21 9.07
CA ASN D 208 -51.86 -28.66 10.42
C ASN D 208 -50.75 -29.50 11.03
N GLN D 209 -50.20 -30.44 10.25
CA GLN D 209 -49.10 -31.25 10.74
C GLN D 209 -47.87 -30.39 11.02
N LEU D 210 -47.61 -29.39 10.18
CA LEU D 210 -46.51 -28.48 10.43
C LEU D 210 -46.77 -27.64 11.68
N ASN D 211 -48.03 -27.23 11.89
CA ASN D 211 -48.36 -26.44 13.08
C ASN D 211 -48.10 -27.23 14.36
N SER D 212 -48.50 -28.51 14.38
CA SER D 212 -48.31 -29.32 15.58
C SER D 212 -46.82 -29.52 15.87
N LEU D 213 -46.01 -29.73 14.83
CA LEU D 213 -44.56 -29.84 15.04
C LEU D 213 -43.97 -28.54 15.54
N LEU D 214 -44.47 -27.39 15.03
CA LEU D 214 -44.01 -26.11 15.53
C LEU D 214 -44.40 -25.91 16.99
N GLN D 215 -45.51 -26.52 17.42
CA GLN D 215 -45.89 -26.45 18.83
C GLN D 215 -44.97 -27.30 19.68
N LYS D 216 -44.64 -28.51 19.21
CA LYS D 216 -43.76 -29.39 19.96
C LYS D 216 -42.37 -28.79 20.09
N GLU D 217 -41.81 -28.30 18.99
CA GLU D 217 -40.50 -27.67 19.00
C GLU D 217 -40.53 -26.25 19.56
N ASN D 218 -41.71 -25.77 19.97
CA ASN D 218 -41.87 -24.45 20.59
C ASN D 218 -41.33 -23.34 19.68
N LEU D 219 -41.86 -23.31 18.46
CA LEU D 219 -41.50 -22.30 17.47
C LEU D 219 -42.73 -21.72 16.78
N GLN D 220 -43.94 -22.02 17.27
CA GLN D 220 -45.14 -21.55 16.59
C GLN D 220 -45.32 -20.05 16.76
N ASP D 221 -44.95 -19.50 17.91
CA ASP D 221 -45.03 -18.05 18.09
C ASP D 221 -43.98 -17.34 17.24
N VAL D 222 -42.79 -17.92 17.12
CA VAL D 222 -41.78 -17.37 16.23
C VAL D 222 -42.29 -17.36 14.79
N PHE D 223 -42.93 -18.45 14.38
CA PHE D 223 -43.48 -18.53 13.03
C PHE D 223 -44.56 -17.49 12.80
N ARG D 224 -45.45 -17.30 13.78
CA ARG D 224 -46.57 -16.40 13.61
C ARG D 224 -46.20 -14.94 13.81
N LYS D 225 -45.20 -14.65 14.64
CA LYS D 225 -44.91 -13.28 15.02
C LYS D 225 -43.67 -12.68 14.35
N VAL D 226 -42.78 -13.50 13.80
CA VAL D 226 -41.54 -12.98 13.23
C VAL D 226 -41.37 -13.40 11.78
N GLU D 227 -41.35 -14.71 11.52
CA GLU D 227 -40.98 -15.20 10.20
C GLU D 227 -42.05 -14.87 9.16
N MET D 228 -43.29 -15.26 9.41
CA MET D 228 -44.35 -14.96 8.45
C MET D 228 -44.59 -13.46 8.27
N PRO D 229 -44.67 -12.64 9.33
CA PRO D 229 -44.76 -11.19 9.10
C PRO D 229 -43.56 -10.64 8.35
N SER D 230 -42.40 -11.28 8.45
CA SER D 230 -41.25 -10.87 7.66
C SER D 230 -41.47 -11.15 6.17
N GLN D 231 -42.11 -12.27 5.86
CA GLN D 231 -42.43 -12.59 4.47
C GLN D 231 -43.35 -11.54 3.86
N TYR D 232 -44.30 -11.02 4.64
CA TYR D 232 -45.16 -9.95 4.16
C TYR D 232 -44.35 -8.68 3.91
N CYS D 233 -43.40 -8.38 4.79
CA CYS D 233 -42.57 -7.19 4.60
C CYS D 233 -41.72 -7.33 3.33
N LEU D 234 -41.22 -8.53 3.05
CA LEU D 234 -40.46 -8.75 1.82
C LEU D 234 -41.37 -8.71 0.60
N ALA D 235 -42.62 -9.16 0.74
CA ALA D 235 -43.57 -9.02 -0.36
C ALA D 235 -43.80 -7.56 -0.72
N LEU D 236 -43.80 -6.68 0.28
CA LEU D 236 -43.83 -5.25 0.00
C LEU D 236 -42.53 -4.79 -0.63
N LEU D 237 -41.40 -5.37 -0.22
CA LEU D 237 -40.11 -4.99 -0.79
C LEU D 237 -40.01 -5.42 -2.25
N GLU D 238 -40.45 -6.63 -2.57
CA GLU D 238 -40.43 -7.09 -3.95
C GLU D 238 -41.40 -6.32 -4.83
N LEU D 239 -42.45 -5.74 -4.26
CA LEU D 239 -43.36 -4.90 -5.03
C LEU D 239 -42.83 -3.48 -5.16
N ASN D 240 -42.12 -2.99 -4.15
CA ASN D 240 -41.52 -1.65 -4.23
C ASN D 240 -40.38 -1.62 -5.24
N GLY D 241 -39.50 -2.62 -5.20
CA GLY D 241 -38.28 -2.56 -5.97
C GLY D 241 -37.31 -1.55 -5.38
N ILE D 242 -36.19 -1.38 -6.07
CA ILE D 242 -35.17 -0.42 -5.68
C ILE D 242 -34.95 0.54 -6.84
N GLY D 243 -34.94 1.84 -6.53
CA GLY D 243 -34.78 2.84 -7.57
C GLY D 243 -33.43 2.73 -8.26
N PHE D 244 -33.42 2.95 -9.56
CA PHE D 244 -32.21 2.81 -10.36
C PHE D 244 -32.11 3.96 -11.35
N SER D 245 -30.87 4.36 -11.63
CA SER D 245 -30.58 5.47 -12.54
C SER D 245 -29.72 4.94 -13.68
N THR D 246 -30.30 4.88 -14.88
CA THR D 246 -29.54 4.42 -16.05
C THR D 246 -28.36 5.33 -16.33
N ALA D 247 -28.57 6.64 -16.26
CA ALA D 247 -27.51 7.58 -16.61
C ALA D 247 -26.34 7.51 -15.63
N GLU D 248 -26.65 7.46 -14.33
CA GLU D 248 -25.58 7.40 -13.34
C GLU D 248 -24.75 6.14 -13.48
N CYS D 249 -25.41 4.99 -13.65
CA CYS D 249 -24.69 3.74 -13.86
C CYS D 249 -23.88 3.78 -15.14
N GLU D 250 -24.47 4.32 -16.22
CA GLU D 250 -23.74 4.44 -17.48
C GLU D 250 -22.57 5.40 -17.34
N SER D 251 -22.75 6.50 -16.61
CA SER D 251 -21.66 7.45 -16.39
C SER D 251 -20.48 6.78 -15.71
N GLN D 252 -20.74 5.99 -14.66
CA GLN D 252 -19.66 5.28 -13.99
C GLN D 252 -19.07 4.19 -14.88
N LYS D 253 -19.86 3.67 -15.82
CA LYS D 253 -19.32 2.67 -16.75
C LYS D 253 -18.29 3.28 -17.68
N HIS D 254 -18.55 4.48 -18.18
CA HIS D 254 -17.59 5.13 -19.07
C HIS D 254 -16.31 5.50 -18.33
N ILE D 255 -16.44 6.01 -17.10
CA ILE D 255 -15.27 6.36 -16.31
C ILE D 255 -14.44 5.12 -15.99
N MET D 256 -15.12 4.02 -15.67
CA MET D 256 -14.42 2.77 -15.37
C MET D 256 -13.67 2.26 -16.59
N GLN D 257 -14.33 2.21 -17.75
CA GLN D 257 -13.69 1.69 -18.94
C GLN D 257 -12.53 2.57 -19.40
N ALA D 258 -12.61 3.88 -19.16
CA ALA D 258 -11.50 4.76 -19.50
C ALA D 258 -10.26 4.42 -18.67
N LYS D 259 -10.46 4.17 -17.37
CA LYS D 259 -9.33 3.76 -16.53
C LYS D 259 -8.77 2.43 -16.98
N LEU D 260 -9.65 1.50 -17.40
CA LEU D 260 -9.17 0.22 -17.91
C LEU D 260 -8.32 0.40 -19.15
N ASP D 261 -8.71 1.32 -20.04
CA ASP D 261 -7.91 1.60 -21.23
C ASP D 261 -6.56 2.20 -20.84
N ALA D 262 -6.54 3.08 -19.83
CA ALA D 262 -5.28 3.65 -19.37
C ALA D 262 -4.42 2.58 -18.70
N ILE D 263 -5.03 1.71 -17.89
CA ILE D 263 -4.28 0.64 -17.24
C ILE D 263 -3.64 -0.28 -18.28
N GLU D 264 -4.42 -0.67 -19.30
CA GLU D 264 -3.89 -1.55 -20.33
C GLU D 264 -2.75 -0.90 -21.09
N THR D 265 -2.86 0.39 -21.40
CA THR D 265 -1.82 1.06 -22.19
C THR D 265 -0.49 1.07 -21.45
N GLN D 266 -0.50 1.50 -20.18
CA GLN D 266 0.74 1.52 -19.41
C GLN D 266 1.20 0.10 -19.07
N ALA D 267 0.27 -0.84 -18.89
CA ALA D 267 0.67 -2.22 -18.63
C ALA D 267 1.40 -2.81 -19.83
N TYR D 268 0.91 -2.53 -21.04
CA TYR D 268 1.59 -3.01 -22.24
C TYR D 268 2.95 -2.34 -22.43
N GLN D 269 3.21 -1.23 -21.73
CA GLN D 269 4.50 -0.57 -21.77
C GLN D 269 5.45 -1.09 -20.69
N LEU D 270 4.91 -1.36 -19.49
CA LEU D 270 5.71 -2.02 -18.47
C LEU D 270 6.17 -3.39 -18.95
N ALA D 271 5.32 -4.08 -19.71
CA ALA D 271 5.71 -5.28 -20.41
C ALA D 271 6.26 -4.92 -21.79
N GLY D 272 6.90 -5.89 -22.42
CA GLY D 272 7.50 -5.66 -23.72
C GLY D 272 6.60 -5.95 -24.90
N HIS D 273 5.30 -6.12 -24.67
CA HIS D 273 4.37 -6.55 -25.72
C HIS D 273 2.95 -6.30 -25.21
N SER D 274 1.97 -6.77 -25.97
CA SER D 274 0.57 -6.75 -25.54
C SER D 274 0.18 -8.13 -25.05
N PHE D 275 -0.50 -8.18 -23.91
CA PHE D 275 -0.96 -9.42 -23.32
C PHE D 275 -2.44 -9.31 -22.99
N SER D 276 -3.05 -10.44 -22.67
CA SER D 276 -4.47 -10.49 -22.36
C SER D 276 -4.66 -10.56 -20.85
N PHE D 277 -5.36 -9.56 -20.29
CA PHE D 277 -5.66 -9.55 -18.87
C PHE D 277 -6.58 -10.70 -18.48
N THR D 278 -7.27 -11.30 -19.45
CA THR D 278 -8.18 -12.41 -19.17
C THR D 278 -7.44 -13.74 -19.05
N SER D 279 -6.32 -13.89 -19.76
CA SER D 279 -5.57 -15.14 -19.76
C SER D 279 -4.57 -15.15 -18.60
N SER D 280 -4.70 -16.12 -17.71
CA SER D 280 -3.75 -16.25 -16.61
C SER D 280 -2.39 -16.72 -17.09
N ASP D 281 -2.34 -17.48 -18.19
CA ASP D 281 -1.06 -17.92 -18.72
C ASP D 281 -0.26 -16.74 -19.28
N ASP D 282 -0.94 -15.76 -19.88
CA ASP D 282 -0.23 -14.59 -20.39
C ASP D 282 0.35 -13.76 -19.26
N ILE D 283 -0.39 -13.61 -18.16
CA ILE D 283 0.10 -12.82 -17.03
C ILE D 283 1.27 -13.51 -16.37
N ALA D 284 1.21 -14.84 -16.22
CA ALA D 284 2.30 -15.57 -15.61
C ALA D 284 3.56 -15.51 -16.46
N GLU D 285 3.41 -15.44 -17.79
CA GLU D 285 4.57 -15.35 -18.66
C GLU D 285 5.30 -14.02 -18.45
N VAL D 286 4.56 -12.92 -18.39
CA VAL D 286 5.19 -11.62 -18.21
C VAL D 286 5.80 -11.52 -16.82
N LEU D 287 5.02 -11.89 -15.79
CA LEU D 287 5.45 -11.65 -14.42
C LEU D 287 6.58 -12.58 -13.99
N PHE D 288 6.60 -13.81 -14.48
CA PHE D 288 7.54 -14.80 -13.97
C PHE D 288 8.60 -15.24 -14.98
N LEU D 289 8.27 -15.31 -16.26
CA LEU D 289 9.23 -15.73 -17.28
C LEU D 289 9.88 -14.56 -17.99
N GLU D 290 9.35 -13.34 -17.84
CA GLU D 290 9.95 -12.14 -18.43
C GLU D 290 10.47 -11.21 -17.33
N LEU D 291 9.58 -10.65 -16.52
CA LEU D 291 10.02 -9.81 -15.40
C LEU D 291 10.75 -10.62 -14.34
N LYS D 292 10.55 -11.94 -14.31
CA LYS D 292 11.25 -12.84 -13.38
C LYS D 292 11.01 -12.43 -11.93
N LEU D 293 9.74 -12.18 -11.60
CA LEU D 293 9.35 -11.87 -10.23
C LEU D 293 9.33 -13.15 -9.39
N PRO D 294 9.43 -13.01 -8.07
CA PRO D 294 9.50 -14.20 -7.20
C PRO D 294 8.27 -15.08 -7.36
N PRO D 295 8.47 -16.37 -7.65
CA PRO D 295 7.34 -17.30 -7.71
C PRO D 295 6.77 -17.58 -6.32
N ASN D 296 5.61 -18.20 -6.32
CA ASN D 296 4.93 -18.53 -5.05
C ASN D 296 5.61 -19.72 -4.37
N ARG D 301 2.37 -24.53 -6.15
CA ARG D 301 1.50 -23.54 -6.75
C ARG D 301 2.31 -22.36 -7.30
N GLN D 302 3.42 -22.67 -7.97
CA GLN D 302 4.25 -21.63 -8.56
C GLN D 302 3.56 -21.06 -9.80
N PHE D 303 4.01 -19.86 -10.19
CA PHE D 303 3.49 -19.14 -11.35
C PHE D 303 1.99 -18.87 -11.22
N SER D 304 1.51 -18.67 -10.00
CA SER D 304 0.10 -18.41 -9.75
C SER D 304 -0.22 -16.94 -9.99
N THR D 305 -1.41 -16.68 -10.51
CA THR D 305 -1.89 -15.34 -10.80
C THR D 305 -3.18 -15.10 -10.01
N SER D 306 -3.05 -15.00 -8.69
CA SER D 306 -4.19 -14.83 -7.80
C SER D 306 -4.14 -13.47 -7.12
N LYS D 307 -5.22 -13.15 -6.42
CA LYS D 307 -5.30 -11.87 -5.72
C LYS D 307 -4.25 -11.78 -4.62
N ASP D 308 -4.05 -12.89 -3.88
CA ASP D 308 -3.07 -12.87 -2.80
C ASP D 308 -1.64 -12.86 -3.34
N VAL D 309 -1.37 -13.66 -4.39
CA VAL D 309 -0.03 -13.73 -4.94
C VAL D 309 0.39 -12.37 -5.51
N LEU D 310 -0.47 -11.77 -6.33
CA LEU D 310 -0.13 -10.48 -6.94
C LEU D 310 -0.02 -9.38 -5.89
N ASN D 311 -0.84 -9.45 -4.83
CA ASN D 311 -0.77 -8.45 -3.77
C ASN D 311 0.56 -8.51 -3.02
N LYS D 312 1.23 -9.66 -3.02
CA LYS D 312 2.56 -9.77 -2.43
C LYS D 312 3.66 -9.37 -3.40
N LEU D 313 3.33 -9.09 -4.66
CA LEU D 313 4.29 -8.66 -5.66
C LEU D 313 4.12 -7.20 -6.07
N LYS D 314 3.01 -6.57 -5.73
CA LYS D 314 2.79 -5.18 -6.12
C LYS D 314 3.77 -4.21 -5.46
N ALA D 315 4.46 -4.65 -4.40
CA ALA D 315 5.47 -3.81 -3.77
C ALA D 315 6.80 -3.84 -4.50
N LEU D 316 7.03 -4.85 -5.36
CA LEU D 316 8.27 -4.96 -6.11
C LEU D 316 8.18 -4.38 -7.51
N HIS D 317 7.02 -4.49 -8.15
CA HIS D 317 6.83 -4.04 -9.52
C HIS D 317 5.45 -3.41 -9.67
N PRO D 318 5.32 -2.40 -10.53
CA PRO D 318 4.00 -1.77 -10.72
C PRO D 318 2.99 -2.64 -11.43
N LEU D 319 3.44 -3.54 -12.32
CA LEU D 319 2.50 -4.32 -13.13
C LEU D 319 1.57 -5.20 -12.32
N PRO D 320 2.01 -5.90 -11.26
CA PRO D 320 1.03 -6.67 -10.46
C PRO D 320 -0.10 -5.82 -9.90
N GLY D 321 0.19 -4.59 -9.47
CA GLY D 321 -0.86 -3.72 -8.99
C GLY D 321 -1.81 -3.28 -10.08
N LEU D 322 -1.32 -3.20 -11.33
CA LEU D 322 -2.20 -2.82 -12.44
C LEU D 322 -3.15 -3.96 -12.80
N ILE D 323 -2.68 -5.21 -12.70
CA ILE D 323 -3.56 -6.35 -12.94
C ILE D 323 -4.66 -6.40 -11.89
N LEU D 324 -4.30 -6.16 -10.63
CA LEU D 324 -5.29 -6.21 -9.55
C LEU D 324 -6.36 -5.15 -9.72
N GLU D 325 -5.95 -3.93 -10.09
CA GLU D 325 -6.94 -2.87 -10.30
C GLU D 325 -7.76 -3.12 -11.55
N TRP D 326 -7.15 -3.69 -12.60
CA TRP D 326 -7.89 -4.03 -13.81
C TRP D 326 -8.96 -5.07 -13.52
N ARG D 327 -8.59 -6.14 -12.80
CA ARG D 327 -9.55 -7.20 -12.50
C ARG D 327 -10.67 -6.68 -11.61
N ARG D 328 -10.35 -5.77 -10.69
CA ARG D 328 -11.38 -5.22 -9.80
C ARG D 328 -12.41 -4.41 -10.58
N ILE D 329 -11.94 -3.54 -11.48
CA ILE D 329 -12.87 -2.71 -12.24
C ILE D 329 -13.63 -3.55 -13.27
N THR D 330 -12.93 -4.44 -13.97
CA THR D 330 -13.60 -5.31 -14.93
C THR D 330 -14.68 -6.15 -14.25
N ASN D 331 -14.46 -6.55 -12.99
CA ASN D 331 -15.48 -7.28 -12.27
C ASN D 331 -16.74 -6.44 -12.07
N ALA D 332 -16.56 -5.15 -11.82
CA ALA D 332 -17.72 -4.27 -11.65
C ALA D 332 -18.42 -4.02 -12.98
N ILE D 333 -17.66 -3.92 -14.06
CA ILE D 333 -18.26 -3.67 -15.37
C ILE D 333 -19.07 -4.87 -15.84
N THR D 334 -18.53 -6.08 -15.67
CA THR D 334 -19.12 -7.28 -16.25
C THR D 334 -20.02 -8.05 -15.29
N LYS D 335 -19.82 -7.92 -13.98
CA LYS D 335 -20.62 -8.66 -13.01
C LYS D 335 -21.58 -7.79 -12.22
N VAL D 336 -21.56 -6.47 -12.42
CA VAL D 336 -22.46 -5.59 -11.68
C VAL D 336 -23.24 -4.70 -12.65
N VAL D 337 -22.53 -3.94 -13.49
CA VAL D 337 -23.20 -3.02 -14.40
C VAL D 337 -24.12 -3.79 -15.36
N PHE D 338 -23.58 -4.83 -15.99
CA PHE D 338 -24.37 -5.58 -16.98
C PHE D 338 -25.60 -6.24 -16.38
N PRO D 339 -25.54 -6.92 -15.23
CA PRO D 339 -26.79 -7.48 -14.67
C PRO D 339 -27.82 -6.42 -14.30
N LEU D 340 -27.40 -5.32 -13.68
CA LEU D 340 -28.35 -4.30 -13.24
C LEU D 340 -29.08 -3.70 -14.43
N GLN D 341 -28.34 -3.27 -15.45
CA GLN D 341 -28.97 -2.69 -16.62
C GLN D 341 -29.82 -3.69 -17.40
N ARG D 342 -29.53 -4.99 -17.25
CA ARG D 342 -30.41 -6.00 -17.85
C ARG D 342 -31.72 -6.11 -17.08
N GLU D 343 -31.66 -6.03 -15.75
CA GLU D 343 -32.83 -6.25 -14.91
C GLU D 343 -33.65 -4.99 -14.66
N LYS D 344 -33.32 -3.87 -15.30
CA LYS D 344 -34.08 -2.66 -15.08
C LYS D 344 -35.45 -2.74 -15.72
N CYS D 345 -36.42 -2.05 -15.11
CA CYS D 345 -37.78 -1.96 -15.63
C CYS D 345 -38.28 -0.54 -15.40
N LEU D 346 -38.96 0.01 -16.41
CA LEU D 346 -39.55 1.33 -16.27
C LEU D 346 -40.90 1.23 -15.58
N ASN D 347 -41.07 1.97 -14.49
CA ASN D 347 -42.33 2.01 -13.76
C ASN D 347 -43.05 3.30 -14.12
N PRO D 348 -44.07 3.26 -14.98
CA PRO D 348 -44.77 4.51 -15.34
C PRO D 348 -45.53 5.12 -14.19
N PHE D 349 -46.06 4.30 -13.28
CA PHE D 349 -46.79 4.83 -12.13
C PHE D 349 -45.89 5.63 -11.20
N LEU D 350 -44.61 5.26 -11.11
CA LEU D 350 -43.65 5.97 -10.28
C LEU D 350 -42.83 6.99 -11.06
N GLY D 351 -42.93 6.99 -12.38
CA GLY D 351 -42.16 7.93 -13.18
C GLY D 351 -40.65 7.75 -13.08
N MET D 352 -40.18 6.51 -13.08
CA MET D 352 -38.76 6.22 -12.99
C MET D 352 -38.54 4.77 -13.37
N GLU D 353 -37.27 4.38 -13.45
CA GLU D 353 -36.88 3.00 -13.68
C GLU D 353 -36.48 2.35 -12.36
N ARG D 354 -36.92 1.10 -12.17
CA ARG D 354 -36.69 0.37 -10.94
C ARG D 354 -36.07 -0.99 -11.24
N ILE D 355 -35.45 -1.57 -10.22
CA ILE D 355 -34.93 -2.94 -10.27
C ILE D 355 -35.69 -3.75 -9.24
N TYR D 356 -36.26 -4.88 -9.67
CA TYR D 356 -37.10 -5.69 -8.79
C TYR D 356 -36.40 -7.00 -8.45
N PRO D 357 -35.75 -7.11 -7.30
CA PRO D 357 -35.11 -8.36 -6.90
C PRO D 357 -36.13 -9.31 -6.28
N VAL D 358 -35.66 -10.50 -5.92
CA VAL D 358 -36.49 -11.52 -5.28
C VAL D 358 -35.86 -11.86 -3.95
N SER D 359 -36.63 -11.72 -2.88
CA SER D 359 -36.12 -12.02 -1.54
C SER D 359 -35.94 -13.52 -1.37
N GLN D 360 -34.87 -13.90 -0.65
CA GLN D 360 -34.57 -15.28 -0.35
C GLN D 360 -34.41 -15.42 1.16
N SER D 361 -35.37 -16.10 1.80
CA SER D 361 -35.36 -16.27 3.24
C SER D 361 -34.92 -17.66 3.70
N HIS D 362 -34.75 -18.61 2.77
CA HIS D 362 -34.33 -19.96 3.12
C HIS D 362 -32.80 -19.97 3.23
N THR D 363 -32.31 -19.47 4.36
CA THR D 363 -30.89 -19.41 4.63
C THR D 363 -30.55 -20.22 5.87
N ALA D 364 -29.26 -20.51 6.05
CA ALA D 364 -28.82 -21.37 7.15
C ALA D 364 -29.05 -20.68 8.49
N THR D 365 -28.62 -19.43 8.62
CA THR D 365 -28.68 -18.73 9.89
C THR D 365 -29.95 -17.90 10.07
N GLY D 366 -30.78 -17.77 9.03
CA GLY D 366 -31.95 -16.92 9.11
C GLY D 366 -31.76 -15.55 8.48
N ARG D 367 -30.58 -15.26 7.93
CA ARG D 367 -30.38 -14.01 7.22
C ARG D 367 -31.29 -13.94 6.01
N ILE D 368 -31.52 -12.72 5.55
CA ILE D 368 -32.29 -12.46 4.34
C ILE D 368 -31.32 -12.03 3.24
N THR D 369 -31.42 -12.67 2.08
CA THR D 369 -30.66 -12.27 0.91
C THR D 369 -31.62 -12.16 -0.27
N PHE D 370 -31.14 -11.55 -1.34
CA PHE D 370 -31.96 -11.27 -2.52
C PHE D 370 -31.30 -11.84 -3.76
N THR D 371 -32.10 -12.05 -4.81
CA THR D 371 -31.61 -12.66 -6.03
C THR D 371 -32.27 -12.02 -7.24
N GLU D 372 -31.57 -12.09 -8.36
CA GLU D 372 -32.04 -11.65 -9.68
C GLU D 372 -32.42 -10.17 -9.71
N PRO D 373 -31.47 -9.25 -9.50
CA PRO D 373 -30.06 -9.46 -9.15
C PRO D 373 -29.87 -9.43 -7.64
N ASN D 374 -28.68 -9.76 -7.14
CA ASN D 374 -28.39 -9.66 -5.71
C ASN D 374 -27.77 -8.30 -5.45
N ILE D 375 -28.62 -7.33 -5.08
CA ILE D 375 -28.16 -5.97 -4.84
C ILE D 375 -27.21 -5.90 -3.65
N GLN D 376 -27.30 -6.86 -2.71
CA GLN D 376 -26.41 -6.84 -1.55
C GLN D 376 -24.94 -6.90 -1.95
N ASN D 377 -24.63 -7.52 -3.07
CA ASN D 377 -23.24 -7.68 -3.51
C ASN D 377 -22.72 -6.50 -4.31
N VAL D 378 -23.51 -5.43 -4.45
CA VAL D 378 -23.05 -4.25 -5.18
C VAL D 378 -21.76 -3.73 -4.55
N PRO D 379 -20.71 -3.45 -5.34
CA PRO D 379 -19.40 -3.16 -4.75
C PRO D 379 -19.43 -1.92 -3.87
N ARG D 380 -18.58 -1.95 -2.83
CA ARG D 380 -18.39 -0.79 -1.98
C ARG D 380 -17.78 0.36 -2.78
N ASP D 381 -17.81 1.55 -2.19
CA ASP D 381 -17.16 2.70 -2.81
C ASP D 381 -15.65 2.47 -2.86
N PHE D 382 -15.06 2.66 -4.03
CA PHE D 382 -13.62 2.52 -4.21
C PHE D 382 -13.14 3.63 -5.14
N GLU D 383 -11.90 4.03 -4.96
CA GLU D 383 -11.34 5.18 -5.66
C GLU D 383 -10.34 4.73 -6.72
N ILE D 384 -10.31 5.47 -7.83
CA ILE D 384 -9.33 5.29 -8.89
C ILE D 384 -8.64 6.62 -9.15
N LYS D 385 -7.43 6.53 -9.70
CA LYS D 385 -6.66 7.70 -10.10
C LYS D 385 -6.50 7.69 -11.61
N MET D 386 -6.87 8.80 -12.25
CA MET D 386 -6.71 8.97 -13.69
C MET D 386 -5.95 10.26 -13.95
N PRO D 387 -4.62 10.24 -13.77
CA PRO D 387 -3.82 11.42 -14.09
C PRO D 387 -3.64 11.56 -15.60
N THR D 388 -3.35 12.78 -16.01
CA THR D 388 -3.12 13.09 -17.42
C THR D 388 -1.94 14.07 -17.48
N LEU D 389 -1.71 14.62 -18.67
CA LEU D 389 -0.76 15.72 -18.80
C LEU D 389 -1.28 17.02 -18.21
N ALA D 390 -2.53 17.03 -17.74
CA ALA D 390 -3.10 18.16 -17.02
C ALA D 390 -3.48 17.78 -15.59
N ASP D 391 -4.28 16.73 -15.41
CA ASP D 391 -4.63 16.28 -14.07
C ASP D 391 -3.45 15.53 -13.44
N ARG D 392 -3.11 15.89 -12.20
CA ARG D 392 -1.95 15.32 -11.54
C ARG D 392 -2.19 13.92 -10.99
N GLY D 393 -3.43 13.56 -10.71
CA GLY D 393 -3.73 12.26 -10.12
C GLY D 393 -4.61 12.38 -8.90
N MET D 394 -5.92 12.50 -9.11
CA MET D 394 -6.87 12.74 -8.05
C MET D 394 -7.74 11.51 -7.81
N PRO D 395 -8.27 11.33 -6.60
CA PRO D 395 -9.12 10.16 -6.31
C PRO D 395 -10.56 10.40 -6.74
N PHE D 396 -10.96 9.72 -7.83
CA PHE D 396 -12.35 9.71 -8.26
C PHE D 396 -13.01 8.46 -7.69
N SER D 397 -13.79 8.63 -6.63
CA SER D 397 -14.45 7.50 -6.00
C SER D 397 -15.60 7.02 -6.87
N ILE D 398 -15.61 5.72 -7.16
CA ILE D 398 -16.67 5.11 -7.95
C ILE D 398 -17.62 4.43 -6.97
N SER D 399 -18.71 5.10 -6.63
CA SER D 399 -19.74 4.56 -5.76
C SER D 399 -20.86 4.02 -6.65
N MET D 400 -20.87 2.71 -6.86
CA MET D 400 -21.94 2.10 -7.66
C MET D 400 -23.28 2.12 -6.94
N ARG D 401 -23.26 2.22 -5.61
CA ARG D 401 -24.50 2.41 -4.86
C ARG D 401 -25.13 3.77 -5.15
N HIS D 402 -24.35 4.72 -5.67
CA HIS D 402 -24.90 6.01 -6.07
C HIS D 402 -25.85 5.89 -7.25
N ALA D 403 -25.79 4.79 -8.00
CA ALA D 403 -26.75 4.56 -9.09
C ALA D 403 -28.13 4.19 -8.57
N PHE D 404 -28.26 3.87 -7.29
CA PHE D 404 -29.55 3.55 -6.70
C PHE D 404 -30.12 4.82 -6.07
N VAL D 405 -31.19 5.35 -6.66
CA VAL D 405 -31.73 6.65 -6.27
C VAL D 405 -33.22 6.52 -5.97
N PRO D 406 -33.77 7.35 -5.10
CA PRO D 406 -35.19 7.26 -4.74
C PRO D 406 -36.09 7.89 -5.81
N PHE D 407 -37.39 7.90 -5.52
CA PHE D 407 -38.36 8.50 -6.42
C PHE D 407 -38.23 10.03 -6.38
N PRO D 408 -38.74 10.72 -7.40
CA PRO D 408 -38.70 12.19 -7.39
C PRO D 408 -39.35 12.76 -6.14
N GLY D 409 -38.54 13.49 -5.36
CA GLY D 409 -39.03 14.07 -4.13
C GLY D 409 -38.88 13.19 -2.91
N GLY D 410 -37.88 12.31 -2.89
CA GLY D 410 -37.64 11.44 -1.75
C GLY D 410 -36.16 11.29 -1.47
N SER D 411 -35.86 10.47 -0.48
CA SER D 411 -34.47 10.23 -0.09
C SER D 411 -34.35 8.81 0.45
N ILE D 412 -33.13 8.28 0.40
CA ILE D 412 -32.84 6.96 0.93
C ILE D 412 -32.44 7.10 2.39
N LEU D 413 -33.06 6.30 3.26
CA LEU D 413 -32.82 6.33 4.69
C LEU D 413 -32.17 5.02 5.12
N ALA D 414 -30.92 5.09 5.55
CA ALA D 414 -30.15 3.91 5.95
C ALA D 414 -29.99 3.91 7.46
N ALA D 415 -30.39 2.81 8.10
CA ALA D 415 -30.26 2.65 9.54
C ALA D 415 -29.55 1.33 9.82
N ASP D 416 -28.42 1.38 10.50
CA ASP D 416 -27.65 0.20 10.84
C ASP D 416 -27.47 0.08 12.35
N TYR D 417 -27.45 -1.16 12.82
CA TYR D 417 -27.10 -1.42 14.22
C TYR D 417 -25.60 -1.24 14.40
N SER D 418 -25.22 -0.54 15.47
CA SER D 418 -23.81 -0.30 15.76
C SER D 418 -23.22 -1.53 16.42
N GLN D 419 -22.43 -2.30 15.66
CA GLN D 419 -21.77 -3.51 16.14
C GLN D 419 -22.78 -4.47 16.79
N LEU D 420 -23.70 -4.96 15.94
CA LEU D 420 -24.81 -5.76 16.44
C LEU D 420 -24.33 -7.10 16.98
N GLU D 421 -23.57 -7.85 16.17
CA GLU D 421 -23.16 -9.18 16.60
C GLU D 421 -22.22 -9.13 17.80
N LEU D 422 -21.47 -8.04 17.96
CA LEU D 422 -20.61 -7.91 19.12
C LEU D 422 -21.44 -7.73 20.40
N ARG D 423 -22.55 -6.98 20.31
CA ARG D 423 -23.40 -6.79 21.48
C ARG D 423 -24.14 -8.08 21.83
N ILE D 424 -24.51 -8.86 20.82
CA ILE D 424 -25.14 -10.16 21.07
C ILE D 424 -24.15 -11.09 21.75
N LEU D 425 -22.86 -10.96 21.43
CA LEU D 425 -21.85 -11.79 22.07
C LEU D 425 -21.66 -11.38 23.53
N ALA D 426 -21.75 -10.09 23.82
CA ALA D 426 -21.63 -9.63 25.20
C ALA D 426 -22.84 -10.01 26.03
N HIS D 427 -24.03 -10.03 25.41
CA HIS D 427 -25.25 -10.41 26.13
C HIS D 427 -25.18 -11.85 26.61
N LEU D 428 -24.43 -12.70 25.92
CA LEU D 428 -24.33 -14.12 26.26
C LEU D 428 -23.03 -14.45 26.99
N SER D 429 -21.90 -13.94 26.52
CA SER D 429 -20.61 -14.28 27.12
C SER D 429 -20.37 -13.53 28.44
N HIS D 430 -21.00 -12.36 28.61
CA HIS D 430 -20.79 -11.52 29.78
C HIS D 430 -19.32 -11.14 29.95
N ASP D 431 -18.62 -10.98 28.83
CA ASP D 431 -17.21 -10.58 28.85
C ASP D 431 -17.13 -9.09 29.19
N ARG D 432 -16.55 -8.79 30.36
CA ARG D 432 -16.51 -7.41 30.84
C ARG D 432 -15.68 -6.52 29.92
N ARG D 433 -14.57 -7.06 29.40
CA ARG D 433 -13.74 -6.27 28.48
C ARG D 433 -14.47 -5.99 27.18
N LEU D 434 -15.27 -6.94 26.71
CA LEU D 434 -16.08 -6.69 25.52
C LEU D 434 -17.10 -5.60 25.77
N ILE D 435 -17.67 -5.55 26.98
CA ILE D 435 -18.58 -4.47 27.33
C ILE D 435 -17.81 -3.15 27.42
N GLN D 436 -16.55 -3.19 27.85
CA GLN D 436 -15.73 -2.00 27.83
C GLN D 436 -15.41 -1.57 26.40
N VAL D 437 -15.25 -2.54 25.50
CA VAL D 437 -15.04 -2.22 24.09
C VAL D 437 -16.30 -1.61 23.49
N LEU D 438 -17.47 -2.17 23.83
CA LEU D 438 -18.73 -1.60 23.35
C LEU D 438 -18.95 -0.20 23.92
N ASN D 439 -18.54 0.03 25.15
CA ASN D 439 -18.58 1.36 25.74
C ASN D 439 -17.37 2.16 25.23
N THR D 440 -17.14 3.32 25.83
CA THR D 440 -16.01 4.20 25.49
C THR D 440 -16.10 4.76 24.07
N GLY D 441 -17.00 4.20 23.25
CA GLY D 441 -17.24 4.73 21.91
C GLY D 441 -16.03 4.74 21.01
N ALA D 442 -15.23 3.68 21.03
CA ALA D 442 -14.05 3.56 20.18
C ALA D 442 -14.29 2.49 19.13
N ASP D 443 -13.88 2.77 17.89
CA ASP D 443 -14.03 1.81 16.81
C ASP D 443 -13.14 0.60 17.08
N VAL D 444 -13.76 -0.56 17.18
CA VAL D 444 -13.01 -1.79 17.50
C VAL D 444 -11.98 -2.06 16.41
N PHE D 445 -12.38 -1.96 15.15
CA PHE D 445 -11.49 -2.27 14.05
C PHE D 445 -10.33 -1.29 13.97
N ARG D 446 -10.60 0.00 14.21
CA ARG D 446 -9.51 0.97 14.28
C ARG D 446 -8.60 0.68 15.47
N SER D 447 -9.16 0.18 16.58
CA SER D 447 -8.34 -0.22 17.71
C SER D 447 -7.48 -1.42 17.38
N ILE D 448 -8.04 -2.40 16.67
CA ILE D 448 -7.28 -3.58 16.28
C ILE D 448 -6.22 -3.21 15.25
N ALA D 449 -6.57 -2.34 14.30
CA ALA D 449 -5.60 -1.88 13.31
C ALA D 449 -4.53 -1.01 13.95
N ALA D 450 -4.88 -0.27 15.01
CA ALA D 450 -3.88 0.57 15.68
C ALA D 450 -2.85 -0.28 16.40
N GLU D 451 -3.29 -1.32 17.11
CA GLU D 451 -2.37 -2.17 17.84
C GLU D 451 -1.50 -3.00 16.89
N TRP D 452 -2.05 -3.42 15.76
CA TRP D 452 -1.28 -4.21 14.81
C TRP D 452 -0.28 -3.35 14.05
N LYS D 453 -0.75 -2.26 13.45
CA LYS D 453 0.12 -1.40 12.64
C LYS D 453 0.93 -0.42 13.48
N MET D 454 0.66 -0.31 14.78
CA MET D 454 1.37 0.61 15.68
C MET D 454 1.19 2.07 15.25
N ILE D 455 0.02 2.38 14.69
CA ILE D 455 -0.31 3.72 14.24
C ILE D 455 -1.47 4.23 15.09
N GLU D 456 -1.64 5.56 15.12
CA GLU D 456 -2.74 6.15 15.83
C GLU D 456 -4.08 5.69 15.22
N PRO D 457 -5.12 5.53 16.04
CA PRO D 457 -6.37 4.98 15.51
C PRO D 457 -7.05 5.89 14.49
N GLU D 458 -6.83 7.20 14.57
CA GLU D 458 -7.44 8.11 13.60
C GLU D 458 -6.84 7.99 12.22
N SER D 459 -5.66 7.37 12.10
CA SER D 459 -4.99 7.22 10.82
C SER D 459 -5.44 6.00 10.04
N VAL D 460 -6.28 5.15 10.63
CA VAL D 460 -6.70 3.93 9.96
C VAL D 460 -7.59 4.27 8.78
N GLY D 461 -7.24 3.76 7.59
CA GLY D 461 -8.05 3.98 6.41
C GLY D 461 -9.17 2.97 6.29
N ASP D 462 -10.05 3.22 5.31
CA ASP D 462 -11.19 2.34 5.11
C ASP D 462 -10.76 0.94 4.71
N ASP D 463 -9.71 0.83 3.90
CA ASP D 463 -9.21 -0.49 3.53
C ASP D 463 -8.54 -1.18 4.70
N LEU D 464 -7.77 -0.43 5.50
CA LEU D 464 -7.15 -1.01 6.69
C LEU D 464 -8.20 -1.37 7.73
N ARG D 465 -9.24 -0.55 7.87
CA ARG D 465 -10.32 -0.85 8.79
C ARG D 465 -11.09 -2.08 8.32
N GLN D 466 -11.31 -2.21 7.02
CA GLN D 466 -11.99 -3.39 6.49
C GLN D 466 -11.14 -4.64 6.69
N GLN D 467 -9.82 -4.51 6.65
CA GLN D 467 -8.95 -5.63 6.96
C GLN D 467 -9.08 -6.04 8.42
N ALA D 468 -9.07 -5.06 9.33
CA ALA D 468 -9.27 -5.35 10.74
C ALA D 468 -10.64 -5.93 11.03
N LYS D 469 -11.62 -5.68 10.16
CA LYS D 469 -12.94 -6.26 10.33
C LYS D 469 -12.90 -7.77 10.07
N GLN D 470 -12.16 -8.19 9.04
CA GLN D 470 -11.98 -9.62 8.80
C GLN D 470 -11.20 -10.27 9.93
N ILE D 471 -10.15 -9.60 10.41
CA ILE D 471 -9.33 -10.14 11.49
C ILE D 471 -10.16 -10.31 12.75
N CYS D 472 -11.00 -9.32 13.07
CA CYS D 472 -11.78 -9.37 14.30
C CYS D 472 -12.76 -10.53 14.28
N TYR D 473 -13.66 -10.54 13.29
CA TYR D 473 -14.63 -11.62 13.19
C TYR D 473 -13.96 -12.95 12.90
N GLY D 474 -12.86 -12.95 12.15
CA GLY D 474 -12.15 -14.19 11.91
C GLY D 474 -11.60 -14.80 13.18
N ILE D 475 -10.88 -14.00 13.98
CA ILE D 475 -10.32 -14.50 15.23
C ILE D 475 -11.42 -14.90 16.20
N ILE D 476 -12.51 -14.12 16.24
CA ILE D 476 -13.61 -14.41 17.15
C ILE D 476 -14.27 -15.73 16.80
N TYR D 477 -14.53 -15.96 15.51
CA TYR D 477 -15.21 -17.17 15.06
C TYR D 477 -14.25 -18.31 14.78
N GLY D 478 -12.99 -18.20 15.18
CA GLY D 478 -12.07 -19.32 15.13
C GLY D 478 -11.24 -19.43 13.86
N MET D 479 -10.50 -18.39 13.52
CA MET D 479 -9.58 -18.44 12.39
C MET D 479 -8.23 -18.95 12.87
N GLY D 480 -7.65 -19.88 12.11
CA GLY D 480 -6.36 -20.42 12.47
C GLY D 480 -5.24 -19.43 12.29
N ALA D 481 -4.12 -19.71 12.96
CA ALA D 481 -2.97 -18.82 12.90
C ALA D 481 -2.38 -18.76 11.50
N LYS D 482 -2.41 -19.89 10.77
CA LYS D 482 -1.88 -19.91 9.42
C LYS D 482 -2.65 -18.95 8.52
N SER D 483 -3.99 -19.02 8.57
CA SER D 483 -4.80 -18.09 7.77
C SER D 483 -4.69 -16.67 8.31
N LEU D 484 -4.56 -16.51 9.63
CA LEU D 484 -4.36 -15.18 10.19
C LEU D 484 -3.03 -14.59 9.75
N GLY D 485 -2.00 -15.45 9.62
CA GLY D 485 -0.73 -14.98 9.13
C GLY D 485 -0.81 -14.48 7.70
N GLU D 486 -1.49 -15.23 6.83
CA GLU D 486 -1.70 -14.78 5.47
C GLU D 486 -2.53 -13.50 5.44
N GLN D 487 -3.44 -13.33 6.40
CA GLN D 487 -4.24 -12.12 6.46
C GLN D 487 -3.38 -10.92 6.86
N MET D 488 -2.62 -11.05 7.94
CA MET D 488 -1.81 -9.96 8.47
C MET D 488 -0.44 -9.85 7.83
N GLY D 489 -0.02 -10.85 7.05
CA GLY D 489 1.30 -10.85 6.46
C GLY D 489 2.40 -11.39 7.36
N ILE D 490 2.09 -11.74 8.60
CA ILE D 490 3.08 -12.25 9.55
C ILE D 490 3.19 -13.77 9.38
N LYS D 491 4.09 -14.38 10.14
CA LYS D 491 4.24 -15.82 10.11
C LYS D 491 3.18 -16.49 10.99
N GLU D 492 3.09 -17.82 10.87
CA GLU D 492 2.12 -18.57 11.66
C GLU D 492 2.41 -18.44 13.16
N ASN D 493 3.69 -18.54 13.54
CA ASN D 493 4.05 -18.38 14.94
C ASN D 493 3.78 -16.96 15.41
N ASP D 494 4.02 -15.96 14.56
CA ASP D 494 3.71 -14.58 14.90
C ASP D 494 2.20 -14.37 15.03
N ALA D 495 1.42 -15.06 14.20
CA ALA D 495 -0.03 -14.92 14.27
C ALA D 495 -0.60 -15.58 15.51
N ALA D 496 0.00 -16.70 15.95
CA ALA D 496 -0.51 -17.39 17.13
C ALA D 496 -0.41 -16.51 18.38
N CYS D 497 0.53 -15.56 18.40
CA CYS D 497 0.63 -14.63 19.51
C CYS D 497 -0.63 -13.79 19.63
N TYR D 498 -1.12 -13.25 18.51
CA TYR D 498 -2.33 -12.45 18.52
C TYR D 498 -3.53 -13.29 18.94
N ILE D 499 -3.61 -14.54 18.47
CA ILE D 499 -4.71 -15.41 18.86
C ILE D 499 -4.60 -15.75 20.35
N ASP D 500 -3.39 -16.09 20.81
CA ASP D 500 -3.20 -16.38 22.22
C ASP D 500 -3.44 -15.14 23.08
N SER D 501 -3.17 -13.95 22.53
CA SER D 501 -3.43 -12.72 23.28
C SER D 501 -4.93 -12.44 23.37
N PHE D 502 -5.67 -12.73 22.30
CA PHE D 502 -7.11 -12.48 22.31
C PHE D 502 -7.80 -13.36 23.34
N LYS D 503 -7.39 -14.63 23.45
CA LYS D 503 -8.01 -15.53 24.41
C LYS D 503 -7.69 -15.11 25.85
N SER D 504 -6.47 -14.63 26.09
CA SER D 504 -6.11 -14.17 27.42
C SER D 504 -6.86 -12.89 27.78
N ARG D 505 -6.98 -11.96 26.83
CA ARG D 505 -7.66 -10.70 27.10
C ARG D 505 -9.16 -10.89 27.28
N TYR D 506 -9.76 -11.79 26.50
CA TYR D 506 -11.21 -11.99 26.49
C TYR D 506 -11.50 -13.44 26.89
N THR D 507 -11.37 -13.72 28.19
CA THR D 507 -11.62 -15.07 28.67
C THR D 507 -13.10 -15.42 28.65
N GLY D 508 -13.97 -14.43 28.77
CA GLY D 508 -15.40 -14.71 28.75
C GLY D 508 -15.90 -15.15 27.39
N ILE D 509 -15.32 -14.57 26.33
CA ILE D 509 -15.69 -14.97 24.98
C ILE D 509 -15.33 -16.43 24.73
N ASN D 510 -14.07 -16.79 25.03
CA ASN D 510 -13.63 -18.16 24.85
C ASN D 510 -14.42 -19.13 25.70
N GLN D 511 -14.87 -18.70 26.89
CA GLN D 511 -15.69 -19.56 27.73
C GLN D 511 -17.03 -19.86 27.08
N PHE D 512 -17.65 -18.85 26.46
CA PHE D 512 -18.91 -19.09 25.74
C PHE D 512 -18.67 -20.03 24.57
N MET D 513 -17.51 -19.94 23.92
CA MET D 513 -17.21 -20.84 22.82
C MET D 513 -17.05 -22.28 23.30
N THR D 514 -16.36 -22.48 24.43
CA THR D 514 -16.17 -23.83 24.94
C THR D 514 -17.49 -24.42 25.42
N GLU D 515 -18.33 -23.63 26.09
CA GLU D 515 -19.62 -24.13 26.56
C GLU D 515 -20.57 -24.40 25.40
N THR D 516 -20.53 -23.55 24.37
CA THR D 516 -21.41 -23.72 23.22
C THR D 516 -21.15 -25.06 22.53
N VAL D 517 -19.87 -25.37 22.28
CA VAL D 517 -19.53 -26.63 21.63
C VAL D 517 -19.92 -27.82 22.52
N LYS D 518 -19.77 -27.65 23.83
CA LYS D 518 -20.16 -28.71 24.76
C LYS D 518 -21.66 -28.96 24.70
N ASN D 519 -22.45 -27.88 24.72
CA ASN D 519 -23.90 -28.04 24.64
C ASN D 519 -24.31 -28.56 23.27
N CYS D 520 -23.64 -28.13 22.20
CA CYS D 520 -23.99 -28.60 20.87
C CYS D 520 -23.66 -30.08 20.69
N LYS D 521 -22.55 -30.53 21.28
CA LYS D 521 -22.25 -31.96 21.29
C LYS D 521 -23.33 -32.72 22.04
N ARG D 522 -23.92 -32.12 23.07
CA ARG D 522 -24.95 -32.77 23.87
C ARG D 522 -26.30 -32.73 23.17
N ASP D 523 -26.72 -31.54 22.72
CA ASP D 523 -28.06 -31.40 22.14
C ASP D 523 -28.09 -31.79 20.66
N GLY D 524 -27.00 -31.58 19.93
CA GLY D 524 -27.00 -31.74 18.50
C GLY D 524 -27.42 -30.51 17.73
N PHE D 525 -27.88 -29.46 18.42
CA PHE D 525 -28.34 -28.24 17.78
C PHE D 525 -27.96 -27.05 18.65
N VAL D 526 -27.86 -25.89 18.00
CA VAL D 526 -27.75 -24.62 18.70
C VAL D 526 -29.03 -23.84 18.47
N GLN D 527 -29.27 -22.85 19.33
CA GLN D 527 -30.49 -22.07 19.27
C GLN D 527 -30.17 -20.58 19.23
N THR D 528 -30.91 -19.86 18.39
CA THR D 528 -30.80 -18.41 18.35
C THR D 528 -31.48 -17.80 19.57
N ILE D 529 -31.54 -16.47 19.60
CA ILE D 529 -32.16 -15.80 20.74
C ILE D 529 -33.66 -16.08 20.78
N LEU D 530 -34.28 -16.27 19.62
CA LEU D 530 -35.71 -16.55 19.53
C LEU D 530 -36.03 -18.04 19.56
N GLY D 531 -35.04 -18.89 19.75
CA GLY D 531 -35.28 -20.32 19.86
C GLY D 531 -35.18 -21.10 18.57
N ARG D 532 -34.82 -20.47 17.46
CA ARG D 532 -34.66 -21.19 16.21
C ARG D 532 -33.47 -22.14 16.32
N ARG D 533 -33.68 -23.40 15.93
CA ARG D 533 -32.67 -24.43 16.05
C ARG D 533 -32.02 -24.70 14.71
N ARG D 534 -30.68 -24.79 14.71
CA ARG D 534 -29.93 -25.24 13.55
C ARG D 534 -29.26 -26.56 13.90
N TYR D 535 -29.54 -27.60 13.12
CA TYR D 535 -29.05 -28.94 13.38
C TYR D 535 -27.68 -29.11 12.72
N LEU D 536 -26.66 -29.30 13.55
CA LEU D 536 -25.27 -29.45 13.09
C LEU D 536 -24.77 -30.81 13.56
N PRO D 537 -24.98 -31.87 12.79
CA PRO D 537 -24.52 -33.19 13.21
C PRO D 537 -23.01 -33.37 13.11
N GLY D 538 -22.32 -32.54 12.36
CA GLY D 538 -20.87 -32.65 12.23
C GLY D 538 -20.11 -32.37 13.50
N ILE D 539 -20.80 -31.93 14.56
CA ILE D 539 -20.14 -31.66 15.84
C ILE D 539 -19.60 -32.93 16.47
N LYS D 540 -20.12 -34.09 16.06
CA LYS D 540 -19.67 -35.38 16.56
C LYS D 540 -18.96 -36.21 15.48
N ASP D 541 -18.63 -35.60 14.34
CA ASP D 541 -18.02 -36.34 13.25
C ASP D 541 -16.56 -36.67 13.57
N ASN D 542 -16.10 -37.81 13.03
CA ASN D 542 -14.73 -38.24 13.26
C ASN D 542 -13.73 -37.42 12.48
N ASN D 543 -14.13 -36.91 11.31
CA ASN D 543 -13.22 -36.13 10.48
C ASN D 543 -12.82 -34.85 11.22
N PRO D 544 -11.53 -34.54 11.32
CA PRO D 544 -11.13 -33.34 12.07
C PRO D 544 -11.54 -32.04 11.39
N TYR D 545 -11.64 -32.01 10.06
CA TYR D 545 -12.08 -30.80 9.38
C TYR D 545 -13.57 -30.58 9.56
N ARG D 546 -14.38 -31.62 9.34
CA ARG D 546 -15.83 -31.47 9.48
C ARG D 546 -16.22 -31.17 10.93
N LYS D 547 -15.49 -31.74 11.89
CA LYS D 547 -15.80 -31.45 13.29
C LYS D 547 -15.49 -30.00 13.64
N ALA D 548 -14.32 -29.51 13.22
CA ALA D 548 -13.98 -28.11 13.48
C ALA D 548 -14.89 -27.17 12.71
N HIS D 549 -15.35 -27.58 11.52
CA HIS D 549 -16.27 -26.75 10.76
C HIS D 549 -17.60 -26.59 11.51
N ALA D 550 -18.08 -27.68 12.11
CA ALA D 550 -19.32 -27.60 12.89
C ALA D 550 -19.12 -26.84 14.19
N GLU D 551 -17.93 -26.94 14.79
CA GLU D 551 -17.65 -26.18 16.01
C GLU D 551 -17.74 -24.68 15.76
N ARG D 552 -17.15 -24.23 14.65
CA ARG D 552 -17.25 -22.82 14.29
C ARG D 552 -18.67 -22.46 13.85
N GLN D 553 -19.35 -23.39 13.17
CA GLN D 553 -20.72 -23.13 12.75
C GLN D 553 -21.64 -22.95 13.95
N ALA D 554 -21.43 -23.73 15.01
CA ALA D 554 -22.30 -23.64 16.18
C ALA D 554 -22.17 -22.29 16.86
N ILE D 555 -20.94 -21.77 16.98
CA ILE D 555 -20.74 -20.49 17.64
C ILE D 555 -21.30 -19.35 16.80
N ASN D 556 -21.10 -19.42 15.48
CA ASN D 556 -21.54 -18.34 14.61
C ASN D 556 -23.05 -18.31 14.45
N THR D 557 -23.67 -19.49 14.31
CA THR D 557 -25.12 -19.54 14.11
C THR D 557 -25.87 -18.92 15.29
N ILE D 558 -25.35 -19.07 16.51
CA ILE D 558 -26.02 -18.51 17.68
C ILE D 558 -26.05 -16.98 17.58
N VAL D 559 -24.92 -16.36 17.26
CA VAL D 559 -24.84 -14.90 17.23
C VAL D 559 -25.46 -14.35 15.96
N GLN D 560 -25.00 -14.83 14.81
CA GLN D 560 -25.50 -14.31 13.53
C GLN D 560 -26.99 -14.59 13.37
N GLY D 561 -27.44 -15.80 13.73
CA GLY D 561 -28.85 -16.10 13.66
C GLY D 561 -29.69 -15.20 14.56
N SER D 562 -29.16 -14.84 15.72
CA SER D 562 -29.85 -13.93 16.61
C SER D 562 -29.90 -12.52 16.03
N ALA D 563 -28.88 -12.11 15.27
CA ALA D 563 -28.89 -10.80 14.65
C ALA D 563 -29.98 -10.71 13.59
N ALA D 564 -30.14 -11.75 12.78
CA ALA D 564 -31.19 -11.75 11.77
C ALA D 564 -32.57 -11.67 12.42
N ASP D 565 -32.73 -12.29 13.59
CA ASP D 565 -34.00 -12.21 14.30
C ASP D 565 -34.30 -10.79 14.74
N ILE D 566 -33.29 -10.09 15.26
CA ILE D 566 -33.49 -8.71 15.70
C ILE D 566 -33.83 -7.81 14.51
N VAL D 567 -33.17 -8.02 13.37
CA VAL D 567 -33.47 -7.23 12.19
C VAL D 567 -34.87 -7.54 11.68
N LYS D 568 -35.26 -8.83 11.70
CA LYS D 568 -36.61 -9.20 11.29
C LYS D 568 -37.65 -8.62 12.24
N ILE D 569 -37.39 -8.69 13.55
CA ILE D 569 -38.33 -8.12 14.53
C ILE D 569 -38.49 -6.63 14.28
N ALA D 570 -37.38 -5.92 14.07
CA ALA D 570 -37.44 -4.49 13.80
C ALA D 570 -38.16 -4.20 12.49
N THR D 571 -37.91 -5.03 11.47
CA THR D 571 -38.57 -4.83 10.18
C THR D 571 -40.08 -4.97 10.31
N VAL D 572 -40.54 -5.92 11.12
CA VAL D 572 -41.97 -6.13 11.30
C VAL D 572 -42.57 -5.01 12.13
N ASN D 573 -41.89 -4.59 13.20
CA ASN D 573 -42.43 -3.55 14.07
C ASN D 573 -42.46 -2.20 13.38
N ILE D 574 -41.46 -1.91 12.54
CA ILE D 574 -41.45 -0.66 11.79
C ILE D 574 -42.62 -0.60 10.83
N GLN D 575 -42.88 -1.72 10.13
CA GLN D 575 -43.94 -1.74 9.12
C GLN D 575 -45.31 -1.49 9.74
N LYS D 576 -45.52 -1.93 10.98
CA LYS D 576 -46.80 -1.67 11.63
C LYS D 576 -47.00 -0.18 11.88
N GLN D 577 -45.97 0.51 12.36
CA GLN D 577 -46.09 1.94 12.60
C GLN D 577 -46.21 2.72 11.29
N LEU D 578 -45.58 2.23 10.22
CA LEU D 578 -45.70 2.90 8.93
C LEU D 578 -47.12 2.83 8.40
N GLU D 579 -47.79 1.69 8.56
CA GLU D 579 -49.18 1.57 8.17
C GLU D 579 -50.12 2.32 9.10
N THR D 580 -49.64 2.73 10.28
CA THR D 580 -50.42 3.64 11.12
C THR D 580 -50.43 5.04 10.55
N PHE D 581 -49.36 5.44 9.86
CA PHE D 581 -49.30 6.74 9.21
C PHE D 581 -50.36 6.90 8.13
N HIS D 582 -51.04 5.82 7.75
CA HIS D 582 -52.17 5.87 6.81
C HIS D 582 -51.73 6.38 5.44
N SER D 583 -50.51 6.02 5.03
CA SER D 583 -50.11 6.24 3.65
C SER D 583 -51.04 5.46 2.72
N THR D 584 -51.62 6.16 1.74
CA THR D 584 -52.69 5.58 0.93
C THR D 584 -52.27 4.29 0.24
N PHE D 585 -50.98 4.10 0.00
CA PHE D 585 -50.47 2.90 -0.65
C PHE D 585 -49.37 2.30 0.21
N LYS D 586 -49.61 1.09 0.72
CA LYS D 586 -48.59 0.40 1.53
C LYS D 586 -47.35 0.11 0.71
N SER D 587 -47.50 -0.10 -0.60
CA SER D 587 -46.39 -0.38 -1.49
C SER D 587 -46.66 0.28 -2.83
N HIS D 588 -45.59 0.46 -3.61
CA HIS D 588 -45.75 0.93 -4.98
C HIS D 588 -46.53 -0.06 -5.83
N GLY D 589 -46.57 -1.33 -5.43
CA GLY D 589 -47.41 -2.29 -6.12
C GLY D 589 -48.88 -2.07 -5.86
N HIS D 590 -49.23 -1.62 -4.65
CA HIS D 590 -50.62 -1.27 -4.36
C HIS D 590 -51.09 -0.10 -5.23
N ARG D 591 -50.18 0.84 -5.50
CA ARG D 591 -50.50 1.97 -6.37
C ARG D 591 -50.83 1.51 -7.78
N GLU D 592 -50.19 0.45 -8.26
CA GLU D 592 -50.43 -0.03 -9.61
C GLU D 592 -51.74 -0.80 -9.71
N GLY D 593 -51.87 -1.88 -8.95
CA GLY D 593 -53.06 -2.71 -9.05
C GLY D 593 -54.32 -2.00 -8.56
N MET D 594 -54.20 -1.22 -7.50
CA MET D 594 -55.35 -0.51 -6.95
C MET D 594 -55.28 0.99 -7.28
N CYS D 605 -51.61 11.42 -7.89
CA CYS D 605 -51.44 11.26 -6.45
C CYS D 605 -49.97 11.25 -6.06
N PRO D 606 -49.57 12.19 -5.20
CA PRO D 606 -48.19 12.22 -4.73
C PRO D 606 -47.86 10.97 -3.92
N ILE D 607 -46.55 10.70 -3.80
CA ILE D 607 -46.04 9.53 -3.10
C ILE D 607 -45.65 9.95 -1.69
N ARG D 608 -46.22 9.28 -0.69
CA ARG D 608 -45.98 9.61 0.70
C ARG D 608 -45.72 8.34 1.50
N GLY D 609 -44.88 8.45 2.51
CA GLY D 609 -44.58 7.35 3.41
C GLY D 609 -43.19 6.78 3.15
N GLY D 610 -42.88 5.73 3.92
CA GLY D 610 -41.63 5.01 3.80
C GLY D 610 -41.86 3.65 3.16
N PHE D 611 -40.89 3.21 2.36
CA PHE D 611 -41.02 1.98 1.57
C PHE D 611 -39.77 1.13 1.72
N PHE D 612 -39.94 -0.08 2.23
CA PHE D 612 -38.83 -1.02 2.40
C PHE D 612 -38.26 -1.39 1.04
N ILE D 613 -36.95 -1.21 0.87
CA ILE D 613 -36.33 -1.42 -0.43
C ILE D 613 -35.21 -2.45 -0.35
N LEU D 614 -34.50 -2.51 0.77
CA LEU D 614 -33.34 -3.39 0.86
C LEU D 614 -32.97 -3.62 2.32
N GLN D 615 -32.50 -4.84 2.60
CA GLN D 615 -31.93 -5.20 3.89
C GLN D 615 -30.48 -5.61 3.70
N LEU D 616 -29.59 -5.06 4.52
CA LEU D 616 -28.16 -5.36 4.43
C LEU D 616 -27.64 -6.06 5.68
N HIS D 617 -28.37 -7.07 6.16
CA HIS D 617 -27.95 -7.89 7.30
C HIS D 617 -27.87 -7.07 8.58
N ASP D 618 -27.16 -5.94 8.56
CA ASP D 618 -27.15 -5.01 9.69
C ASP D 618 -27.83 -3.69 9.39
N GLU D 619 -28.01 -3.33 8.12
CA GLU D 619 -28.68 -2.11 7.71
C GLU D 619 -30.08 -2.42 7.19
N LEU D 620 -30.96 -1.43 7.27
CA LEU D 620 -32.27 -1.48 6.64
C LEU D 620 -32.45 -0.20 5.81
N LEU D 621 -32.59 -0.35 4.50
CA LEU D 621 -32.77 0.78 3.61
C LEU D 621 -34.25 1.02 3.38
N TYR D 622 -34.66 2.28 3.52
CA TYR D 622 -36.04 2.69 3.27
C TYR D 622 -36.07 3.83 2.27
N GLU D 623 -37.16 3.90 1.52
CA GLU D 623 -37.39 4.94 0.52
C GLU D 623 -38.54 5.81 1.03
N VAL D 624 -38.21 6.98 1.55
CA VAL D 624 -39.15 7.83 2.26
C VAL D 624 -39.29 9.17 1.54
N ALA D 625 -40.51 9.69 1.49
CA ALA D 625 -40.76 11.01 0.92
C ALA D 625 -40.20 12.10 1.83
N GLU D 626 -39.95 13.27 1.23
CA GLU D 626 -39.27 14.35 1.95
C GLU D 626 -40.10 14.82 3.14
N GLU D 627 -41.41 14.94 2.97
CA GLU D 627 -42.27 15.40 4.06
C GLU D 627 -42.30 14.43 5.24
N ASP D 628 -42.01 13.16 5.00
CA ASP D 628 -42.14 12.12 6.02
C ASP D 628 -40.78 11.61 6.50
N VAL D 629 -39.70 12.34 6.22
CA VAL D 629 -38.37 11.87 6.60
C VAL D 629 -38.22 11.84 8.12
N VAL D 630 -38.62 12.93 8.79
CA VAL D 630 -38.43 13.02 10.23
C VAL D 630 -39.24 11.95 10.95
N GLN D 631 -40.49 11.74 10.52
CA GLN D 631 -41.35 10.79 11.20
C GLN D 631 -40.85 9.35 11.01
N VAL D 632 -40.47 9.00 9.78
CA VAL D 632 -39.98 7.64 9.52
C VAL D 632 -38.69 7.39 10.27
N ALA D 633 -37.79 8.38 10.28
CA ALA D 633 -36.51 8.20 10.97
C ALA D 633 -36.71 7.95 12.46
N GLN D 634 -37.70 8.62 13.07
CA GLN D 634 -37.97 8.41 14.48
C GLN D 634 -38.56 7.03 14.72
N ILE D 635 -39.43 6.58 13.83
CA ILE D 635 -40.01 5.24 13.96
C ILE D 635 -38.94 4.16 13.81
N VAL D 636 -38.07 4.32 12.82
CA VAL D 636 -37.06 3.29 12.55
C VAL D 636 -36.12 3.14 13.74
N LYS D 637 -35.56 4.26 14.23
CA LYS D 637 -34.62 4.19 15.32
C LYS D 637 -35.27 3.67 16.60
N ASN D 638 -36.50 4.10 16.87
CA ASN D 638 -37.18 3.69 18.10
C ASN D 638 -37.50 2.20 18.08
N GLU D 639 -38.14 1.72 17.02
CA GLU D 639 -38.52 0.31 16.96
C GLU D 639 -37.30 -0.60 16.87
N MET D 640 -36.24 -0.15 16.21
CA MET D 640 -35.02 -0.96 16.14
C MET D 640 -34.40 -1.14 17.52
N GLU D 641 -34.29 -0.05 18.28
CA GLU D 641 -33.69 -0.13 19.60
C GLU D 641 -34.58 -0.87 20.59
N SER D 642 -35.89 -0.85 20.37
CA SER D 642 -36.85 -1.53 21.23
C SER D 642 -37.29 -2.88 20.66
N ALA D 643 -36.61 -3.37 19.62
CA ALA D 643 -36.98 -4.65 19.02
C ALA D 643 -36.80 -5.80 20.00
N VAL D 644 -35.63 -5.85 20.66
CA VAL D 644 -35.35 -6.85 21.67
C VAL D 644 -34.64 -6.17 22.83
N LYS D 645 -34.93 -6.63 24.05
CA LYS D 645 -34.30 -6.10 25.26
C LYS D 645 -33.07 -6.95 25.59
N LEU D 646 -31.90 -6.33 25.52
CA LEU D 646 -30.65 -7.01 25.82
C LEU D 646 -29.94 -6.29 26.97
N SER D 647 -28.96 -6.98 27.57
CA SER D 647 -28.19 -6.40 28.66
C SER D 647 -27.49 -5.12 28.21
N VAL D 648 -26.80 -5.18 27.08
CA VAL D 648 -26.21 -3.99 26.47
C VAL D 648 -27.26 -3.32 25.60
N LYS D 649 -27.24 -2.00 25.57
CA LYS D 649 -28.20 -1.26 24.77
C LYS D 649 -27.88 -1.41 23.28
N LEU D 650 -28.94 -1.45 22.48
CA LEU D 650 -28.80 -1.56 21.02
C LEU D 650 -28.71 -0.16 20.44
N LYS D 651 -27.55 0.19 19.90
CA LYS D 651 -27.33 1.51 19.31
C LYS D 651 -27.58 1.46 17.81
N VAL D 652 -28.28 2.48 17.31
CA VAL D 652 -28.63 2.59 15.89
C VAL D 652 -28.17 3.94 15.38
N LYS D 653 -27.66 3.96 14.14
CA LYS D 653 -27.29 5.19 13.45
C LYS D 653 -28.12 5.30 12.18
N VAL D 654 -28.78 6.44 12.00
CA VAL D 654 -29.63 6.70 10.84
C VAL D 654 -28.91 7.69 9.93
N LYS D 655 -28.80 7.35 8.65
CA LYS D 655 -28.20 8.22 7.65
C LYS D 655 -29.17 8.35 6.48
N ILE D 656 -29.36 9.58 6.00
CA ILE D 656 -30.20 9.83 4.85
C ILE D 656 -29.37 10.50 3.76
N GLY D 657 -29.84 10.38 2.53
CA GLY D 657 -29.14 10.97 1.40
C GLY D 657 -29.95 10.79 0.13
N ALA D 658 -29.46 11.41 -0.94
CA ALA D 658 -30.14 11.39 -2.23
C ALA D 658 -29.85 10.10 -3.02
N SER D 659 -29.07 9.19 -2.47
CA SER D 659 -28.81 7.90 -3.09
C SER D 659 -28.18 6.98 -2.04
N TRP D 660 -28.09 5.70 -2.39
CA TRP D 660 -27.40 4.73 -1.54
C TRP D 660 -25.92 5.04 -1.40
N GLY D 661 -25.33 5.73 -2.37
CA GLY D 661 -23.92 6.05 -2.34
C GLY D 661 -23.57 7.29 -1.55
N GLU D 662 -24.44 8.30 -1.57
CA GLU D 662 -24.21 9.57 -0.87
C GLU D 662 -25.16 9.64 0.31
N LEU D 663 -24.69 9.20 1.48
CA LEU D 663 -25.46 9.19 2.71
C LEU D 663 -24.72 9.96 3.79
N LYS D 664 -25.43 10.84 4.48
CA LYS D 664 -24.88 11.61 5.58
C LYS D 664 -25.69 11.34 6.85
N ASP D 665 -25.06 11.55 8.00
CA ASP D 665 -25.71 11.28 9.28
C ASP D 665 -26.95 12.15 9.45
N PHE D 666 -27.83 11.71 10.34
CA PHE D 666 -29.12 12.36 10.54
C PHE D 666 -29.41 12.44 12.04
N ASP D 667 -30.49 13.14 12.37
CA ASP D 667 -30.91 13.31 13.76
C ASP D 667 -31.24 11.97 14.42
#